data_8VUG
#
_entry.id   8VUG
#
_cell.length_a   143.805
_cell.length_b   154.925
_cell.length_c   88.32
_cell.angle_alpha   90
_cell.angle_beta   90
_cell.angle_gamma   90
#
_symmetry.space_group_name_H-M   'P 21 21 2'
#
loop_
_entity.id
_entity.type
_entity.pdbx_description
1 polymer 'Tryptophan 2,3-dioxygenase'
2 non-polymer 'PROTOPORPHYRIN IX CONTAINING FE'
3 non-polymer alpha-methyl-L-tryptophan
4 non-polymer (5P)-5-(1H-indol-3-yl)-1-[(piperidin-4-yl)methyl]-1H-benzotriazole
5 water water
#
_entity_poly.entity_id   1
_entity_poly.type   'polypeptide(L)'
_entity_poly.pdbx_seq_one_letter_code
;MLPVEGSEEDKSQTGVNRASKGGLIYGNYLHLEKVLNAQELQSETKGNKIHDEHLFIITHQAYELWFKQILWELDSVREI
FQNGHVRDERNMLKVVSRMHRVSVILKLLVQQFSILETMTALDFNDFREYLSPASGFQSLQFRLLENKIGVLQNMRVPYN
RRHYRDNFKGEENELLLKSEQEKTLLELVEAWLERTPGLEPHGFNFWGKLEKNITRGLEEEFIRIQAKEESEEKEEQVAE
FQKQKEVLLSLFDEKRHEHLLSKGERRLSYRALQGALMIYFYREEPRFQVPFQLLTSLMDIDSLMTKWRYNHVCMVHRML
GSKAGTGGSSGYHYLRSTVSDRYKVFVDLFNLSTYLIPRHWIPKMNPTIHKFLEHHHHHH
;
_entity_poly.pdbx_strand_id   A,B,C,D
#
# COMPACT_ATOMS: atom_id res chain seq x y z
N GLY A 23 -8.39 30.42 23.33
CA GLY A 23 -7.28 30.22 22.38
C GLY A 23 -7.73 29.40 21.16
N LEU A 24 -6.75 28.76 20.53
CA LEU A 24 -6.93 28.13 19.23
C LEU A 24 -7.64 26.79 19.38
N ILE A 25 -8.65 26.53 18.54
CA ILE A 25 -9.40 25.29 18.52
C ILE A 25 -9.15 24.59 17.18
N TYR A 26 -9.12 23.25 17.20
CA TYR A 26 -8.80 22.42 16.04
C TYR A 26 -9.57 22.86 14.79
N GLY A 27 -10.89 22.86 14.86
CA GLY A 27 -11.74 23.17 13.72
C GLY A 27 -11.46 24.56 13.13
N ASN A 28 -11.15 25.54 14.01
CA ASN A 28 -10.85 26.88 13.56
C ASN A 28 -9.47 26.93 12.91
N TYR A 29 -8.49 26.26 13.54
CA TYR A 29 -7.14 26.24 13.04
C TYR A 29 -7.13 25.67 11.63
N LEU A 30 -7.89 24.59 11.40
CA LEU A 30 -7.94 23.93 10.11
C LEU A 30 -8.99 24.53 9.17
N HIS A 31 -9.68 25.59 9.60
CA HIS A 31 -10.72 26.22 8.80
C HIS A 31 -11.71 25.18 8.27
N LEU A 32 -12.15 24.28 9.15
CA LEU A 32 -13.11 23.25 8.80
C LEU A 32 -14.48 23.84 8.45
N GLU A 33 -14.75 25.08 8.85
CA GLU A 33 -15.97 25.75 8.45
C GLU A 33 -15.97 25.98 6.93
N LYS A 34 -14.79 25.98 6.30
CA LYS A 34 -14.70 26.02 4.85
C LYS A 34 -14.66 24.61 4.25
N VAL A 35 -13.74 23.77 4.75
CA VAL A 35 -13.44 22.48 4.15
C VAL A 35 -14.67 21.58 4.19
N LEU A 36 -15.40 21.60 5.33
CA LEU A 36 -16.50 20.67 5.54
C LEU A 36 -17.86 21.31 5.24
N ASN A 37 -17.85 22.49 4.62
CA ASN A 37 -19.05 23.07 4.03
C ASN A 37 -18.86 23.35 2.55
N ALA A 38 -18.21 22.41 1.84
CA ALA A 38 -17.86 22.58 0.43
C ALA A 38 -18.41 21.42 -0.40
N GLN A 39 -19.35 20.68 0.19
CA GLN A 39 -19.88 19.48 -0.43
C GLN A 39 -21.33 19.73 -0.84
N GLU A 40 -21.55 19.99 -2.12
CA GLU A 40 -22.89 20.18 -2.65
C GLU A 40 -23.13 19.24 -3.82
N LEU A 41 -24.04 18.29 -3.64
CA LEU A 41 -24.40 17.35 -4.69
C LEU A 41 -25.32 18.02 -5.70
N GLN A 42 -24.88 18.09 -6.96
CA GLN A 42 -25.71 18.62 -8.03
C GLN A 42 -26.95 17.76 -8.21
N SER A 43 -26.82 16.44 -7.99
CA SER A 43 -27.98 15.56 -8.03
C SER A 43 -29.07 16.06 -7.08
N GLU A 44 -28.66 16.47 -5.88
CA GLU A 44 -29.57 16.95 -4.85
C GLU A 44 -30.08 18.35 -5.18
N THR A 45 -29.19 19.23 -5.64
CA THR A 45 -29.59 20.57 -6.07
C THR A 45 -30.68 20.51 -7.14
N LYS A 46 -30.70 19.44 -7.94
CA LYS A 46 -31.67 19.31 -9.02
C LYS A 46 -32.78 18.31 -8.67
N GLY A 47 -32.95 18.02 -7.37
CA GLY A 47 -34.12 17.31 -6.88
C GLY A 47 -34.03 15.80 -7.06
N ASN A 48 -32.83 15.21 -7.07
CA ASN A 48 -32.67 13.78 -7.31
C ASN A 48 -31.33 13.28 -6.76
N LYS A 49 -31.17 13.38 -5.44
CA LYS A 49 -29.94 13.07 -4.74
C LYS A 49 -29.47 11.65 -5.05
N ILE A 50 -28.20 11.51 -5.45
CA ILE A 50 -27.59 10.22 -5.71
C ILE A 50 -26.45 10.06 -4.72
N HIS A 51 -26.51 9.00 -3.93
CA HIS A 51 -25.64 8.76 -2.78
C HIS A 51 -24.17 8.84 -3.18
N ASP A 52 -23.78 8.18 -4.27
CA ASP A 52 -22.35 8.06 -4.59
C ASP A 52 -21.76 9.37 -5.10
N GLU A 53 -22.59 10.36 -5.42
CA GLU A 53 -22.03 11.65 -5.85
C GLU A 53 -21.16 12.23 -4.75
N HIS A 54 -21.50 11.97 -3.48
CA HIS A 54 -20.75 12.53 -2.35
C HIS A 54 -19.31 12.03 -2.42
N LEU A 55 -19.13 10.73 -2.69
CA LEU A 55 -17.80 10.14 -2.81
C LEU A 55 -17.00 10.82 -3.92
N PHE A 56 -17.67 11.12 -5.05
CA PHE A 56 -17.02 11.72 -6.20
C PHE A 56 -16.45 13.08 -5.81
N ILE A 57 -17.24 13.87 -5.06
CA ILE A 57 -16.83 15.19 -4.63
C ILE A 57 -15.64 15.09 -3.68
N ILE A 58 -15.75 14.24 -2.64
CA ILE A 58 -14.72 14.18 -1.62
C ILE A 58 -13.41 13.71 -2.25
N THR A 59 -13.46 12.68 -3.09
CA THR A 59 -12.26 12.15 -3.69
C THR A 59 -11.50 13.26 -4.41
N HIS A 60 -12.21 14.08 -5.22
CA HIS A 60 -11.56 15.14 -5.96
C HIS A 60 -11.02 16.19 -5.01
N GLN A 61 -11.76 16.51 -3.95
CA GLN A 61 -11.30 17.55 -3.02
C GLN A 61 -10.03 17.09 -2.32
N ALA A 62 -9.93 15.79 -2.02
CA ALA A 62 -8.73 15.26 -1.38
C ALA A 62 -7.54 15.32 -2.34
N TYR A 63 -7.74 14.90 -3.61
CA TYR A 63 -6.72 15.09 -4.65
C TYR A 63 -6.24 16.55 -4.69
N GLU A 64 -7.18 17.52 -4.69
CA GLU A 64 -6.84 18.92 -4.79
C GLU A 64 -6.05 19.43 -3.56
N LEU A 65 -6.42 19.00 -2.34
CA LEU A 65 -5.63 19.34 -1.18
C LEU A 65 -4.19 18.87 -1.37
N TRP A 66 -4.01 17.63 -1.81
CA TRP A 66 -2.66 17.09 -1.94
C TRP A 66 -1.90 17.75 -3.10
N PHE A 67 -2.60 18.15 -4.17
CA PHE A 67 -1.97 18.90 -5.24
C PHE A 67 -1.46 20.23 -4.69
N LYS A 68 -2.23 20.86 -3.83
CA LYS A 68 -1.79 22.09 -3.19
C LYS A 68 -0.50 21.85 -2.40
N GLN A 69 -0.44 20.72 -1.68
CA GLN A 69 0.73 20.41 -0.88
C GLN A 69 1.94 20.18 -1.78
N ILE A 70 1.74 19.44 -2.87
CA ILE A 70 2.81 19.18 -3.82
C ILE A 70 3.32 20.51 -4.39
N LEU A 71 2.42 21.41 -4.76
CA LEU A 71 2.81 22.71 -5.28
C LEU A 71 3.62 23.49 -4.25
N TRP A 72 3.21 23.39 -2.98
CA TRP A 72 3.91 24.10 -1.92
C TRP A 72 5.35 23.57 -1.77
N GLU A 73 5.54 22.26 -1.82
CA GLU A 73 6.88 21.69 -1.69
C GLU A 73 7.71 22.08 -2.92
N LEU A 74 7.13 21.89 -4.11
CA LEU A 74 7.80 22.12 -5.38
C LEU A 74 8.21 23.58 -5.54
N ASP A 75 7.31 24.51 -5.23
CA ASP A 75 7.64 25.92 -5.24
C ASP A 75 8.79 26.23 -4.28
N SER A 76 8.81 25.61 -3.09
CA SER A 76 9.84 25.93 -2.11
C SER A 76 11.20 25.46 -2.66
N VAL A 77 11.20 24.34 -3.37
CA VAL A 77 12.43 23.80 -3.91
C VAL A 77 12.88 24.61 -5.13
N ARG A 78 11.95 24.97 -6.02
CA ARG A 78 12.27 25.87 -7.12
C ARG A 78 12.97 27.13 -6.59
N GLU A 79 12.41 27.71 -5.52
CA GLU A 79 12.96 28.92 -4.95
C GLU A 79 14.37 28.71 -4.40
N ILE A 80 14.65 27.58 -3.78
CA ILE A 80 15.98 27.26 -3.26
C ILE A 80 16.99 27.24 -4.41
N PHE A 81 16.61 26.67 -5.55
CA PHE A 81 17.47 26.68 -6.73
C PHE A 81 17.58 28.10 -7.28
N GLN A 82 16.42 28.75 -7.48
CA GLN A 82 16.36 29.99 -8.24
C GLN A 82 17.05 31.14 -7.50
N ASN A 83 17.07 31.09 -6.16
CA ASN A 83 17.62 32.20 -5.38
C ASN A 83 19.05 31.91 -4.96
N GLY A 84 19.64 30.80 -5.40
CA GLY A 84 21.05 30.53 -5.15
C GLY A 84 21.32 29.73 -3.87
N HIS A 85 20.29 29.48 -3.05
CA HIS A 85 20.48 28.78 -1.78
C HIS A 85 21.07 27.38 -1.99
N VAL A 86 20.73 26.73 -3.10
CA VAL A 86 21.21 25.37 -3.39
C VAL A 86 22.73 25.35 -3.51
N ARG A 87 23.36 26.50 -3.73
CA ARG A 87 24.81 26.54 -3.89
C ARG A 87 25.49 26.13 -2.59
N ASP A 88 24.85 26.43 -1.47
CA ASP A 88 25.30 26.00 -0.17
C ASP A 88 24.75 24.59 0.07
N GLU A 89 25.65 23.60 0.08
CA GLU A 89 25.33 22.19 0.04
C GLU A 89 24.67 21.74 1.35
N ARG A 90 24.70 22.60 2.36
CA ARG A 90 23.96 22.41 3.58
C ARG A 90 22.48 22.26 3.30
N ASN A 91 22.01 22.82 2.18
CA ASN A 91 20.58 22.82 1.89
C ASN A 91 20.14 21.58 1.12
N MET A 92 21.06 20.66 0.82
CA MET A 92 20.71 19.50 -0.02
C MET A 92 19.78 18.53 0.71
N LEU A 93 19.91 18.42 2.04
CA LEU A 93 19.10 17.49 2.81
C LEU A 93 17.62 17.90 2.70
N LYS A 94 17.36 19.18 2.92
CA LYS A 94 16.02 19.74 2.79
C LYS A 94 15.48 19.55 1.38
N VAL A 95 16.32 19.77 0.37
CA VAL A 95 15.87 19.62 -1.01
C VAL A 95 15.39 18.18 -1.24
N VAL A 96 16.24 17.21 -0.89
CA VAL A 96 15.94 15.82 -1.14
C VAL A 96 14.77 15.37 -0.27
N SER A 97 14.70 15.88 0.95
CA SER A 97 13.63 15.49 1.85
C SER A 97 12.29 15.98 1.31
N ARG A 98 12.24 17.19 0.74
CA ARG A 98 10.99 17.68 0.19
C ARG A 98 10.62 16.96 -1.11
N MET A 99 11.59 16.62 -1.96
CA MET A 99 11.26 15.91 -3.19
C MET A 99 10.82 14.49 -2.89
N HIS A 100 11.45 13.87 -1.89
CA HIS A 100 11.01 12.58 -1.40
C HIS A 100 9.58 12.64 -0.88
N ARG A 101 9.28 13.71 -0.15
CA ARG A 101 7.92 13.93 0.37
C ARG A 101 6.92 14.02 -0.79
N VAL A 102 7.28 14.71 -1.88
CA VAL A 102 6.39 14.77 -3.03
C VAL A 102 6.11 13.36 -3.55
N SER A 103 7.13 12.51 -3.62
CA SER A 103 6.88 11.17 -4.15
C SER A 103 6.06 10.32 -3.16
N VAL A 104 6.19 10.54 -1.84
CA VAL A 104 5.36 9.85 -0.86
C VAL A 104 3.90 10.27 -1.03
N ILE A 105 3.62 11.55 -1.25
CA ILE A 105 2.24 11.99 -1.49
C ILE A 105 1.73 11.38 -2.79
N LEU A 106 2.54 11.38 -3.85
CA LEU A 106 2.08 10.88 -5.14
C LEU A 106 1.71 9.40 -5.01
N LYS A 107 2.46 8.64 -4.22
CA LYS A 107 2.14 7.23 -4.02
C LYS A 107 0.77 7.10 -3.35
N LEU A 108 0.50 7.94 -2.35
CA LEU A 108 -0.82 7.92 -1.74
C LEU A 108 -1.90 8.25 -2.77
N LEU A 109 -1.63 9.23 -3.65
CA LEU A 109 -2.61 9.63 -4.66
C LEU A 109 -2.90 8.51 -5.66
N VAL A 110 -1.90 7.68 -5.96
CA VAL A 110 -2.10 6.52 -6.80
C VAL A 110 -3.00 5.52 -6.10
N GLN A 111 -2.75 5.28 -4.80
CA GLN A 111 -3.54 4.34 -4.03
C GLN A 111 -4.96 4.84 -3.90
N GLN A 112 -5.15 6.14 -3.85
CA GLN A 112 -6.46 6.74 -3.64
C GLN A 112 -7.49 6.39 -4.72
N PHE A 113 -7.05 6.01 -5.92
CA PHE A 113 -7.98 5.56 -6.95
C PHE A 113 -8.76 4.34 -6.46
N SER A 114 -8.16 3.50 -5.60
CA SER A 114 -8.85 2.34 -5.04
C SER A 114 -10.17 2.73 -4.37
N ILE A 115 -10.28 3.94 -3.84
CA ILE A 115 -11.52 4.34 -3.21
C ILE A 115 -12.62 4.57 -4.25
N LEU A 116 -12.27 5.26 -5.33
CA LEU A 116 -13.24 5.60 -6.34
C LEU A 116 -13.61 4.34 -7.13
N GLU A 117 -12.75 3.35 -7.13
CA GLU A 117 -13.08 2.06 -7.74
C GLU A 117 -14.19 1.33 -6.98
N THR A 118 -14.57 1.78 -5.78
CA THR A 118 -15.72 1.18 -5.08
C THR A 118 -17.03 1.76 -5.61
N MET A 119 -16.96 2.75 -6.51
CA MET A 119 -18.14 3.24 -7.22
C MET A 119 -18.32 2.47 -8.53
N THR A 120 -19.46 1.82 -8.72
CA THR A 120 -19.69 1.12 -9.98
C THR A 120 -20.01 2.12 -11.10
N ALA A 121 -19.83 1.66 -12.33
CA ALA A 121 -20.15 2.45 -13.52
C ALA A 121 -21.64 2.75 -13.54
N LEU A 122 -22.45 1.76 -13.19
CA LEU A 122 -23.89 1.93 -13.11
C LEU A 122 -24.29 3.07 -12.15
N ASP A 123 -23.63 3.17 -11.00
CA ASP A 123 -23.97 4.18 -10.01
C ASP A 123 -23.46 5.56 -10.44
N PHE A 124 -22.27 5.60 -11.07
CA PHE A 124 -21.73 6.83 -11.62
C PHE A 124 -22.71 7.40 -12.65
N ASN A 125 -23.27 6.50 -13.47
CA ASN A 125 -24.18 6.85 -14.53
C ASN A 125 -25.46 7.51 -14.01
N ASP A 126 -25.78 7.37 -12.71
CA ASP A 126 -26.98 7.99 -12.18
C ASP A 126 -26.80 9.47 -11.88
N PHE A 127 -25.56 9.98 -11.79
CA PHE A 127 -25.44 11.40 -11.52
C PHE A 127 -24.53 12.11 -12.54
N ARG A 128 -23.97 11.35 -13.49
CA ARG A 128 -22.98 11.89 -14.42
C ARG A 128 -23.56 13.09 -15.18
N GLU A 129 -24.84 13.03 -15.53
CA GLU A 129 -25.49 14.04 -16.34
C GLU A 129 -25.49 15.40 -15.64
N TYR A 130 -25.55 15.41 -14.30
CA TYR A 130 -25.64 16.65 -13.55
C TYR A 130 -24.30 17.37 -13.48
N LEU A 131 -23.23 16.74 -13.98
CA LEU A 131 -21.90 17.29 -13.87
C LEU A 131 -21.54 18.11 -15.12
N SER A 132 -22.16 17.74 -16.24
CA SER A 132 -21.81 18.29 -17.53
C SER A 132 -21.93 19.82 -17.50
N PRO A 133 -20.98 20.58 -18.08
CA PRO A 133 -19.84 20.02 -18.82
C PRO A 133 -18.52 20.10 -18.06
N ALA A 134 -18.55 20.03 -16.72
CA ALA A 134 -17.34 20.12 -15.92
C ALA A 134 -16.49 18.87 -16.09
N SER A 135 -15.17 19.01 -15.85
CA SER A 135 -14.24 17.91 -16.05
C SER A 135 -12.98 18.18 -15.26
N GLY A 136 -12.29 17.09 -14.90
CA GLY A 136 -10.99 17.15 -14.25
C GLY A 136 -9.96 17.91 -15.08
N PHE A 137 -10.19 17.96 -16.41
CA PHE A 137 -9.36 18.69 -17.35
C PHE A 137 -9.17 20.13 -16.86
N GLN A 138 -10.19 20.63 -16.15
CA GLN A 138 -10.19 22.00 -15.69
C GLN A 138 -9.52 22.17 -14.33
N SER A 139 -8.79 21.16 -13.83
CA SER A 139 -8.02 21.32 -12.61
C SER A 139 -6.85 22.29 -12.86
N LEU A 140 -6.98 23.50 -12.30
CA LEU A 140 -5.93 24.50 -12.33
C LEU A 140 -4.64 23.92 -11.76
N GLN A 141 -4.75 23.26 -10.60
CA GLN A 141 -3.57 22.85 -9.86
C GLN A 141 -2.82 21.76 -10.60
N PHE A 142 -3.53 20.85 -11.26
CA PHE A 142 -2.88 19.80 -11.99
C PHE A 142 -2.03 20.41 -13.10
N ARG A 143 -2.56 21.42 -13.78
CA ARG A 143 -1.83 22.09 -14.84
C ARG A 143 -0.63 22.82 -14.25
N LEU A 144 -0.84 23.52 -13.12
CA LEU A 144 0.24 24.25 -12.48
C LEU A 144 1.38 23.28 -12.15
N LEU A 145 1.02 22.08 -11.69
CA LEU A 145 1.99 21.08 -11.30
C LEU A 145 2.77 20.60 -12.51
N GLU A 146 2.07 20.29 -13.60
CA GLU A 146 2.73 19.86 -14.82
C GLU A 146 3.70 20.94 -15.31
N ASN A 147 3.25 22.18 -15.31
CA ASN A 147 4.06 23.28 -15.82
C ASN A 147 5.30 23.47 -14.95
N LYS A 148 5.11 23.48 -13.63
CA LYS A 148 6.19 23.83 -12.73
C LYS A 148 7.26 22.74 -12.71
N ILE A 149 6.87 21.48 -12.94
CA ILE A 149 7.86 20.41 -13.03
C ILE A 149 8.65 20.60 -14.33
N GLY A 150 7.95 20.87 -15.43
CA GLY A 150 8.62 21.28 -16.67
C GLY A 150 8.06 20.64 -17.93
N VAL A 151 6.78 20.29 -17.95
CA VAL A 151 6.18 19.83 -19.18
C VAL A 151 6.22 21.00 -20.17
N LEU A 152 6.81 20.77 -21.35
CA LEU A 152 6.94 21.82 -22.36
C LEU A 152 5.64 21.94 -23.14
N GLN A 153 5.21 23.19 -23.37
CA GLN A 153 3.90 23.44 -23.96
C GLN A 153 3.84 22.86 -25.37
N ASN A 154 4.93 22.99 -26.13
CA ASN A 154 4.98 22.50 -27.52
C ASN A 154 4.89 20.97 -27.58
N MET A 155 5.16 20.28 -26.45
CA MET A 155 5.22 18.84 -26.41
C MET A 155 3.90 18.22 -25.92
N ARG A 156 3.00 19.05 -25.36
CA ARG A 156 1.68 18.59 -25.00
C ARG A 156 0.92 18.04 -26.20
N VAL A 157 0.13 16.98 -25.98
CA VAL A 157 -0.80 16.50 -26.98
C VAL A 157 -2.07 17.33 -26.86
N PRO A 158 -2.56 17.93 -27.97
CA PRO A 158 -3.81 18.69 -27.94
C PRO A 158 -5.03 17.79 -27.75
N TYR A 159 -6.03 18.26 -27.00
CA TYR A 159 -7.29 17.57 -26.88
C TYR A 159 -8.34 18.35 -27.68
N ASN A 160 -9.04 17.67 -28.61
CA ASN A 160 -9.98 18.32 -29.51
C ASN A 160 -9.31 19.53 -30.19
N ARG A 161 -8.06 19.34 -30.64
CA ARG A 161 -7.32 20.36 -31.37
C ARG A 161 -7.38 21.70 -30.65
N ARG A 162 -7.01 21.74 -29.37
CA ARG A 162 -7.00 22.99 -28.63
C ARG A 162 -5.86 23.00 -27.62
N HIS A 163 -5.35 24.20 -27.27
CA HIS A 163 -4.39 24.34 -26.18
C HIS A 163 -5.11 24.12 -24.86
N TYR A 164 -4.44 23.53 -23.85
CA TYR A 164 -5.09 23.19 -22.60
C TYR A 164 -5.54 24.47 -21.87
N ARG A 165 -4.76 25.56 -22.01
CA ARG A 165 -4.99 26.79 -21.25
C ARG A 165 -6.18 27.59 -21.78
N ASP A 166 -6.61 27.30 -23.02
CA ASP A 166 -7.75 27.97 -23.66
C ASP A 166 -9.00 27.76 -22.82
N ASN A 167 -9.00 26.74 -21.97
CA ASN A 167 -10.11 26.39 -21.11
C ASN A 167 -10.18 27.30 -19.88
N PHE A 168 -9.16 28.14 -19.63
CA PHE A 168 -9.08 28.91 -18.41
C PHE A 168 -9.13 30.40 -18.75
N LYS A 169 -9.60 31.23 -17.80
CA LYS A 169 -9.81 32.66 -18.01
C LYS A 169 -9.48 33.46 -16.74
N GLY A 170 -9.30 34.77 -16.88
CA GLY A 170 -9.11 35.67 -15.74
C GLY A 170 -7.79 35.43 -15.01
N GLU A 171 -7.82 35.55 -13.67
CA GLU A 171 -6.65 35.33 -12.82
C GLU A 171 -6.10 33.91 -12.99
N GLU A 172 -7.00 32.93 -13.24
CA GLU A 172 -6.60 31.55 -13.43
C GLU A 172 -5.67 31.43 -14.65
N ASN A 173 -6.04 32.09 -15.74
CA ASN A 173 -5.23 32.08 -16.95
C ASN A 173 -3.90 32.77 -16.66
N GLU A 174 -3.94 33.83 -15.85
CA GLU A 174 -2.74 34.57 -15.45
C GLU A 174 -1.78 33.66 -14.68
N LEU A 175 -2.32 32.93 -13.70
CA LEU A 175 -1.53 32.01 -12.90
C LEU A 175 -0.86 30.98 -13.81
N LEU A 176 -1.64 30.41 -14.75
CA LEU A 176 -1.11 29.39 -15.63
C LEU A 176 0.01 29.96 -16.52
N LEU A 177 -0.12 31.21 -16.94
CA LEU A 177 0.89 31.85 -17.76
C LEU A 177 2.18 31.98 -16.96
N LYS A 178 2.10 32.49 -15.72
CA LYS A 178 3.25 32.57 -14.83
C LYS A 178 3.91 31.22 -14.72
N SER A 179 3.07 30.18 -14.52
CA SER A 179 3.56 28.83 -14.34
C SER A 179 4.38 28.38 -15.57
N GLU A 180 4.00 28.85 -16.76
CA GLU A 180 4.70 28.51 -17.99
C GLU A 180 5.95 29.36 -18.17
N GLN A 181 5.90 30.63 -17.74
CA GLN A 181 6.98 31.58 -18.04
C GLN A 181 8.11 31.50 -17.02
N GLU A 182 7.77 31.28 -15.76
CA GLU A 182 8.77 31.16 -14.72
C GLU A 182 9.59 29.90 -14.92
N LYS A 183 10.78 29.88 -14.31
CA LYS A 183 11.70 28.77 -14.43
C LYS A 183 11.10 27.51 -13.85
N THR A 184 11.18 26.42 -14.62
CA THR A 184 10.62 25.15 -14.20
C THR A 184 11.68 24.42 -13.38
N LEU A 185 11.27 23.36 -12.68
CA LEU A 185 12.19 22.53 -11.93
C LEU A 185 13.24 21.94 -12.88
N LEU A 186 12.83 21.50 -14.07
CA LEU A 186 13.74 21.02 -15.11
C LEU A 186 14.83 22.04 -15.41
N GLU A 187 14.46 23.31 -15.67
CA GLU A 187 15.44 24.33 -16.01
C GLU A 187 16.39 24.59 -14.83
N LEU A 188 15.84 24.57 -13.61
CA LEU A 188 16.63 24.91 -12.44
C LEU A 188 17.62 23.77 -12.13
N VAL A 189 17.17 22.52 -12.27
CA VAL A 189 18.05 21.38 -12.09
C VAL A 189 19.10 21.36 -13.19
N GLU A 190 18.71 21.66 -14.43
CA GLU A 190 19.65 21.76 -15.55
C GLU A 190 20.82 22.69 -15.21
N ALA A 191 20.51 23.92 -14.81
CA ALA A 191 21.55 24.90 -14.49
C ALA A 191 22.47 24.35 -13.41
N TRP A 192 21.90 23.72 -12.37
CA TRP A 192 22.70 23.21 -11.27
C TRP A 192 23.56 22.05 -11.75
N LEU A 193 23.02 21.17 -12.61
CA LEU A 193 23.80 20.06 -13.15
C LEU A 193 24.99 20.55 -13.98
N GLU A 194 24.80 21.66 -14.69
CA GLU A 194 25.85 22.24 -15.52
C GLU A 194 27.03 22.67 -14.66
N ARG A 195 26.79 23.01 -13.38
CA ARG A 195 27.88 23.45 -12.51
C ARG A 195 28.48 22.28 -11.74
N THR A 196 28.12 21.03 -12.05
CA THR A 196 28.59 19.90 -11.28
C THR A 196 30.11 19.85 -11.25
N PRO A 197 30.76 19.75 -10.07
CA PRO A 197 32.22 19.66 -9.98
C PRO A 197 32.78 18.44 -10.67
N GLY A 198 33.96 18.58 -11.30
CA GLY A 198 34.60 17.46 -12.00
C GLY A 198 34.58 17.58 -13.54
N LEU A 199 33.74 18.46 -14.11
CA LEU A 199 33.64 18.59 -15.56
C LEU A 199 34.71 19.50 -16.13
N GLU A 200 35.39 20.27 -15.27
CA GLU A 200 36.35 21.25 -15.73
C GLU A 200 37.47 20.57 -16.52
N PRO A 201 37.72 20.96 -17.79
CA PRO A 201 38.86 20.44 -18.55
C PRO A 201 40.20 20.67 -17.87
N HIS A 202 40.31 21.81 -17.16
CA HIS A 202 41.53 22.15 -16.44
C HIS A 202 41.60 21.36 -15.12
N GLY A 203 40.51 20.68 -14.76
CA GLY A 203 40.39 19.98 -13.49
C GLY A 203 40.46 18.47 -13.68
N PHE A 204 39.44 17.77 -13.20
CA PHE A 204 39.38 16.32 -13.29
C PHE A 204 39.09 15.88 -14.72
N ASN A 205 38.49 16.77 -15.53
CA ASN A 205 38.32 16.55 -16.96
C ASN A 205 37.59 15.22 -17.21
N PHE A 206 36.38 15.12 -16.63
CA PHE A 206 35.60 13.88 -16.64
C PHE A 206 35.33 13.43 -18.08
N TRP A 207 34.79 14.33 -18.90
CA TRP A 207 34.34 13.96 -20.24
C TRP A 207 35.51 13.47 -21.09
N GLY A 208 36.63 14.18 -21.05
CA GLY A 208 37.82 13.79 -21.81
C GLY A 208 38.30 12.38 -21.42
N LYS A 209 38.40 12.15 -20.10
CA LYS A 209 38.90 10.89 -19.60
C LYS A 209 37.92 9.78 -19.94
N LEU A 210 36.62 10.09 -19.90
CA LEU A 210 35.58 9.09 -20.12
C LEU A 210 35.65 8.62 -21.57
N GLU A 211 35.72 9.58 -22.49
CA GLU A 211 35.83 9.25 -23.91
C GLU A 211 37.04 8.36 -24.16
N LYS A 212 38.19 8.77 -23.62
CA LYS A 212 39.42 8.01 -23.77
C LYS A 212 39.26 6.59 -23.22
N ASN A 213 38.70 6.46 -22.02
CA ASN A 213 38.63 5.15 -21.39
C ASN A 213 37.64 4.26 -22.14
N ILE A 214 36.54 4.84 -22.64
CA ILE A 214 35.56 4.06 -23.38
C ILE A 214 36.16 3.62 -24.71
N THR A 215 36.89 4.51 -25.39
CA THR A 215 37.55 4.14 -26.63
C THR A 215 38.49 2.96 -26.40
N ARG A 216 39.33 3.06 -25.36
CA ARG A 216 40.29 2.01 -25.06
C ARG A 216 39.55 0.72 -24.69
N GLY A 217 38.52 0.84 -23.85
CA GLY A 217 37.72 -0.31 -23.42
C GLY A 217 37.12 -1.07 -24.60
N LEU A 218 36.57 -0.32 -25.55
CA LEU A 218 36.03 -0.93 -26.75
C LEU A 218 37.14 -1.62 -27.53
N GLU A 219 38.29 -0.98 -27.67
CA GLU A 219 39.41 -1.59 -28.37
C GLU A 219 39.74 -2.94 -27.75
N GLU A 220 39.89 -2.96 -26.43
CA GLU A 220 40.23 -4.18 -25.69
C GLU A 220 39.19 -5.27 -25.95
N GLU A 221 37.90 -4.90 -25.92
CA GLU A 221 36.80 -5.84 -26.09
C GLU A 221 36.83 -6.41 -27.49
N PHE A 222 37.06 -5.54 -28.50
CA PHE A 222 37.16 -6.01 -29.87
C PHE A 222 38.21 -7.12 -29.95
N ILE A 223 39.38 -6.89 -29.34
CA ILE A 223 40.49 -7.83 -29.44
C ILE A 223 40.07 -9.16 -28.82
N ARG A 224 39.45 -9.10 -27.63
CA ARG A 224 38.98 -10.30 -26.95
C ARG A 224 38.07 -11.11 -27.86
N ILE A 225 37.09 -10.44 -28.49
CA ILE A 225 36.08 -11.16 -29.27
C ILE A 225 36.74 -11.74 -30.50
N GLN A 226 37.58 -10.94 -31.17
CA GLN A 226 38.22 -11.39 -32.41
C GLN A 226 39.07 -12.63 -32.15
N ALA A 227 39.59 -12.75 -30.91
CA ALA A 227 40.48 -13.85 -30.55
C ALA A 227 39.72 -15.17 -30.45
N LYS A 228 38.41 -15.09 -30.20
CA LYS A 228 37.59 -16.28 -30.01
C LYS A 228 37.55 -17.11 -31.28
N GLU A 229 37.33 -18.44 -31.11
CA GLU A 229 37.22 -19.35 -32.23
C GLU A 229 35.89 -19.13 -32.94
N GLU A 230 35.89 -19.25 -34.28
CA GLU A 230 34.71 -18.99 -35.09
C GLU A 230 33.54 -19.80 -34.52
N SER A 231 32.43 -19.13 -34.19
CA SER A 231 31.33 -19.77 -33.48
C SER A 231 30.10 -18.88 -33.54
N GLU A 232 28.92 -19.47 -33.31
CA GLU A 232 27.67 -18.74 -33.20
C GLU A 232 27.79 -17.70 -32.09
N GLU A 233 28.38 -18.12 -30.95
CA GLU A 233 28.59 -17.25 -29.81
C GLU A 233 29.38 -16.03 -30.25
N LYS A 234 30.48 -16.27 -30.98
CA LYS A 234 31.33 -15.19 -31.48
C LYS A 234 30.50 -14.23 -32.33
N GLU A 235 29.68 -14.79 -33.23
CA GLU A 235 28.88 -13.98 -34.15
C GLU A 235 28.00 -13.02 -33.35
N GLU A 236 27.35 -13.57 -32.31
CA GLU A 236 26.45 -12.81 -31.47
C GLU A 236 27.24 -11.71 -30.77
N GLN A 237 28.38 -12.09 -30.17
CA GLN A 237 29.20 -11.15 -29.44
C GLN A 237 29.66 -10.02 -30.37
N VAL A 238 30.00 -10.36 -31.62
CA VAL A 238 30.41 -9.36 -32.59
C VAL A 238 29.27 -8.36 -32.80
N ALA A 239 28.07 -8.89 -33.07
CA ALA A 239 26.90 -8.05 -33.32
C ALA A 239 26.62 -7.16 -32.10
N GLU A 240 26.60 -7.76 -30.92
CA GLU A 240 26.38 -7.02 -29.69
C GLU A 240 27.41 -5.88 -29.56
N PHE A 241 28.69 -6.23 -29.75
CA PHE A 241 29.77 -5.27 -29.64
C PHE A 241 29.48 -4.08 -30.55
N GLN A 242 29.01 -4.37 -31.76
CA GLN A 242 28.81 -3.31 -32.74
C GLN A 242 27.72 -2.36 -32.25
N LYS A 243 26.63 -2.91 -31.70
CA LYS A 243 25.57 -2.09 -31.14
C LYS A 243 26.10 -1.26 -29.98
N GLN A 244 26.76 -1.93 -29.05
CA GLN A 244 27.25 -1.25 -27.85
C GLN A 244 28.21 -0.15 -28.28
N LYS A 245 29.10 -0.44 -29.21
CA LYS A 245 30.08 0.54 -29.68
C LYS A 245 29.37 1.79 -30.19
N GLU A 246 28.39 1.60 -31.08
CA GLU A 246 27.63 2.70 -31.65
C GLU A 246 26.99 3.52 -30.53
N VAL A 247 26.33 2.83 -29.60
CA VAL A 247 25.63 3.51 -28.54
C VAL A 247 26.61 4.34 -27.72
N LEU A 248 27.69 3.72 -27.24
CA LEU A 248 28.59 4.38 -26.31
C LEU A 248 29.30 5.55 -27.00
N LEU A 249 29.68 5.39 -28.26
CA LEU A 249 30.41 6.44 -28.93
C LEU A 249 29.48 7.60 -29.24
N SER A 250 28.22 7.28 -29.54
CA SER A 250 27.19 8.29 -29.79
C SER A 250 27.10 9.30 -28.64
N LEU A 251 27.45 8.90 -27.42
CA LEU A 251 27.37 9.78 -26.26
C LEU A 251 28.22 11.04 -26.47
N PHE A 252 29.35 10.90 -27.19
CA PHE A 252 30.32 11.98 -27.34
C PHE A 252 30.02 12.86 -28.55
N ASP A 253 28.91 12.59 -29.25
CA ASP A 253 28.48 13.37 -30.40
C ASP A 253 27.52 14.48 -29.95
N GLU A 254 28.06 15.66 -29.71
CA GLU A 254 27.28 16.77 -29.21
C GLU A 254 26.24 17.21 -30.25
N LYS A 255 26.52 17.01 -31.54
CA LYS A 255 25.60 17.38 -32.60
C LYS A 255 24.37 16.47 -32.59
N ARG A 256 24.58 15.16 -32.41
CA ARG A 256 23.45 14.25 -32.24
C ARG A 256 22.58 14.68 -31.07
N HIS A 257 23.20 15.10 -29.97
CA HIS A 257 22.44 15.53 -28.81
C HIS A 257 21.54 16.72 -29.16
N GLU A 258 22.11 17.72 -29.85
CA GLU A 258 21.36 18.92 -30.23
C GLU A 258 20.16 18.54 -31.09
N HIS A 259 20.37 17.61 -32.02
CA HIS A 259 19.31 17.10 -32.87
C HIS A 259 18.20 16.46 -32.04
N LEU A 260 18.58 15.60 -31.09
CA LEU A 260 17.60 14.90 -30.29
C LEU A 260 16.87 15.88 -29.39
N LEU A 261 17.58 16.90 -28.90
CA LEU A 261 16.98 18.00 -28.15
C LEU A 261 15.91 18.67 -29.00
N SER A 262 16.23 18.89 -30.28
CA SER A 262 15.30 19.54 -31.21
C SER A 262 14.03 18.72 -31.35
N LYS A 263 14.13 17.39 -31.32
CA LYS A 263 13.00 16.52 -31.56
C LYS A 263 12.22 16.33 -30.27
N GLY A 264 12.82 16.73 -29.14
CA GLY A 264 12.20 16.54 -27.85
C GLY A 264 12.46 15.15 -27.27
N GLU A 265 13.33 14.35 -27.89
CA GLU A 265 13.67 13.06 -27.32
C GLU A 265 14.63 13.21 -26.14
N ARG A 266 15.32 14.35 -26.07
CA ARG A 266 16.07 14.72 -24.88
C ARG A 266 15.60 16.10 -24.44
N ARG A 267 15.89 16.45 -23.19
CA ARG A 267 15.40 17.69 -22.59
C ARG A 267 16.56 18.48 -21.98
N LEU A 268 17.56 17.79 -21.43
CA LEU A 268 18.67 18.44 -20.77
C LEU A 268 19.72 18.86 -21.78
N SER A 269 20.39 19.98 -21.47
CA SER A 269 21.59 20.39 -22.20
C SER A 269 22.66 19.30 -22.11
N TYR A 270 23.57 19.34 -23.08
CA TYR A 270 24.66 18.38 -23.15
C TYR A 270 25.47 18.44 -21.86
N ARG A 271 25.74 19.65 -21.39
CA ARG A 271 26.57 19.83 -20.24
C ARG A 271 25.87 19.30 -18.99
N ALA A 272 24.56 19.52 -18.87
CA ALA A 272 23.80 19.00 -17.74
C ALA A 272 23.84 17.47 -17.73
N LEU A 273 23.74 16.87 -18.92
CA LEU A 273 23.80 15.43 -19.04
C LEU A 273 25.15 14.92 -18.54
N GLN A 274 26.22 15.66 -18.83
CA GLN A 274 27.54 15.33 -18.33
C GLN A 274 27.57 15.37 -16.79
N GLY A 275 26.99 16.40 -16.22
CA GLY A 275 26.90 16.53 -14.78
C GLY A 275 26.15 15.35 -14.16
N ALA A 276 25.00 14.99 -14.74
CA ALA A 276 24.21 13.88 -14.23
C ALA A 276 25.01 12.58 -14.24
N LEU A 277 25.76 12.34 -15.32
CA LEU A 277 26.52 11.09 -15.41
C LEU A 277 27.69 11.10 -14.41
N MET A 278 28.27 12.28 -14.18
CA MET A 278 29.30 12.42 -13.17
C MET A 278 28.76 11.99 -11.80
N ILE A 279 27.58 12.51 -11.43
CA ILE A 279 26.95 12.16 -10.18
C ILE A 279 26.64 10.66 -10.13
N TYR A 280 26.17 10.08 -11.24
CA TYR A 280 25.81 8.67 -11.29
C TYR A 280 27.04 7.81 -11.01
N PHE A 281 28.14 8.12 -11.69
CA PHE A 281 29.30 7.26 -11.62
C PHE A 281 30.04 7.47 -10.30
N TYR A 282 30.01 8.68 -9.72
CA TYR A 282 30.75 8.96 -8.51
C TYR A 282 29.84 9.18 -7.30
N ARG A 283 28.67 8.53 -7.31
CA ARG A 283 27.62 8.71 -6.33
C ARG A 283 28.09 8.47 -4.89
N GLU A 284 29.04 7.55 -4.69
CA GLU A 284 29.49 7.21 -3.34
C GLU A 284 30.39 8.31 -2.76
N GLU A 285 30.99 9.14 -3.62
CA GLU A 285 31.83 10.23 -3.15
C GLU A 285 30.96 11.16 -2.31
N PRO A 286 31.42 11.59 -1.12
CA PRO A 286 30.54 12.27 -0.16
C PRO A 286 29.70 13.43 -0.68
N ARG A 287 30.32 14.30 -1.50
CA ARG A 287 29.60 15.44 -2.05
C ARG A 287 28.52 15.03 -3.04
N PHE A 288 28.56 13.80 -3.58
CA PHE A 288 27.59 13.37 -4.57
C PHE A 288 26.51 12.45 -4.01
N GLN A 289 26.61 12.07 -2.72
CA GLN A 289 25.69 11.09 -2.16
C GLN A 289 24.27 11.64 -2.17
N VAL A 290 24.08 12.83 -1.62
CA VAL A 290 22.75 13.40 -1.56
C VAL A 290 22.28 13.87 -2.95
N PRO A 291 23.13 14.53 -3.78
CA PRO A 291 22.82 14.75 -5.18
C PRO A 291 22.31 13.52 -5.94
N PHE A 292 22.93 12.37 -5.72
CA PHE A 292 22.45 11.15 -6.35
C PHE A 292 21.02 10.83 -5.89
N GLN A 293 20.75 11.02 -4.60
CA GLN A 293 19.42 10.77 -4.07
C GLN A 293 18.42 11.73 -4.73
N LEU A 294 18.83 12.97 -4.96
CA LEU A 294 17.96 13.93 -5.63
C LEU A 294 17.60 13.41 -7.04
N LEU A 295 18.59 12.92 -7.78
CA LEU A 295 18.36 12.47 -9.13
C LEU A 295 17.37 11.32 -9.12
N THR A 296 17.58 10.38 -8.18
CA THR A 296 16.71 9.23 -7.96
C THR A 296 15.29 9.72 -7.69
N SER A 297 15.15 10.75 -6.89
CA SER A 297 13.86 11.27 -6.51
C SER A 297 13.14 11.93 -7.69
N LEU A 298 13.89 12.64 -8.55
CA LEU A 298 13.28 13.25 -9.73
C LEU A 298 12.73 12.17 -10.64
N MET A 299 13.46 11.06 -10.82
CA MET A 299 12.95 9.95 -11.60
C MET A 299 11.69 9.38 -10.94
N ASP A 300 11.70 9.26 -9.61
CA ASP A 300 10.56 8.71 -8.87
C ASP A 300 9.30 9.53 -9.12
N ILE A 301 9.44 10.85 -9.12
CA ILE A 301 8.30 11.72 -9.32
C ILE A 301 7.73 11.53 -10.73
N ASP A 302 8.60 11.44 -11.72
CA ASP A 302 8.18 11.25 -13.09
C ASP A 302 7.45 9.91 -13.23
N SER A 303 7.99 8.86 -12.60
CA SER A 303 7.40 7.53 -12.69
C SER A 303 6.03 7.52 -12.01
N LEU A 304 5.91 8.19 -10.87
CA LEU A 304 4.65 8.22 -10.12
C LEU A 304 3.61 9.11 -10.79
N MET A 305 4.02 10.20 -11.44
CA MET A 305 3.11 11.03 -12.24
C MET A 305 2.54 10.19 -13.38
N THR A 306 3.39 9.39 -14.04
CA THR A 306 2.93 8.51 -15.11
C THR A 306 1.97 7.46 -14.54
N LYS A 307 2.27 6.94 -13.35
CA LYS A 307 1.41 5.95 -12.75
C LYS A 307 0.04 6.55 -12.39
N TRP A 308 0.05 7.79 -11.91
CA TRP A 308 -1.20 8.50 -11.70
C TRP A 308 -2.00 8.55 -12.99
N ARG A 309 -1.33 8.92 -14.11
CA ARG A 309 -2.03 9.12 -15.37
C ARG A 309 -2.60 7.78 -15.85
N TYR A 310 -1.84 6.71 -15.63
CA TYR A 310 -2.24 5.39 -16.07
C TYR A 310 -3.46 4.93 -15.27
N ASN A 311 -3.40 5.05 -13.93
CA ASN A 311 -4.53 4.63 -13.10
C ASN A 311 -5.76 5.47 -13.44
N HIS A 312 -5.58 6.75 -13.77
CA HIS A 312 -6.68 7.61 -14.15
C HIS A 312 -7.33 7.09 -15.43
N VAL A 313 -6.50 6.76 -16.43
CA VAL A 313 -6.98 6.20 -17.68
C VAL A 313 -7.82 4.94 -17.42
N CYS A 314 -7.29 3.98 -16.66
CA CYS A 314 -7.99 2.72 -16.43
C CYS A 314 -9.35 3.00 -15.82
N MET A 315 -9.44 4.02 -14.97
CA MET A 315 -10.71 4.29 -14.32
C MET A 315 -11.68 4.96 -15.27
N VAL A 316 -11.23 5.95 -16.05
CA VAL A 316 -12.09 6.55 -17.06
C VAL A 316 -12.69 5.46 -17.94
N HIS A 317 -11.88 4.46 -18.32
CA HIS A 317 -12.32 3.37 -19.17
C HIS A 317 -13.43 2.58 -18.50
N ARG A 318 -13.26 2.29 -17.20
CA ARG A 318 -14.16 1.44 -16.45
C ARG A 318 -15.50 2.14 -16.29
N MET A 319 -15.47 3.47 -16.22
CA MET A 319 -16.66 4.27 -15.96
C MET A 319 -17.39 4.64 -17.25
N LEU A 320 -16.67 5.00 -18.32
CA LEU A 320 -17.28 5.63 -19.49
C LEU A 320 -17.20 4.73 -20.72
N GLY A 321 -16.30 3.75 -20.73
CA GLY A 321 -16.05 2.94 -21.91
C GLY A 321 -14.91 3.51 -22.75
N SER A 322 -14.64 2.85 -23.87
CA SER A 322 -13.42 3.13 -24.63
C SER A 322 -13.61 4.30 -25.60
N LYS A 323 -14.83 4.81 -25.77
CA LYS A 323 -15.11 5.78 -26.83
C LYS A 323 -15.73 7.08 -26.29
N ALA A 324 -16.23 7.07 -25.04
CA ALA A 324 -16.81 8.26 -24.45
C ALA A 324 -15.72 9.33 -24.22
N GLY A 325 -16.14 10.60 -24.31
CA GLY A 325 -15.29 11.80 -24.19
C GLY A 325 -15.94 13.03 -24.83
N THR A 326 -15.29 14.20 -24.72
CA THR A 326 -15.80 15.45 -25.29
C THR A 326 -15.78 15.37 -26.81
N GLY A 328 -16.81 14.65 -30.00
CA GLY A 328 -16.61 13.21 -30.28
C GLY A 328 -15.14 12.78 -30.27
N SER A 329 -14.26 13.48 -29.53
CA SER A 329 -12.95 12.91 -29.21
C SER A 329 -13.09 11.90 -28.07
N SER A 330 -12.40 10.77 -28.17
CA SER A 330 -12.36 9.83 -27.06
C SER A 330 -11.40 10.34 -26.00
N GLY A 331 -11.96 10.68 -24.82
CA GLY A 331 -11.17 11.08 -23.67
C GLY A 331 -10.16 10.00 -23.35
N TYR A 332 -10.65 8.74 -23.35
CA TYR A 332 -9.83 7.56 -23.09
C TYR A 332 -8.55 7.60 -23.94
N HIS A 333 -8.69 7.82 -25.26
CA HIS A 333 -7.56 7.77 -26.18
C HIS A 333 -6.63 8.96 -26.00
N TYR A 334 -7.17 10.16 -25.72
CA TYR A 334 -6.33 11.32 -25.45
C TYR A 334 -5.48 11.06 -24.18
N LEU A 335 -6.14 10.52 -23.15
CA LEU A 335 -5.48 10.27 -21.88
C LEU A 335 -4.39 9.21 -22.05
N ARG A 336 -4.67 8.17 -22.84
CA ARG A 336 -3.72 7.10 -23.11
C ARG A 336 -2.47 7.70 -23.74
N SER A 337 -2.66 8.73 -24.57
CA SER A 337 -1.56 9.43 -25.23
C SER A 337 -0.69 10.20 -24.22
N THR A 338 -1.22 10.54 -23.03
CA THR A 338 -0.47 11.28 -22.04
C THR A 338 0.46 10.33 -21.28
N VAL A 339 0.21 9.02 -21.36
CA VAL A 339 1.01 8.03 -20.64
C VAL A 339 2.22 7.69 -21.53
N SER A 340 3.19 8.60 -21.59
CA SER A 340 4.21 8.57 -22.63
C SER A 340 5.41 9.37 -22.16
N ASP A 341 6.58 9.06 -22.73
CA ASP A 341 7.80 9.79 -22.41
C ASP A 341 7.65 11.27 -22.76
N ARG A 342 6.68 11.59 -23.61
CA ARG A 342 6.35 12.97 -23.92
C ARG A 342 6.09 13.80 -22.66
N TYR A 343 5.51 13.17 -21.64
CA TYR A 343 5.17 13.87 -20.40
C TYR A 343 6.14 13.53 -19.28
N LYS A 344 7.22 12.79 -19.58
CA LYS A 344 8.27 12.53 -18.59
C LYS A 344 9.37 13.58 -18.72
N VAL A 345 9.42 14.49 -17.76
CA VAL A 345 10.31 15.64 -17.83
C VAL A 345 11.77 15.23 -17.67
N PHE A 346 12.06 14.24 -16.80
CA PHE A 346 13.43 13.83 -16.53
C PHE A 346 13.75 12.51 -17.20
N VAL A 347 13.20 12.33 -18.41
CA VAL A 347 13.42 11.15 -19.21
C VAL A 347 14.92 10.93 -19.45
N ASP A 348 15.71 12.00 -19.51
CA ASP A 348 17.15 11.86 -19.70
C ASP A 348 17.79 11.11 -18.54
N LEU A 349 17.28 11.28 -17.33
CA LEU A 349 17.84 10.61 -16.16
C LEU A 349 17.61 9.11 -16.27
N PHE A 350 16.46 8.70 -16.79
CA PHE A 350 16.19 7.30 -17.02
C PHE A 350 17.13 6.74 -18.07
N ASN A 351 17.38 7.53 -19.13
CA ASN A 351 18.07 7.02 -20.30
C ASN A 351 19.58 6.93 -20.08
N LEU A 352 20.08 7.48 -18.98
CA LEU A 352 21.48 7.29 -18.63
C LEU A 352 21.86 5.82 -18.43
N SER A 353 20.89 4.95 -18.08
CA SER A 353 21.08 3.51 -18.04
C SER A 353 21.64 2.95 -19.35
N THR A 354 21.22 3.50 -20.49
CA THR A 354 21.75 3.09 -21.79
C THR A 354 23.29 3.19 -21.85
N TYR A 355 23.91 4.14 -21.11
CA TYR A 355 25.33 4.44 -21.26
C TYR A 355 26.18 3.90 -20.11
N LEU A 356 25.69 2.85 -19.41
CA LEU A 356 26.46 2.21 -18.36
C LEU A 356 27.61 1.40 -18.97
N ILE A 357 28.76 1.48 -18.31
CA ILE A 357 29.97 0.81 -18.73
C ILE A 357 30.48 -0.06 -17.59
N PRO A 358 31.40 -1.01 -17.83
CA PRO A 358 32.04 -1.70 -16.72
C PRO A 358 32.69 -0.68 -15.77
N ARG A 359 32.65 -0.99 -14.48
CA ARG A 359 33.13 -0.10 -13.43
C ARG A 359 34.58 0.27 -13.66
N HIS A 360 35.38 -0.69 -14.14
CA HIS A 360 36.82 -0.48 -14.30
C HIS A 360 37.11 0.49 -15.44
N TRP A 361 36.12 0.80 -16.28
CA TRP A 361 36.33 1.81 -17.32
C TRP A 361 36.12 3.20 -16.76
N ILE A 362 35.54 3.31 -15.57
CA ILE A 362 35.20 4.63 -15.05
C ILE A 362 36.48 5.34 -14.64
N PRO A 363 36.75 6.58 -15.11
CA PRO A 363 37.97 7.30 -14.75
C PRO A 363 38.15 7.25 -13.24
N LYS A 364 39.36 6.91 -12.83
CA LYS A 364 39.72 6.68 -11.44
C LYS A 364 39.68 8.03 -10.71
N MET A 365 39.25 8.00 -9.44
CA MET A 365 39.29 9.19 -8.60
C MET A 365 40.01 8.82 -7.31
N ASN A 366 41.35 8.75 -7.36
CA ASN A 366 42.13 8.37 -6.19
C ASN A 366 42.24 9.56 -5.26
N PRO A 367 42.51 9.37 -3.95
CA PRO A 367 42.75 10.46 -3.02
C PRO A 367 43.57 11.59 -3.62
N THR A 368 44.58 11.24 -4.43
CA THR A 368 45.35 12.22 -5.20
C THR A 368 44.44 13.33 -5.73
N ILE A 369 43.39 12.91 -6.45
CA ILE A 369 42.44 13.81 -7.08
C ILE A 369 41.15 13.81 -6.24
N HIS A 370 40.97 12.80 -5.39
CA HIS A 370 39.80 12.72 -4.51
C HIS A 370 40.00 13.67 -3.34
N LYS A 371 39.90 14.96 -3.64
CA LYS A 371 39.92 16.00 -2.62
C LYS A 371 38.71 16.92 -2.78
N PHE A 372 38.31 17.14 -4.04
CA PHE A 372 37.27 18.11 -4.39
C PHE A 372 35.89 17.52 -4.08
N LEU A 373 35.77 16.20 -3.94
CA LEU A 373 34.47 15.59 -3.63
C LEU A 373 34.30 15.18 -2.16
N GLU A 374 35.21 15.63 -1.28
CA GLU A 374 35.06 15.46 0.15
C GLU A 374 34.36 16.71 0.68
N HIS A 375 33.56 16.55 1.74
CA HIS A 375 32.76 17.63 2.31
C HIS A 375 33.62 18.72 2.96
N GLY B 23 -22.71 27.33 -17.41
CA GLY B 23 -22.28 25.93 -17.30
C GLY B 23 -21.46 25.69 -16.04
N LEU B 24 -21.51 24.46 -15.55
CA LEU B 24 -20.81 24.06 -14.34
C LEU B 24 -19.32 23.90 -14.62
N ILE B 25 -18.47 24.48 -13.77
CA ILE B 25 -17.02 24.39 -13.86
C ILE B 25 -16.51 23.58 -12.67
N TYR B 26 -15.43 22.81 -12.87
CA TYR B 26 -14.80 21.94 -11.89
C TYR B 26 -14.64 22.61 -10.53
N GLY B 27 -13.92 23.73 -10.51
CA GLY B 27 -13.59 24.40 -9.27
C GLY B 27 -14.84 24.88 -8.53
N ASN B 28 -15.88 25.31 -9.27
CA ASN B 28 -17.11 25.74 -8.64
C ASN B 28 -17.88 24.53 -8.08
N TYR B 29 -17.94 23.45 -8.87
CA TYR B 29 -18.68 22.26 -8.48
C TYR B 29 -18.09 21.73 -7.18
N LEU B 30 -16.75 21.73 -7.07
CA LEU B 30 -16.06 21.20 -5.90
C LEU B 30 -15.88 22.26 -4.82
N HIS B 31 -16.38 23.48 -5.04
CA HIS B 31 -16.25 24.58 -4.09
C HIS B 31 -14.80 24.73 -3.65
N LEU B 32 -13.89 24.72 -4.62
CA LEU B 32 -12.47 24.87 -4.36
C LEU B 32 -12.13 26.26 -3.83
N GLU B 33 -13.03 27.24 -4.00
CA GLU B 33 -12.83 28.56 -3.42
C GLU B 33 -12.87 28.45 -1.89
N LYS B 34 -13.50 27.40 -1.35
CA LYS B 34 -13.48 27.14 0.08
C LYS B 34 -12.30 26.23 0.44
N VAL B 35 -12.18 25.09 -0.23
CA VAL B 35 -11.25 24.04 0.12
C VAL B 35 -9.80 24.54 0.01
N LEU B 36 -9.51 25.33 -1.04
CA LEU B 36 -8.15 25.76 -1.31
C LEU B 36 -7.88 27.17 -0.78
N ASN B 37 -8.77 27.72 0.02
CA ASN B 37 -8.51 28.93 0.78
C ASN B 37 -8.77 28.70 2.26
N ALA B 38 -8.30 27.56 2.80
CA ALA B 38 -8.55 27.16 4.18
C ALA B 38 -7.25 26.84 4.90
N GLN B 39 -6.14 27.29 4.31
CA GLN B 39 -4.80 26.98 4.78
C GLN B 39 -4.17 28.24 5.33
N GLU B 40 -4.18 28.40 6.65
CA GLU B 40 -3.53 29.51 7.32
C GLU B 40 -2.52 28.99 8.34
N LEU B 41 -1.25 29.25 8.09
CA LEU B 41 -0.18 28.86 9.00
C LEU B 41 -0.13 29.85 10.17
N GLN B 42 -0.32 29.32 11.39
CA GLN B 42 -0.19 30.11 12.59
C GLN B 42 1.22 30.65 12.73
N SER B 43 2.22 29.87 12.28
CA SER B 43 3.60 30.32 12.30
C SER B 43 3.71 31.63 11.53
N GLU B 44 3.06 31.70 10.37
CA GLU B 44 3.09 32.88 9.52
C GLU B 44 2.25 34.01 10.11
N THR B 45 1.06 33.71 10.64
CA THR B 45 0.22 34.69 11.30
C THR B 45 0.99 35.36 12.44
N LYS B 46 1.96 34.69 13.05
CA LYS B 46 2.71 35.24 14.18
C LYS B 46 4.11 35.67 13.76
N GLY B 47 4.33 35.85 12.45
CA GLY B 47 5.53 36.49 11.92
C GLY B 47 6.75 35.56 11.86
N ASN B 48 6.55 34.25 11.70
CA ASN B 48 7.66 33.30 11.69
C ASN B 48 7.25 32.01 10.98
N LYS B 49 6.96 32.13 9.69
CA LYS B 49 6.49 31.06 8.86
C LYS B 49 7.43 29.86 8.89
N ILE B 50 6.88 28.68 9.14
CA ILE B 50 7.63 27.44 9.15
C ILE B 50 7.02 26.54 8.09
N HIS B 51 7.86 26.10 7.15
CA HIS B 51 7.44 25.46 5.91
C HIS B 51 6.54 24.26 6.19
N ASP B 52 6.95 23.40 7.14
CA ASP B 52 6.30 22.11 7.34
C ASP B 52 4.91 22.28 7.97
N GLU B 53 4.60 23.46 8.52
CA GLU B 53 3.26 23.64 9.09
C GLU B 53 2.18 23.39 8.03
N HIS B 54 2.48 23.71 6.76
CA HIS B 54 1.50 23.58 5.71
C HIS B 54 1.11 22.10 5.56
N LEU B 55 2.10 21.20 5.60
CA LEU B 55 1.87 19.77 5.52
C LEU B 55 0.94 19.32 6.67
N PHE B 56 1.18 19.84 7.86
CA PHE B 56 0.40 19.45 9.03
C PHE B 56 -1.08 19.81 8.81
N ILE B 57 -1.34 21.01 8.27
CA ILE B 57 -2.68 21.47 8.01
C ILE B 57 -3.36 20.58 6.96
N ILE B 58 -2.69 20.34 5.84
CA ILE B 58 -3.29 19.63 4.74
C ILE B 58 -3.60 18.20 5.17
N THR B 59 -2.65 17.55 5.85
CA THR B 59 -2.83 16.19 6.28
C THR B 59 -4.13 16.06 7.09
N HIS B 60 -4.32 16.96 8.05
CA HIS B 60 -5.52 16.92 8.89
C HIS B 60 -6.78 17.20 8.07
N GLN B 61 -6.70 18.13 7.13
CA GLN B 61 -7.87 18.47 6.34
C GLN B 61 -8.28 17.28 5.48
N ALA B 62 -7.29 16.53 4.98
CA ALA B 62 -7.57 15.36 4.18
C ALA B 62 -8.21 14.27 5.06
N TYR B 63 -7.69 14.02 6.26
CA TYR B 63 -8.32 13.13 7.23
C TYR B 63 -9.79 13.53 7.44
N GLU B 64 -10.05 14.80 7.67
CA GLU B 64 -11.41 15.28 7.95
C GLU B 64 -12.35 15.10 6.75
N LEU B 65 -11.87 15.33 5.52
CA LEU B 65 -12.70 15.06 4.35
C LEU B 65 -13.13 13.60 4.35
N TRP B 66 -12.17 12.70 4.59
CA TRP B 66 -12.46 11.28 4.53
C TRP B 66 -13.35 10.82 5.70
N PHE B 67 -13.21 11.46 6.85
CA PHE B 67 -14.07 11.20 7.99
C PHE B 67 -15.49 11.58 7.60
N LYS B 68 -15.65 12.71 6.92
CA LYS B 68 -16.98 13.12 6.45
C LYS B 68 -17.56 12.05 5.52
N GLN B 69 -16.75 11.49 4.64
CA GLN B 69 -17.22 10.48 3.71
C GLN B 69 -17.60 9.21 4.46
N ILE B 70 -16.79 8.82 5.46
CA ILE B 70 -17.11 7.65 6.25
C ILE B 70 -18.44 7.86 6.98
N LEU B 71 -18.64 9.05 7.57
CA LEU B 71 -19.90 9.35 8.24
C LEU B 71 -21.07 9.28 7.27
N TRP B 72 -20.86 9.74 6.05
CA TRP B 72 -21.92 9.71 5.05
C TRP B 72 -22.30 8.27 4.70
N GLU B 73 -21.31 7.39 4.53
CA GLU B 73 -21.61 6.00 4.24
C GLU B 73 -22.29 5.33 5.44
N LEU B 74 -21.74 5.56 6.61
CA LEU B 74 -22.16 4.89 7.84
C LEU B 74 -23.58 5.32 8.20
N ASP B 75 -23.88 6.62 8.10
CA ASP B 75 -25.23 7.10 8.32
C ASP B 75 -26.20 6.47 7.31
N SER B 76 -25.79 6.30 6.05
CA SER B 76 -26.72 5.76 5.05
C SER B 76 -27.03 4.31 5.40
N VAL B 77 -26.04 3.59 5.95
CA VAL B 77 -26.25 2.20 6.33
C VAL B 77 -27.09 2.09 7.59
N ARG B 78 -26.81 2.92 8.59
CA ARG B 78 -27.64 3.01 9.79
C ARG B 78 -29.10 3.21 9.41
N GLU B 79 -29.35 4.12 8.46
CA GLU B 79 -30.70 4.45 8.04
C GLU B 79 -31.38 3.25 7.39
N ILE B 80 -30.66 2.49 6.56
CA ILE B 80 -31.20 1.33 5.89
C ILE B 80 -31.63 0.29 6.94
N PHE B 81 -30.86 0.13 8.02
CA PHE B 81 -31.25 -0.75 9.10
C PHE B 81 -32.43 -0.15 9.85
N GLN B 82 -32.29 1.11 10.26
CA GLN B 82 -33.22 1.72 11.20
C GLN B 82 -34.61 1.87 10.60
N ASN B 83 -34.71 2.04 9.27
CA ASN B 83 -36.00 2.32 8.66
C ASN B 83 -36.59 1.05 8.05
N GLY B 84 -35.94 -0.11 8.24
CA GLY B 84 -36.53 -1.38 7.84
C GLY B 84 -36.19 -1.80 6.42
N HIS B 85 -35.48 -0.98 5.67
CA HIS B 85 -35.11 -1.33 4.30
C HIS B 85 -34.27 -2.61 4.26
N VAL B 86 -33.45 -2.86 5.28
CA VAL B 86 -32.61 -4.04 5.31
C VAL B 86 -33.43 -5.32 5.31
N ARG B 87 -34.72 -5.24 5.66
CA ARG B 87 -35.56 -6.41 5.71
C ARG B 87 -35.75 -6.98 4.31
N ASP B 88 -35.72 -6.12 3.30
CA ASP B 88 -35.70 -6.54 1.90
C ASP B 88 -34.26 -6.84 1.53
N GLU B 89 -33.94 -8.12 1.32
CA GLU B 89 -32.58 -8.63 1.22
C GLU B 89 -31.95 -8.19 -0.10
N ARG B 90 -32.74 -7.59 -0.98
CA ARG B 90 -32.21 -6.98 -2.18
C ARG B 90 -31.26 -5.84 -1.81
N ASN B 91 -31.38 -5.29 -0.59
CA ASN B 91 -30.54 -4.17 -0.18
C ASN B 91 -29.23 -4.62 0.44
N MET B 92 -28.97 -5.92 0.58
CA MET B 92 -27.76 -6.37 1.26
C MET B 92 -26.49 -6.05 0.44
N LEU B 93 -26.58 -6.05 -0.90
CA LEU B 93 -25.41 -5.77 -1.73
C LEU B 93 -24.92 -4.33 -1.47
N LYS B 94 -25.86 -3.39 -1.47
CA LYS B 94 -25.56 -2.00 -1.18
C LYS B 94 -24.96 -1.85 0.22
N VAL B 95 -25.52 -2.55 1.20
CA VAL B 95 -25.04 -2.46 2.56
C VAL B 95 -23.59 -2.90 2.62
N VAL B 96 -23.29 -4.07 2.06
CA VAL B 96 -21.96 -4.62 2.13
C VAL B 96 -21.00 -3.79 1.28
N SER B 97 -21.46 -3.29 0.14
CA SER B 97 -20.59 -2.48 -0.72
C SER B 97 -20.21 -1.18 0.00
N ARG B 98 -21.13 -0.58 0.76
CA ARG B 98 -20.79 0.65 1.47
C ARG B 98 -19.89 0.38 2.67
N MET B 99 -20.09 -0.74 3.38
CA MET B 99 -19.24 -1.07 4.51
C MET B 99 -17.84 -1.42 4.01
N HIS B 100 -17.75 -2.11 2.87
CA HIS B 100 -16.47 -2.38 2.24
C HIS B 100 -15.77 -1.08 1.86
N ARG B 101 -16.54 -0.12 1.35
CA ARG B 101 -16.02 1.18 0.98
C ARG B 101 -15.41 1.87 2.20
N VAL B 102 -16.09 1.79 3.35
CA VAL B 102 -15.55 2.40 4.55
C VAL B 102 -14.21 1.77 4.90
N SER B 103 -14.06 0.46 4.73
CA SER B 103 -12.81 -0.15 5.11
C SER B 103 -11.72 0.19 4.09
N VAL B 104 -12.07 0.39 2.81
CA VAL B 104 -11.11 0.84 1.80
C VAL B 104 -10.61 2.26 2.15
N ILE B 105 -11.50 3.15 2.60
CA ILE B 105 -11.08 4.48 3.00
C ILE B 105 -10.16 4.40 4.22
N LEU B 106 -10.55 3.56 5.20
CA LEU B 106 -9.77 3.47 6.42
C LEU B 106 -8.36 3.01 6.10
N LYS B 107 -8.22 2.08 5.15
CA LYS B 107 -6.89 1.62 4.77
C LYS B 107 -6.06 2.75 4.19
N LEU B 108 -6.68 3.60 3.35
CA LEU B 108 -5.98 4.76 2.85
C LEU B 108 -5.55 5.67 4.01
N LEU B 109 -6.44 5.86 4.99
CA LEU B 109 -6.14 6.74 6.12
C LEU B 109 -4.97 6.21 6.95
N VAL B 110 -4.82 4.90 7.06
CA VAL B 110 -3.69 4.29 7.74
C VAL B 110 -2.41 4.57 6.96
N GLN B 111 -2.46 4.41 5.64
CA GLN B 111 -1.30 4.67 4.80
C GLN B 111 -0.93 6.15 4.82
N GLN B 112 -1.91 7.02 5.01
CA GLN B 112 -1.68 8.46 4.96
C GLN B 112 -0.73 8.96 6.04
N PHE B 113 -0.55 8.21 7.14
CA PHE B 113 0.43 8.56 8.14
C PHE B 113 1.82 8.60 7.54
N SER B 114 2.08 7.79 6.51
CA SER B 114 3.40 7.79 5.84
C SER B 114 3.76 9.18 5.34
N ILE B 115 2.78 10.04 5.04
CA ILE B 115 3.09 11.37 4.55
C ILE B 115 3.64 12.23 5.70
N LEU B 116 2.95 12.17 6.85
CA LEU B 116 3.33 12.99 7.96
C LEU B 116 4.64 12.49 8.57
N GLU B 117 4.96 11.22 8.37
CA GLU B 117 6.25 10.71 8.80
C GLU B 117 7.41 11.32 8.01
N THR B 118 7.17 12.06 6.91
CA THR B 118 8.27 12.75 6.23
C THR B 118 8.58 14.06 6.94
N MET B 119 7.82 14.44 7.97
CA MET B 119 8.15 15.58 8.82
C MET B 119 8.97 15.12 10.01
N THR B 120 10.17 15.67 10.21
CA THR B 120 10.96 15.27 11.39
C THR B 120 10.39 15.92 12.65
N ALA B 121 10.74 15.34 13.79
CA ALA B 121 10.37 15.85 15.10
C ALA B 121 10.99 17.23 15.30
N LEU B 122 12.22 17.42 14.85
CA LEU B 122 12.90 18.70 14.95
C LEU B 122 12.14 19.78 14.17
N ASP B 123 11.59 19.47 13.01
CA ASP B 123 10.88 20.45 12.21
C ASP B 123 9.48 20.73 12.80
N PHE B 124 8.83 19.68 13.32
CA PHE B 124 7.55 19.84 14.01
C PHE B 124 7.73 20.80 15.18
N ASN B 125 8.84 20.64 15.90
CA ASN B 125 9.17 21.42 17.07
C ASN B 125 9.30 22.91 16.76
N ASP B 126 9.51 23.30 15.50
CA ASP B 126 9.64 24.70 15.17
C ASP B 126 8.29 25.41 15.06
N PHE B 127 7.16 24.70 14.92
CA PHE B 127 5.89 25.41 14.86
C PHE B 127 4.89 24.92 15.91
N ARG B 128 5.28 23.90 16.70
CA ARG B 128 4.40 23.25 17.66
C ARG B 128 3.79 24.27 18.62
N GLU B 129 4.60 25.24 19.07
CA GLU B 129 4.18 26.22 20.05
C GLU B 129 2.99 27.05 19.56
N TYR B 130 2.91 27.31 18.25
CA TYR B 130 1.89 28.18 17.72
C TYR B 130 0.54 27.46 17.61
N LEU B 131 0.51 26.17 17.92
CA LEU B 131 -0.72 25.39 17.80
C LEU B 131 -1.48 25.36 19.13
N SER B 132 -0.74 25.49 20.23
CA SER B 132 -1.29 25.29 21.54
C SER B 132 -2.44 26.27 21.77
N PRO B 133 -3.58 25.85 22.38
CA PRO B 133 -3.74 24.51 22.92
C PRO B 133 -4.64 23.60 22.09
N ALA B 134 -4.63 23.76 20.76
CA ALA B 134 -5.43 22.91 19.89
C ALA B 134 -4.85 21.49 19.86
N SER B 135 -5.71 20.51 19.53
CA SER B 135 -5.29 19.13 19.43
C SER B 135 -6.29 18.38 18.56
N GLY B 136 -5.82 17.28 17.95
CA GLY B 136 -6.66 16.33 17.24
C GLY B 136 -7.80 15.77 18.11
N PHE B 137 -7.57 15.78 19.44
CA PHE B 137 -8.54 15.34 20.43
C PHE B 137 -9.87 16.05 20.19
N GLN B 138 -9.80 17.26 19.61
CA GLN B 138 -10.97 18.08 19.40
C GLN B 138 -11.65 17.78 18.06
N SER B 139 -11.29 16.68 17.37
CA SER B 139 -11.96 16.34 16.13
C SER B 139 -13.39 15.88 16.44
N LEU B 140 -14.37 16.73 16.13
CA LEU B 140 -15.77 16.39 16.27
C LEU B 140 -16.10 15.13 15.47
N GLN B 141 -15.64 15.08 14.21
CA GLN B 141 -16.03 14.00 13.32
C GLN B 141 -15.48 12.65 13.81
N PHE B 142 -14.25 12.63 14.34
CA PHE B 142 -13.69 11.40 14.85
C PHE B 142 -14.56 10.86 15.98
N ARG B 143 -15.01 11.74 16.86
CA ARG B 143 -15.86 11.36 17.97
C ARG B 143 -17.21 10.87 17.45
N LEU B 144 -17.77 11.59 16.47
CA LEU B 144 -19.04 11.19 15.90
C LEU B 144 -18.94 9.79 15.33
N LEU B 145 -17.81 9.52 14.66
CA LEU B 145 -17.57 8.22 14.05
C LEU B 145 -17.49 7.13 15.12
N GLU B 146 -16.72 7.38 16.19
CA GLU B 146 -16.61 6.41 17.27
C GLU B 146 -17.99 6.12 17.86
N ASN B 147 -18.76 7.18 18.13
CA ASN B 147 -20.07 7.02 18.77
C ASN B 147 -21.02 6.26 17.86
N LYS B 148 -21.05 6.62 16.57
CA LYS B 148 -22.04 6.06 15.67
C LYS B 148 -21.74 4.59 15.39
N ILE B 149 -20.47 4.17 15.45
CA ILE B 149 -20.15 2.77 15.29
C ILE B 149 -20.64 2.03 16.54
N GLY B 150 -20.35 2.59 17.73
CA GLY B 150 -20.90 2.06 18.98
C GLY B 150 -19.92 2.02 20.16
N VAL B 151 -18.91 2.89 20.18
CA VAL B 151 -18.04 2.97 21.34
C VAL B 151 -18.86 3.48 22.51
N LEU B 152 -18.82 2.78 23.65
CA LEU B 152 -19.58 3.21 24.83
C LEU B 152 -18.80 4.26 25.63
N GLN B 153 -19.54 5.30 26.05
CA GLN B 153 -18.97 6.38 26.84
C GLN B 153 -18.40 5.83 28.15
N ASN B 154 -19.09 4.89 28.80
CA ASN B 154 -18.65 4.40 30.09
C ASN B 154 -17.39 3.54 29.95
N MET B 155 -17.04 3.11 28.73
CA MET B 155 -15.85 2.30 28.50
C MET B 155 -14.64 3.14 28.09
N ARG B 156 -14.87 4.41 27.71
CA ARG B 156 -13.77 5.27 27.30
C ARG B 156 -12.82 5.51 28.46
N VAL B 157 -11.51 5.56 28.14
CA VAL B 157 -10.50 5.85 29.13
C VAL B 157 -10.39 7.37 29.27
N PRO B 158 -10.46 7.93 30.49
CA PRO B 158 -10.31 9.37 30.70
C PRO B 158 -8.90 9.88 30.42
N TYR B 159 -8.80 11.07 29.83
CA TYR B 159 -7.52 11.73 29.60
C TYR B 159 -7.41 12.88 30.59
N ASN B 160 -6.32 12.91 31.38
CA ASN B 160 -6.18 13.89 32.46
C ASN B 160 -7.43 13.90 33.33
N ARG B 161 -7.95 12.71 33.66
CA ARG B 161 -9.12 12.56 34.53
C ARG B 161 -10.25 13.47 34.06
N ARG B 162 -10.59 13.38 32.77
CA ARG B 162 -11.65 14.21 32.19
C ARG B 162 -12.45 13.39 31.19
N HIS B 163 -13.74 13.74 31.06
CA HIS B 163 -14.60 13.15 30.04
C HIS B 163 -14.18 13.72 28.68
N TYR B 164 -14.33 12.94 27.61
CA TYR B 164 -13.88 13.36 26.30
C TYR B 164 -14.69 14.57 25.80
N ARG B 165 -15.98 14.62 26.18
CA ARG B 165 -16.91 15.63 25.69
C ARG B 165 -16.69 17.00 26.35
N ASP B 166 -15.95 17.03 27.47
CA ASP B 166 -15.70 18.24 28.24
C ASP B 166 -15.08 19.32 27.35
N ASN B 167 -14.39 18.89 26.29
CA ASN B 167 -13.73 19.81 25.37
C ASN B 167 -14.76 20.61 24.57
N PHE B 168 -15.86 19.96 24.28
CA PHE B 168 -16.78 20.46 23.26
C PHE B 168 -17.88 21.27 23.95
N LYS B 169 -18.42 22.26 23.23
CA LYS B 169 -19.47 23.15 23.75
C LYS B 169 -20.42 23.53 22.62
N GLY B 170 -21.60 24.07 22.99
CA GLY B 170 -22.56 24.60 22.04
C GLY B 170 -23.19 23.50 21.18
N GLU B 171 -23.41 23.81 19.89
CA GLU B 171 -23.97 22.88 18.92
C GLU B 171 -23.12 21.62 18.80
N GLU B 172 -21.80 21.76 18.94
CA GLU B 172 -20.88 20.63 18.82
C GLU B 172 -21.17 19.62 19.91
N ASN B 173 -21.37 20.11 21.15
CA ASN B 173 -21.67 19.23 22.26
C ASN B 173 -23.03 18.55 22.02
N GLU B 174 -23.96 19.31 21.43
CA GLU B 174 -25.30 18.83 21.11
C GLU B 174 -25.20 17.67 20.11
N LEU B 175 -24.43 17.89 19.04
CA LEU B 175 -24.24 16.88 18.01
C LEU B 175 -23.67 15.60 18.64
N LEU B 176 -22.67 15.74 19.51
CA LEU B 176 -22.04 14.59 20.15
C LEU B 176 -23.03 13.82 21.01
N LEU B 177 -23.93 14.56 21.69
CA LEU B 177 -24.92 13.92 22.53
C LEU B 177 -25.88 13.10 21.66
N LYS B 178 -26.40 13.69 20.57
CA LYS B 178 -27.24 12.98 19.62
C LYS B 178 -26.51 11.72 19.16
N SER B 179 -25.23 11.85 18.84
CA SER B 179 -24.44 10.73 18.36
C SER B 179 -24.41 9.61 19.39
N GLU B 180 -24.45 9.95 20.69
CA GLU B 180 -24.44 8.97 21.76
C GLU B 180 -25.84 8.38 21.98
N GLN B 181 -26.89 9.19 21.77
CA GLN B 181 -28.25 8.76 22.09
C GLN B 181 -28.89 7.99 20.94
N GLU B 182 -28.58 8.35 19.69
CA GLU B 182 -29.15 7.67 18.53
C GLU B 182 -28.64 6.24 18.45
N LYS B 183 -29.39 5.38 17.75
CA LYS B 183 -29.02 3.99 17.60
C LYS B 183 -27.69 3.86 16.86
N THR B 184 -26.78 3.08 17.43
CA THR B 184 -25.48 2.89 16.86
C THR B 184 -25.55 1.77 15.84
N LEU B 185 -24.50 1.65 15.02
CA LEU B 185 -24.40 0.57 14.06
C LEU B 185 -24.49 -0.78 14.79
N LEU B 186 -23.80 -0.89 15.93
CA LEU B 186 -23.83 -2.10 16.73
C LEU B 186 -25.27 -2.46 17.11
N GLU B 187 -26.05 -1.50 17.63
CA GLU B 187 -27.42 -1.78 18.06
C GLU B 187 -28.28 -2.19 16.88
N LEU B 188 -28.07 -1.56 15.72
CA LEU B 188 -28.90 -1.85 14.56
C LEU B 188 -28.57 -3.22 13.99
N VAL B 189 -27.29 -3.59 13.96
CA VAL B 189 -26.88 -4.92 13.54
C VAL B 189 -27.42 -5.96 14.55
N GLU B 190 -27.32 -5.66 15.84
CA GLU B 190 -27.87 -6.53 16.88
C GLU B 190 -29.33 -6.89 16.60
N ALA B 191 -30.18 -5.88 16.41
CA ALA B 191 -31.61 -6.11 16.16
C ALA B 191 -31.80 -7.01 14.95
N TRP B 192 -31.04 -6.77 13.88
CA TRP B 192 -31.14 -7.55 12.66
C TRP B 192 -30.67 -8.98 12.91
N LEU B 193 -29.60 -9.16 13.68
CA LEU B 193 -29.10 -10.49 14.02
C LEU B 193 -30.13 -11.28 14.82
N GLU B 194 -30.89 -10.59 15.68
CA GLU B 194 -31.93 -11.24 16.48
C GLU B 194 -33.03 -11.82 15.60
N ARG B 195 -33.22 -11.27 14.38
CA ARG B 195 -34.25 -11.78 13.49
C ARG B 195 -33.71 -12.87 12.56
N THR B 196 -32.46 -13.31 12.74
CA THR B 196 -31.84 -14.22 11.78
C THR B 196 -32.68 -15.49 11.66
N PRO B 197 -33.06 -15.93 10.44
CA PRO B 197 -33.80 -17.18 10.26
C PRO B 197 -33.02 -18.41 10.74
N GLY B 198 -33.73 -19.37 11.36
CA GLY B 198 -33.10 -20.61 11.80
C GLY B 198 -33.12 -20.79 13.31
N LEU B 199 -33.33 -19.72 14.07
CA LEU B 199 -33.27 -19.76 15.51
C LEU B 199 -34.58 -20.24 16.13
N GLU B 200 -35.66 -20.29 15.35
CA GLU B 200 -36.97 -20.60 15.88
C GLU B 200 -36.97 -22.01 16.48
N PRO B 201 -37.31 -22.18 17.77
CA PRO B 201 -37.42 -23.53 18.38
C PRO B 201 -38.41 -24.44 17.68
N HIS B 202 -39.48 -23.85 17.15
CA HIS B 202 -40.51 -24.57 16.42
C HIS B 202 -40.03 -24.84 14.98
N GLY B 203 -38.90 -24.23 14.59
CA GLY B 203 -38.38 -24.31 13.23
C GLY B 203 -37.15 -25.20 13.15
N PHE B 204 -36.04 -24.66 12.62
CA PHE B 204 -34.80 -25.40 12.46
C PHE B 204 -34.14 -25.64 13.82
N ASN B 205 -34.48 -24.79 14.82
CA ASN B 205 -34.07 -24.98 16.20
C ASN B 205 -32.54 -25.14 16.29
N PHE B 206 -31.82 -24.14 15.78
CA PHE B 206 -30.37 -24.17 15.67
C PHE B 206 -29.73 -24.39 17.05
N TRP B 207 -30.13 -23.57 18.03
CA TRP B 207 -29.50 -23.59 19.34
C TRP B 207 -29.65 -24.95 20.01
N GLY B 208 -30.87 -25.49 20.00
CA GLY B 208 -31.15 -26.78 20.63
C GLY B 208 -30.32 -27.88 19.99
N LYS B 209 -30.29 -27.92 18.67
CA LYS B 209 -29.57 -28.97 17.96
C LYS B 209 -28.07 -28.84 18.21
N LEU B 210 -27.60 -27.58 18.31
CA LEU B 210 -26.17 -27.32 18.48
C LEU B 210 -25.74 -27.83 19.85
N GLU B 211 -26.51 -27.45 20.88
CA GLU B 211 -26.22 -27.89 22.24
C GLU B 211 -26.18 -29.42 22.29
N LYS B 212 -27.19 -30.05 21.69
CA LYS B 212 -27.28 -31.51 21.68
C LYS B 212 -26.06 -32.11 21.01
N ASN B 213 -25.68 -31.58 19.83
CA ASN B 213 -24.58 -32.19 19.08
C ASN B 213 -23.27 -32.00 19.82
N ILE B 214 -23.08 -30.82 20.44
CA ILE B 214 -21.85 -30.55 21.16
C ILE B 214 -21.78 -31.46 22.39
N THR B 215 -22.90 -31.62 23.11
CA THR B 215 -22.92 -32.49 24.28
C THR B 215 -22.52 -33.90 23.87
N ARG B 216 -23.14 -34.41 22.81
CA ARG B 216 -22.86 -35.77 22.35
C ARG B 216 -21.41 -35.90 21.91
N GLY B 217 -20.95 -34.92 21.13
CA GLY B 217 -19.59 -34.92 20.61
C GLY B 217 -18.55 -34.99 21.73
N LEU B 218 -18.78 -34.18 22.78
CA LEU B 218 -17.90 -34.18 23.93
C LEU B 218 -17.94 -35.55 24.60
N GLU B 219 -19.13 -36.10 24.78
CA GLU B 219 -19.28 -37.41 25.41
C GLU B 219 -18.42 -38.44 24.68
N GLU B 220 -18.57 -38.48 23.34
CA GLU B 220 -17.84 -39.43 22.52
C GLU B 220 -16.33 -39.27 22.71
N GLU B 221 -15.87 -38.01 22.69
CA GLU B 221 -14.45 -37.72 22.82
C GLU B 221 -13.93 -38.21 24.17
N PHE B 222 -14.70 -37.94 25.23
CA PHE B 222 -14.30 -38.31 26.57
C PHE B 222 -14.03 -39.82 26.62
N ILE B 223 -14.95 -40.59 26.05
CA ILE B 223 -14.86 -42.04 26.09
C ILE B 223 -13.56 -42.50 25.42
N ARG B 224 -13.27 -41.95 24.23
CA ARG B 224 -12.03 -42.25 23.54
C ARG B 224 -10.82 -42.02 24.45
N ILE B 225 -10.80 -40.85 25.12
CA ILE B 225 -9.64 -40.48 25.91
C ILE B 225 -9.51 -41.43 27.10
N GLN B 226 -10.65 -41.70 27.77
CA GLN B 226 -10.67 -42.53 28.96
C GLN B 226 -10.09 -43.91 28.68
N ALA B 227 -10.30 -44.40 27.44
CA ALA B 227 -9.87 -45.75 27.08
C ALA B 227 -8.34 -45.86 27.13
N LYS B 228 -7.64 -44.74 26.88
CA LYS B 228 -6.19 -44.74 26.86
C LYS B 228 -5.60 -45.14 28.23
N GLU B 229 -4.39 -45.68 28.22
CA GLU B 229 -3.68 -46.09 29.44
C GLU B 229 -3.13 -44.84 30.14
N GLU B 230 -3.18 -44.84 31.48
CA GLU B 230 -2.73 -43.70 32.29
C GLU B 230 -1.33 -43.30 31.82
N SER B 231 -1.14 -42.02 31.53
CA SER B 231 0.10 -41.52 30.97
C SER B 231 0.12 -39.99 31.09
N GLU B 232 1.30 -39.37 30.94
CA GLU B 232 1.39 -37.92 30.90
C GLU B 232 0.57 -37.40 29.71
N GLU B 233 0.69 -38.09 28.58
CA GLU B 233 0.01 -37.70 27.35
C GLU B 233 -1.49 -37.69 27.61
N LYS B 234 -2.01 -38.77 28.21
CA LYS B 234 -3.45 -38.87 28.48
C LYS B 234 -3.90 -37.69 29.34
N GLU B 235 -3.14 -37.36 30.38
CA GLU B 235 -3.46 -36.24 31.27
C GLU B 235 -3.58 -34.96 30.46
N GLU B 236 -2.62 -34.73 29.57
CA GLU B 236 -2.59 -33.56 28.72
C GLU B 236 -3.85 -33.53 27.85
N GLN B 237 -4.19 -34.67 27.24
CA GLN B 237 -5.39 -34.81 26.44
C GLN B 237 -6.62 -34.52 27.32
N VAL B 238 -6.64 -35.12 28.52
CA VAL B 238 -7.75 -34.95 29.45
C VAL B 238 -7.87 -33.47 29.79
N ALA B 239 -6.76 -32.83 30.13
CA ALA B 239 -6.77 -31.42 30.50
C ALA B 239 -7.26 -30.56 29.34
N GLU B 240 -6.75 -30.81 28.13
CA GLU B 240 -7.21 -30.09 26.94
C GLU B 240 -8.73 -30.24 26.76
N PHE B 241 -9.19 -31.50 26.84
CA PHE B 241 -10.61 -31.79 26.68
C PHE B 241 -11.41 -30.94 27.68
N GLN B 242 -10.91 -30.83 28.90
CA GLN B 242 -11.64 -30.16 29.95
C GLN B 242 -11.75 -28.69 29.61
N LYS B 243 -10.68 -28.08 29.08
CA LYS B 243 -10.72 -26.69 28.65
C LYS B 243 -11.72 -26.51 27.52
N GLN B 244 -11.60 -27.34 26.50
CA GLN B 244 -12.48 -27.24 25.35
C GLN B 244 -13.94 -27.40 25.82
N LYS B 245 -14.18 -28.39 26.70
CA LYS B 245 -15.52 -28.66 27.19
C LYS B 245 -16.10 -27.41 27.85
N GLU B 246 -15.32 -26.81 28.77
CA GLU B 246 -15.76 -25.64 29.49
C GLU B 246 -16.08 -24.52 28.50
N VAL B 247 -15.19 -24.30 27.55
CA VAL B 247 -15.40 -23.21 26.59
C VAL B 247 -16.72 -23.43 25.83
N LEU B 248 -16.87 -24.63 25.25
CA LEU B 248 -17.99 -24.88 24.37
C LEU B 248 -19.31 -24.86 25.15
N LEU B 249 -19.30 -25.42 26.35
CA LEU B 249 -20.53 -25.51 27.11
C LEU B 249 -20.90 -24.11 27.62
N SER B 250 -19.90 -23.30 27.94
CA SER B 250 -20.12 -21.94 28.39
C SER B 250 -21.00 -21.15 27.41
N LEU B 251 -20.98 -21.52 26.13
CA LEU B 251 -21.79 -20.84 25.13
C LEU B 251 -23.28 -20.91 25.45
N PHE B 252 -23.71 -21.98 26.10
CA PHE B 252 -25.12 -22.22 26.38
C PHE B 252 -25.55 -21.66 27.73
N ASP B 253 -24.66 -20.93 28.43
CA ASP B 253 -24.97 -20.34 29.72
C ASP B 253 -25.43 -18.89 29.50
N GLU B 254 -26.75 -18.70 29.38
CA GLU B 254 -27.31 -17.39 29.09
C GLU B 254 -27.03 -16.39 30.20
N LYS B 255 -26.95 -16.88 31.43
CA LYS B 255 -26.75 -16.04 32.60
C LYS B 255 -25.33 -15.50 32.62
N ARG B 256 -24.34 -16.35 32.31
CA ARG B 256 -22.97 -15.85 32.21
C ARG B 256 -22.89 -14.75 31.15
N HIS B 257 -23.59 -14.93 30.03
CA HIS B 257 -23.57 -13.93 28.98
C HIS B 257 -24.09 -12.58 29.49
N GLU B 258 -25.22 -12.61 30.20
CA GLU B 258 -25.84 -11.40 30.72
C GLU B 258 -24.88 -10.68 31.65
N HIS B 259 -24.19 -11.46 32.49
CA HIS B 259 -23.20 -10.92 33.41
C HIS B 259 -22.07 -10.23 32.65
N LEU B 260 -21.54 -10.89 31.62
CA LEU B 260 -20.43 -10.34 30.87
C LEU B 260 -20.88 -9.10 30.09
N LEU B 261 -22.14 -9.12 29.61
CA LEU B 261 -22.74 -7.95 28.98
C LEU B 261 -22.74 -6.79 29.98
N SER B 262 -23.08 -7.07 31.25
CA SER B 262 -23.09 -6.04 32.28
C SER B 262 -21.73 -5.40 32.46
N LYS B 263 -20.67 -6.19 32.34
CA LYS B 263 -19.32 -5.70 32.59
C LYS B 263 -18.80 -5.00 31.36
N GLY B 264 -19.48 -5.19 30.23
CA GLY B 264 -19.03 -4.60 28.98
C GLY B 264 -17.98 -5.47 28.29
N GLU B 265 -17.78 -6.71 28.77
CA GLU B 265 -16.85 -7.62 28.12
C GLU B 265 -17.50 -8.21 26.87
N ARG B 266 -18.82 -8.17 26.78
CA ARG B 266 -19.54 -8.49 25.56
C ARG B 266 -20.47 -7.34 25.23
N ARG B 267 -20.99 -7.30 23.99
CA ARG B 267 -21.80 -6.18 23.53
C ARG B 267 -23.13 -6.64 22.92
N LEU B 268 -23.15 -7.79 22.25
CA LEU B 268 -24.36 -8.27 21.60
C LEU B 268 -25.23 -9.04 22.60
N SER B 269 -26.55 -8.94 22.42
CA SER B 269 -27.51 -9.75 23.15
C SER B 269 -27.25 -11.22 22.84
N TYR B 270 -27.71 -12.10 23.73
CA TYR B 270 -27.54 -13.52 23.58
C TYR B 270 -28.18 -13.99 22.29
N ARG B 271 -29.35 -13.46 21.98
CA ARG B 271 -30.06 -13.90 20.78
C ARG B 271 -29.29 -13.44 19.52
N ALA B 272 -28.73 -12.25 19.53
CA ALA B 272 -27.96 -11.75 18.40
C ALA B 272 -26.71 -12.60 18.21
N LEU B 273 -26.09 -13.03 19.30
CA LEU B 273 -24.94 -13.90 19.25
C LEU B 273 -25.32 -15.21 18.54
N GLN B 274 -26.53 -15.72 18.83
CA GLN B 274 -27.01 -16.91 18.17
C GLN B 274 -27.16 -16.70 16.67
N GLY B 275 -27.73 -15.55 16.29
CA GLY B 275 -27.86 -15.20 14.89
C GLY B 275 -26.50 -15.14 14.19
N ALA B 276 -25.52 -14.51 14.83
CA ALA B 276 -24.19 -14.38 14.24
C ALA B 276 -23.57 -15.77 14.01
N LEU B 277 -23.70 -16.67 14.98
CA LEU B 277 -23.10 -17.98 14.84
C LEU B 277 -23.85 -18.80 13.77
N MET B 278 -25.16 -18.59 13.63
CA MET B 278 -25.93 -19.23 12.58
C MET B 278 -25.35 -18.82 11.22
N ILE B 279 -25.14 -17.52 11.01
CA ILE B 279 -24.57 -16.99 9.78
C ILE B 279 -23.16 -17.56 9.57
N TYR B 280 -22.37 -17.66 10.64
CA TYR B 280 -21.00 -18.17 10.54
C TYR B 280 -21.00 -19.61 10.04
N PHE B 281 -21.82 -20.43 10.68
CA PHE B 281 -21.80 -21.86 10.40
C PHE B 281 -22.47 -22.16 9.06
N TYR B 282 -23.47 -21.36 8.65
CA TYR B 282 -24.19 -21.66 7.41
C TYR B 282 -23.92 -20.62 6.33
N ARG B 283 -22.72 -20.03 6.35
CA ARG B 283 -22.32 -18.93 5.48
C ARG B 283 -22.49 -19.24 4.00
N GLU B 284 -22.31 -20.50 3.60
CA GLU B 284 -22.39 -20.89 2.19
C GLU B 284 -23.84 -20.93 1.70
N GLU B 285 -24.79 -21.09 2.61
CA GLU B 285 -26.20 -21.08 2.23
C GLU B 285 -26.53 -19.74 1.60
N PRO B 286 -27.21 -19.72 0.43
CA PRO B 286 -27.37 -18.49 -0.37
C PRO B 286 -27.81 -17.23 0.38
N ARG B 287 -28.81 -17.37 1.26
CA ARG B 287 -29.31 -16.23 2.02
C ARG B 287 -28.29 -15.71 3.03
N PHE B 288 -27.27 -16.50 3.38
CA PHE B 288 -26.30 -16.10 4.38
C PHE B 288 -24.97 -15.63 3.78
N GLN B 289 -24.81 -15.74 2.46
CA GLN B 289 -23.53 -15.43 1.83
C GLN B 289 -23.17 -13.96 2.02
N VAL B 290 -24.10 -13.06 1.67
CA VAL B 290 -23.81 -11.64 1.77
C VAL B 290 -23.83 -11.21 3.23
N PRO B 291 -24.79 -11.66 4.08
CA PRO B 291 -24.69 -11.48 5.54
C PRO B 291 -23.34 -11.85 6.15
N PHE B 292 -22.77 -12.97 5.72
CA PHE B 292 -21.45 -13.35 6.19
C PHE B 292 -20.41 -12.29 5.80
N GLN B 293 -20.49 -11.79 4.56
CA GLN B 293 -19.57 -10.76 4.12
C GLN B 293 -19.74 -9.50 4.97
N LEU B 294 -20.98 -9.18 5.35
CA LEU B 294 -21.21 -8.03 6.21
C LEU B 294 -20.51 -8.22 7.55
N LEU B 295 -20.62 -9.39 8.15
CA LEU B 295 -20.02 -9.62 9.45
C LEU B 295 -18.51 -9.45 9.34
N THR B 296 -17.94 -10.02 8.27
CA THR B 296 -16.51 -9.90 7.97
C THR B 296 -16.12 -8.43 7.87
N SER B 297 -16.98 -7.64 7.22
CA SER B 297 -16.70 -6.24 6.99
C SER B 297 -16.75 -5.43 8.28
N LEU B 298 -17.67 -5.78 9.20
CA LEU B 298 -17.74 -5.09 10.49
C LEU B 298 -16.48 -5.35 11.30
N MET B 299 -15.97 -6.59 11.25
CA MET B 299 -14.73 -6.90 11.94
C MET B 299 -13.59 -6.10 11.31
N ASP B 300 -13.59 -5.99 9.97
CA ASP B 300 -12.57 -5.24 9.26
C ASP B 300 -12.52 -3.79 9.73
N ILE B 301 -13.69 -3.18 9.94
CA ILE B 301 -13.74 -1.79 10.33
C ILE B 301 -13.16 -1.61 11.73
N ASP B 302 -13.51 -2.51 12.65
CA ASP B 302 -12.93 -2.50 13.98
C ASP B 302 -11.41 -2.62 13.93
N SER B 303 -10.91 -3.55 13.11
CA SER B 303 -9.48 -3.78 13.02
C SER B 303 -8.78 -2.54 12.45
N LEU B 304 -9.39 -1.92 11.44
CA LEU B 304 -8.76 -0.78 10.78
C LEU B 304 -8.80 0.47 11.66
N MET B 305 -9.88 0.65 12.43
CA MET B 305 -9.97 1.74 13.39
C MET B 305 -8.85 1.60 14.42
N THR B 306 -8.63 0.38 14.90
CA THR B 306 -7.57 0.12 15.85
C THR B 306 -6.21 0.39 15.22
N LYS B 307 -6.06 -0.01 13.95
CA LYS B 307 -4.80 0.23 13.24
C LYS B 307 -4.54 1.74 13.10
N TRP B 308 -5.59 2.49 12.82
CA TRP B 308 -5.48 3.94 12.78
C TRP B 308 -4.94 4.45 14.11
N ARG B 309 -5.51 3.97 15.22
CA ARG B 309 -5.13 4.44 16.54
C ARG B 309 -3.68 4.10 16.84
N TYR B 310 -3.27 2.90 16.43
CA TYR B 310 -1.92 2.43 16.66
C TYR B 310 -0.92 3.26 15.87
N ASN B 311 -1.19 3.49 14.58
CA ASN B 311 -0.27 4.28 13.76
C ASN B 311 -0.16 5.69 14.30
N HIS B 312 -1.28 6.22 14.81
CA HIS B 312 -1.30 7.54 15.40
C HIS B 312 -0.38 7.57 16.63
N VAL B 313 -0.50 6.57 17.51
CA VAL B 313 0.35 6.45 18.67
C VAL B 313 1.82 6.48 18.26
N CYS B 314 2.23 5.61 17.32
CA CYS B 314 3.63 5.53 16.96
C CYS B 314 4.14 6.91 16.51
N MET B 315 3.28 7.67 15.84
CA MET B 315 3.74 8.96 15.34
C MET B 315 3.82 10.01 16.45
N VAL B 316 2.82 10.06 17.33
CA VAL B 316 2.89 10.95 18.48
C VAL B 316 4.19 10.70 19.26
N HIS B 317 4.58 9.44 19.40
CA HIS B 317 5.79 9.08 20.14
C HIS B 317 7.02 9.70 19.48
N ARG B 318 7.07 9.56 18.15
CA ARG B 318 8.23 9.99 17.37
C ARG B 318 8.38 11.50 17.45
N MET B 319 7.23 12.21 17.53
CA MET B 319 7.20 13.66 17.46
C MET B 319 7.37 14.31 18.84
N LEU B 320 6.76 13.75 19.90
CA LEU B 320 6.69 14.42 21.19
C LEU B 320 7.52 13.71 22.26
N GLY B 321 7.78 12.42 22.07
CA GLY B 321 8.44 11.61 23.07
C GLY B 321 7.40 10.92 23.95
N SER B 322 7.88 10.06 24.85
CA SER B 322 7.02 9.20 25.63
C SER B 322 6.35 9.94 26.80
N LYS B 323 6.82 11.15 27.15
CA LYS B 323 6.31 11.84 28.33
C LYS B 323 5.49 13.07 27.97
N ALA B 324 5.68 13.67 26.78
CA ALA B 324 4.98 14.91 26.47
C ALA B 324 3.47 14.66 26.36
N GLY B 325 2.70 15.60 26.91
CA GLY B 325 1.24 15.51 27.01
C GLY B 325 0.66 16.61 27.90
N THR B 326 -0.68 16.76 27.84
CA THR B 326 -1.40 17.78 28.58
C THR B 326 -1.26 17.54 30.10
N GLY B 327 -0.77 18.57 30.82
CA GLY B 327 -0.47 18.45 32.24
C GLY B 327 0.57 17.37 32.51
N GLY B 328 0.43 16.65 33.63
CA GLY B 328 1.31 15.56 33.99
C GLY B 328 0.99 14.24 33.29
N SER B 329 -0.11 14.20 32.53
CA SER B 329 -0.49 13.01 31.78
C SER B 329 0.32 12.95 30.49
N SER B 330 0.72 11.73 30.11
CA SER B 330 1.42 11.51 28.85
C SER B 330 0.39 11.19 27.76
N GLY B 331 0.36 12.01 26.70
CA GLY B 331 -0.48 11.75 25.54
C GLY B 331 -0.23 10.35 24.99
N TYR B 332 1.07 10.03 24.84
CA TYR B 332 1.53 8.74 24.34
C TYR B 332 0.87 7.60 25.11
N HIS B 333 0.92 7.66 26.45
CA HIS B 333 0.40 6.58 27.29
C HIS B 333 -1.13 6.51 27.23
N TYR B 334 -1.82 7.66 27.18
CA TYR B 334 -3.27 7.65 27.04
C TYR B 334 -3.66 6.99 25.71
N LEU B 335 -2.96 7.36 24.64
CA LEU B 335 -3.29 6.86 23.31
C LEU B 335 -3.04 5.35 23.26
N ARG B 336 -1.93 4.89 23.88
CA ARG B 336 -1.60 3.47 23.91
C ARG B 336 -2.76 2.70 24.53
N SER B 337 -3.39 3.32 25.54
CA SER B 337 -4.52 2.75 26.25
C SER B 337 -5.75 2.59 25.36
N THR B 338 -5.86 3.38 24.27
CA THR B 338 -7.01 3.30 23.39
C THR B 338 -6.89 2.09 22.46
N VAL B 339 -5.68 1.53 22.34
CA VAL B 339 -5.49 0.33 21.53
C VAL B 339 -5.82 -0.88 22.41
N SER B 340 -7.12 -1.13 22.59
CA SER B 340 -7.59 -2.14 23.55
C SER B 340 -8.99 -2.61 23.14
N ASP B 341 -9.37 -3.79 23.61
CA ASP B 341 -10.69 -4.36 23.34
C ASP B 341 -11.80 -3.44 23.85
N ARG B 342 -11.42 -2.54 24.77
CA ARG B 342 -12.33 -1.53 25.27
C ARG B 342 -12.93 -0.70 24.12
N TYR B 343 -12.19 -0.51 23.03
CA TYR B 343 -12.64 0.30 21.90
C TYR B 343 -13.07 -0.60 20.73
N LYS B 344 -13.12 -1.92 20.91
CA LYS B 344 -13.52 -2.84 19.85
C LYS B 344 -15.02 -3.15 19.96
N VAL B 345 -15.81 -2.53 19.10
CA VAL B 345 -17.26 -2.57 19.17
C VAL B 345 -17.79 -3.96 18.82
N PHE B 346 -17.18 -4.64 17.83
CA PHE B 346 -17.70 -5.92 17.36
C PHE B 346 -16.83 -7.06 17.86
N VAL B 347 -16.34 -6.91 19.10
CA VAL B 347 -15.49 -7.90 19.75
C VAL B 347 -16.17 -9.27 19.76
N ASP B 348 -17.49 -9.32 19.87
CA ASP B 348 -18.19 -10.60 19.91
C ASP B 348 -18.04 -11.34 18.58
N LEU B 349 -17.97 -10.61 17.46
CA LEU B 349 -17.81 -11.25 16.15
C LEU B 349 -16.45 -11.89 16.05
N PHE B 350 -15.41 -11.24 16.60
CA PHE B 350 -14.08 -11.82 16.63
C PHE B 350 -14.08 -13.08 17.46
N ASN B 351 -14.79 -13.06 18.59
CA ASN B 351 -14.64 -14.10 19.58
C ASN B 351 -15.45 -15.34 19.20
N LEU B 352 -16.25 -15.28 18.15
CA LEU B 352 -16.89 -16.49 17.66
C LEU B 352 -15.89 -17.56 17.20
N SER B 353 -14.66 -17.19 16.80
CA SER B 353 -13.63 -18.17 16.51
C SER B 353 -13.32 -19.07 17.72
N THR B 354 -13.43 -18.55 18.95
CA THR B 354 -13.32 -19.35 20.16
C THR B 354 -14.25 -20.57 20.16
N TYR B 355 -15.42 -20.50 19.49
CA TYR B 355 -16.42 -21.55 19.60
C TYR B 355 -16.49 -22.43 18.35
N LEU B 356 -15.39 -22.55 17.61
CA LEU B 356 -15.32 -23.47 16.49
C LEU B 356 -15.34 -24.94 16.95
N ILE B 357 -16.11 -25.75 16.22
CA ILE B 357 -16.30 -27.16 16.51
C ILE B 357 -15.95 -27.94 15.25
N PRO B 358 -15.74 -29.27 15.33
CA PRO B 358 -15.60 -30.06 14.11
C PRO B 358 -16.84 -29.86 13.23
N ARG B 359 -16.64 -29.83 11.90
CA ARG B 359 -17.71 -29.54 10.96
C ARG B 359 -18.85 -30.53 11.11
N HIS B 360 -18.53 -31.79 11.41
CA HIS B 360 -19.55 -32.83 11.49
C HIS B 360 -20.45 -32.65 12.71
N TRP B 361 -20.06 -31.79 13.66
CA TRP B 361 -20.93 -31.50 14.80
C TRP B 361 -21.98 -30.45 14.42
N ILE B 362 -21.79 -29.76 13.29
CA ILE B 362 -22.70 -28.68 12.96
C ILE B 362 -24.03 -29.30 12.52
N PRO B 363 -25.17 -28.90 13.12
CA PRO B 363 -26.47 -29.46 12.72
C PRO B 363 -26.62 -29.39 11.21
N LYS B 364 -27.02 -30.52 10.62
CA LYS B 364 -27.14 -30.63 9.17
C LYS B 364 -28.30 -29.80 8.66
N MET B 365 -28.14 -29.24 7.46
CA MET B 365 -29.22 -28.51 6.81
C MET B 365 -29.46 -29.11 5.43
N ASN B 366 -30.17 -30.26 5.40
CA ASN B 366 -30.50 -30.91 4.13
C ASN B 366 -31.55 -30.08 3.39
N PRO B 367 -31.63 -30.16 2.05
CA PRO B 367 -32.59 -29.36 1.28
C PRO B 367 -33.97 -29.35 1.92
N THR B 368 -34.38 -30.51 2.44
CA THR B 368 -35.64 -30.64 3.13
C THR B 368 -35.83 -29.47 4.09
N ILE B 369 -34.81 -29.17 4.91
CA ILE B 369 -34.90 -28.12 5.91
C ILE B 369 -34.13 -26.88 5.43
N HIS B 370 -33.81 -26.83 4.12
CA HIS B 370 -33.02 -25.75 3.54
C HIS B 370 -33.92 -24.74 2.81
N LYS B 371 -35.15 -25.15 2.49
CA LYS B 371 -36.06 -24.30 1.73
C LYS B 371 -35.97 -22.84 2.20
N PHE B 372 -35.78 -22.64 3.51
CA PHE B 372 -35.88 -21.32 4.10
C PHE B 372 -34.66 -20.45 3.76
N LEU B 373 -33.52 -21.06 3.41
CA LEU B 373 -32.31 -20.29 3.12
C LEU B 373 -32.00 -20.17 1.63
N GLU B 374 -33.00 -20.39 0.77
CA GLU B 374 -32.87 -20.24 -0.67
C GLU B 374 -33.43 -18.87 -1.05
N HIS B 375 -32.93 -18.29 -2.15
CA HIS B 375 -33.34 -16.97 -2.61
C HIS B 375 -34.66 -17.08 -3.37
N GLY C 23 6.99 -35.40 16.23
CA GLY C 23 6.36 -34.07 16.15
C GLY C 23 6.90 -33.26 14.97
N LEU C 24 5.96 -32.59 14.28
CA LEU C 24 6.28 -31.74 13.15
C LEU C 24 6.92 -30.42 13.61
N ILE C 25 7.98 -30.02 12.93
CA ILE C 25 8.71 -28.78 13.22
C ILE C 25 8.53 -27.83 12.04
N TYR C 26 8.44 -26.52 12.33
CA TYR C 26 8.17 -25.45 11.36
C TYR C 26 9.02 -25.60 10.10
N GLY C 27 10.34 -25.65 10.26
CA GLY C 27 11.27 -25.72 9.15
C GLY C 27 11.01 -26.92 8.24
N ASN C 28 10.67 -28.07 8.85
CA ASN C 28 10.43 -29.29 8.11
C ASN C 28 9.08 -29.20 7.40
N TYR C 29 8.06 -28.71 8.11
CA TYR C 29 6.73 -28.56 7.54
C TYR C 29 6.80 -27.68 6.29
N LEU C 30 7.55 -26.58 6.35
CA LEU C 30 7.66 -25.64 5.24
C LEU C 30 8.77 -26.03 4.26
N HIS C 31 9.45 -27.16 4.50
CA HIS C 31 10.54 -27.61 3.65
C HIS C 31 11.54 -26.48 3.40
N LEU C 32 11.93 -25.80 4.49
CA LEU C 32 12.88 -24.71 4.42
C LEU C 32 14.27 -25.20 4.01
N GLU C 33 14.54 -26.50 4.14
CA GLU C 33 15.81 -27.05 3.68
C GLU C 33 15.90 -26.93 2.15
N LYS C 34 14.74 -26.81 1.47
CA LYS C 34 14.74 -26.53 0.05
C LYS C 34 14.70 -25.02 -0.23
N VAL C 35 13.75 -24.32 0.38
CA VAL C 35 13.45 -22.94 0.06
C VAL C 35 14.64 -22.05 0.39
N LEU C 36 15.31 -22.32 1.52
CA LEU C 36 16.39 -21.47 1.99
C LEU C 36 17.77 -22.01 1.60
N ASN C 37 17.82 -23.00 0.72
CA ASN C 37 19.07 -23.42 0.10
C ASN C 37 18.94 -23.40 -1.43
N ALA C 38 18.33 -22.34 -1.96
CA ALA C 38 18.05 -22.23 -3.39
C ALA C 38 18.60 -20.91 -3.95
N GLN C 39 19.51 -20.29 -3.18
CA GLN C 39 20.05 -18.97 -3.50
C GLN C 39 21.51 -19.11 -3.90
N GLU C 40 21.78 -19.12 -5.20
CA GLU C 40 23.14 -19.21 -5.72
C GLU C 40 23.41 -18.03 -6.64
N LEU C 41 24.31 -17.14 -6.20
CA LEU C 41 24.71 -15.98 -6.98
C LEU C 41 25.68 -16.42 -8.06
N GLN C 42 25.30 -16.18 -9.33
CA GLN C 42 26.17 -16.47 -10.45
C GLN C 42 27.43 -15.60 -10.38
N SER C 43 27.29 -14.36 -9.87
CA SER C 43 28.44 -13.50 -9.68
C SER C 43 29.47 -14.20 -8.81
N GLU C 44 29.01 -14.86 -7.74
CA GLU C 44 29.89 -15.56 -6.81
C GLU C 44 30.43 -16.86 -7.42
N THR C 45 29.57 -17.62 -8.11
CA THR C 45 30.00 -18.82 -8.81
C THR C 45 31.12 -18.51 -9.79
N LYS C 46 31.19 -17.28 -10.32
CA LYS C 46 32.20 -16.92 -11.30
C LYS C 46 33.29 -16.04 -10.68
N GLY C 47 33.39 -16.05 -9.35
CA GLY C 47 34.52 -15.47 -8.64
C GLY C 47 34.44 -13.95 -8.50
N ASN C 48 33.23 -13.37 -8.43
CA ASN C 48 33.08 -11.93 -8.35
C ASN C 48 31.71 -11.55 -7.78
N LYS C 49 31.49 -11.95 -6.53
CA LYS C 49 30.24 -11.80 -5.84
C LYS C 49 29.78 -10.34 -5.83
N ILE C 50 28.53 -10.11 -6.23
CA ILE C 50 27.93 -8.80 -6.22
C ILE C 50 26.72 -8.85 -5.30
N HIS C 51 26.73 -7.99 -4.28
CA HIS C 51 25.81 -8.04 -3.16
C HIS C 51 24.36 -8.06 -3.63
N ASP C 52 24.01 -7.17 -4.58
CA ASP C 52 22.62 -6.94 -4.94
C ASP C 52 22.04 -8.13 -5.71
N GLU C 53 22.88 -9.04 -6.21
CA GLU C 53 22.37 -10.18 -6.95
C GLU C 53 21.45 -11.01 -6.06
N HIS C 54 21.72 -11.04 -4.75
CA HIS C 54 20.91 -11.80 -3.83
C HIS C 54 19.47 -11.29 -3.84
N LEU C 55 19.29 -9.98 -3.79
CA LEU C 55 17.96 -9.36 -3.85
C LEU C 55 17.22 -9.76 -5.13
N PHE C 56 17.95 -9.80 -6.26
CA PHE C 56 17.35 -10.12 -7.54
C PHE C 56 16.78 -11.54 -7.49
N ILE C 57 17.54 -12.47 -6.91
CA ILE C 57 17.13 -13.86 -6.81
C ILE C 57 15.90 -13.99 -5.90
N ILE C 58 15.96 -13.40 -4.70
CA ILE C 58 14.89 -13.56 -3.73
C ILE C 58 13.61 -12.97 -4.29
N THR C 59 13.69 -11.77 -4.87
CA THR C 59 12.51 -11.13 -5.41
C THR C 59 11.79 -12.07 -6.38
N HIS C 60 12.53 -12.65 -7.31
CA HIS C 60 11.95 -13.55 -8.31
C HIS C 60 11.38 -14.81 -7.65
N GLN C 61 12.07 -15.35 -6.65
CA GLN C 61 11.59 -16.56 -5.99
C GLN C 61 10.28 -16.27 -5.28
N ALA C 62 10.16 -15.08 -4.70
CA ALA C 62 8.93 -14.69 -4.02
C ALA C 62 7.78 -14.53 -5.02
N TYR C 63 8.05 -13.88 -6.18
CA TYR C 63 7.07 -13.81 -7.26
C TYR C 63 6.58 -15.22 -7.63
N GLU C 64 7.51 -16.16 -7.80
CA GLU C 64 7.19 -17.50 -8.23
C GLU C 64 6.36 -18.27 -7.18
N LEU C 65 6.67 -18.12 -5.89
CA LEU C 65 5.84 -18.71 -4.85
C LEU C 65 4.40 -18.20 -4.99
N TRP C 66 4.24 -16.89 -5.18
CA TRP C 66 2.89 -16.33 -5.26
C TRP C 66 2.18 -16.73 -6.55
N PHE C 67 2.94 -16.90 -7.65
CA PHE C 67 2.35 -17.36 -8.89
C PHE C 67 1.82 -18.78 -8.67
N LYS C 68 2.57 -19.60 -7.92
CA LYS C 68 2.10 -20.93 -7.60
C LYS C 68 0.78 -20.88 -6.83
N GLN C 69 0.67 -19.94 -5.91
CA GLN C 69 -0.54 -19.82 -5.10
C GLN C 69 -1.71 -19.38 -5.99
N ILE C 70 -1.46 -18.41 -6.89
CA ILE C 70 -2.48 -17.96 -7.79
C ILE C 70 -2.96 -19.12 -8.67
N LEU C 71 -2.03 -19.92 -9.20
CA LEU C 71 -2.39 -21.08 -10.01
C LEU C 71 -3.25 -22.06 -9.20
N TRP C 72 -2.90 -22.26 -7.93
CA TRP C 72 -3.64 -23.18 -7.08
C TRP C 72 -5.07 -22.68 -6.87
N GLU C 73 -5.27 -21.38 -6.65
CA GLU C 73 -6.61 -20.84 -6.48
C GLU C 73 -7.40 -20.95 -7.78
N LEU C 74 -6.76 -20.53 -8.87
CA LEU C 74 -7.39 -20.43 -10.17
C LEU C 74 -7.80 -21.82 -10.67
N ASP C 75 -6.91 -22.81 -10.53
CA ASP C 75 -7.23 -24.18 -10.87
C ASP C 75 -8.41 -24.68 -10.04
N SER C 76 -8.49 -24.33 -8.75
CA SER C 76 -9.56 -24.82 -7.91
C SER C 76 -10.89 -24.26 -8.40
N VAL C 77 -10.86 -23.02 -8.88
CA VAL C 77 -12.06 -22.37 -9.37
C VAL C 77 -12.47 -22.94 -10.72
N ARG C 78 -11.49 -23.12 -11.63
CA ARG C 78 -11.76 -23.77 -12.91
C ARG C 78 -12.47 -25.11 -12.68
N GLU C 79 -11.96 -25.88 -11.71
CA GLU C 79 -12.50 -27.19 -11.43
C GLU C 79 -13.94 -27.12 -10.92
N ILE C 80 -14.26 -26.13 -10.08
CA ILE C 80 -15.61 -25.95 -9.57
C ILE C 80 -16.59 -25.67 -10.72
N PHE C 81 -16.15 -24.89 -11.71
CA PHE C 81 -16.94 -24.68 -12.92
C PHE C 81 -17.03 -25.99 -13.70
N GLN C 82 -15.87 -26.58 -14.00
CA GLN C 82 -15.78 -27.67 -14.95
C GLN C 82 -16.51 -28.93 -14.46
N ASN C 83 -16.59 -29.14 -13.14
CA ASN C 83 -17.17 -30.36 -12.60
C ASN C 83 -18.65 -30.15 -12.23
N GLY C 84 -19.20 -28.97 -12.50
CA GLY C 84 -20.64 -28.75 -12.35
C GLY C 84 -21.00 -28.24 -10.95
N HIS C 85 -20.04 -28.16 -10.03
CA HIS C 85 -20.30 -27.70 -8.68
C HIS C 85 -20.86 -26.28 -8.67
N VAL C 86 -20.44 -25.44 -9.62
CA VAL C 86 -20.90 -24.05 -9.65
C VAL C 86 -22.42 -23.98 -9.87
N ARG C 87 -23.03 -25.08 -10.36
CA ARG C 87 -24.46 -25.08 -10.59
C ARG C 87 -25.23 -24.94 -9.28
N ASP C 88 -24.63 -25.44 -8.20
CA ASP C 88 -25.17 -25.28 -6.86
C ASP C 88 -24.65 -23.95 -6.32
N GLU C 89 -25.56 -22.99 -6.16
CA GLU C 89 -25.25 -21.59 -5.90
C GLU C 89 -24.68 -21.41 -4.49
N ARG C 90 -24.76 -22.47 -3.69
CA ARG C 90 -24.10 -22.52 -2.39
C ARG C 90 -22.60 -22.28 -2.55
N ASN C 91 -22.06 -22.62 -3.74
CA ASN C 91 -20.62 -22.59 -3.92
C ASN C 91 -20.14 -21.23 -4.42
N MET C 92 -21.04 -20.25 -4.62
CA MET C 92 -20.63 -18.96 -5.16
C MET C 92 -19.75 -18.18 -4.18
N LEU C 93 -19.98 -18.32 -2.86
CA LEU C 93 -19.17 -17.59 -1.88
C LEU C 93 -17.70 -18.03 -1.98
N LYS C 94 -17.47 -19.33 -2.04
CA LYS C 94 -16.13 -19.89 -2.17
C LYS C 94 -15.47 -19.39 -3.47
N VAL C 95 -16.24 -19.39 -4.56
CA VAL C 95 -15.72 -18.95 -5.84
C VAL C 95 -15.24 -17.51 -5.75
N VAL C 96 -16.10 -16.63 -5.23
CA VAL C 96 -15.79 -15.22 -5.17
C VAL C 96 -14.69 -14.97 -4.15
N SER C 97 -14.68 -15.71 -3.04
CA SER C 97 -13.65 -15.52 -2.04
C SER C 97 -12.29 -15.89 -2.61
N ARG C 98 -12.20 -16.94 -3.43
CA ARG C 98 -10.92 -17.31 -3.99
C ARG C 98 -10.48 -16.33 -5.07
N MET C 99 -11.41 -15.81 -5.87
CA MET C 99 -11.06 -14.85 -6.90
C MET C 99 -10.61 -13.53 -6.25
N HIS C 100 -11.27 -13.15 -5.15
CA HIS C 100 -10.87 -11.99 -4.37
C HIS C 100 -9.46 -12.18 -3.81
N ARG C 101 -9.19 -13.39 -3.33
CA ARG C 101 -7.87 -13.73 -2.82
C ARG C 101 -6.80 -13.54 -3.91
N VAL C 102 -7.10 -13.97 -5.14
CA VAL C 102 -6.16 -13.80 -6.24
C VAL C 102 -5.85 -12.33 -6.43
N SER C 103 -6.87 -11.48 -6.34
CA SER C 103 -6.62 -10.07 -6.60
C SER C 103 -5.84 -9.44 -5.43
N VAL C 104 -6.04 -9.92 -4.19
CA VAL C 104 -5.26 -9.45 -3.06
C VAL C 104 -3.78 -9.84 -3.23
N ILE C 105 -3.50 -11.04 -3.72
CA ILE C 105 -2.12 -11.45 -3.98
C ILE C 105 -1.52 -10.57 -5.09
N LEU C 106 -2.29 -10.34 -6.15
CA LEU C 106 -1.79 -9.58 -7.28
C LEU C 106 -1.42 -8.16 -6.82
N LYS C 107 -2.22 -7.59 -5.91
CA LYS C 107 -1.92 -6.26 -5.38
C LYS C 107 -0.58 -6.26 -4.66
N LEU C 108 -0.33 -7.31 -3.86
CA LEU C 108 0.94 -7.41 -3.18
C LEU C 108 2.06 -7.51 -4.20
N LEU C 109 1.85 -8.28 -5.27
CA LEU C 109 2.88 -8.46 -6.31
C LEU C 109 3.20 -7.15 -7.02
N VAL C 110 2.21 -6.27 -7.19
CA VAL C 110 2.44 -4.96 -7.76
C VAL C 110 3.30 -4.12 -6.80
N GLN C 111 2.97 -4.16 -5.51
CA GLN C 111 3.72 -3.40 -4.51
C GLN C 111 5.15 -3.94 -4.38
N GLN C 112 5.34 -5.23 -4.64
CA GLN C 112 6.63 -5.86 -4.47
C GLN C 112 7.70 -5.29 -5.39
N PHE C 113 7.32 -4.66 -6.50
CA PHE C 113 8.29 -3.98 -7.34
C PHE C 113 9.05 -2.92 -6.55
N SER C 114 8.40 -2.29 -5.55
CA SER C 114 9.07 -1.27 -4.73
C SER C 114 10.36 -1.83 -4.10
N ILE C 115 10.45 -3.14 -3.87
CA ILE C 115 11.67 -3.68 -3.29
C ILE C 115 12.82 -3.67 -4.31
N LEU C 116 12.51 -4.11 -5.53
CA LEU C 116 13.54 -4.19 -6.56
C LEU C 116 13.95 -2.78 -6.99
N GLU C 117 13.06 -1.81 -6.84
CA GLU C 117 13.41 -0.44 -7.13
C GLU C 117 14.46 0.12 -6.19
N THR C 118 14.77 -0.56 -5.07
CA THR C 118 15.87 -0.11 -4.21
C THR C 118 17.22 -0.56 -4.78
N MET C 119 17.22 -1.34 -5.87
CA MET C 119 18.45 -1.66 -6.58
C MET C 119 18.68 -0.62 -7.69
N THR C 120 19.83 0.07 -7.68
CA THR C 120 20.07 1.03 -8.75
C THR C 120 20.47 0.29 -10.03
N ALA C 121 20.33 1.00 -11.16
CA ALA C 121 20.72 0.50 -12.45
C ALA C 121 22.23 0.24 -12.44
N LEU C 122 23.01 1.14 -11.83
CA LEU C 122 24.46 0.97 -11.76
C LEU C 122 24.83 -0.35 -11.05
N ASP C 123 24.13 -0.70 -9.98
CA ASP C 123 24.43 -1.91 -9.23
C ASP C 123 23.95 -3.15 -9.98
N PHE C 124 22.79 -3.06 -10.66
CA PHE C 124 22.31 -4.14 -11.50
C PHE C 124 23.34 -4.44 -12.59
N ASN C 125 23.93 -3.39 -13.15
CA ASN C 125 24.89 -3.48 -14.23
C ASN C 125 26.16 -4.24 -13.80
N ASP C 126 26.42 -4.38 -12.51
CA ASP C 126 27.59 -5.11 -12.05
C ASP C 126 27.40 -6.63 -12.11
N PHE C 127 26.16 -7.15 -12.20
CA PHE C 127 26.02 -8.60 -12.27
C PHE C 127 25.17 -9.04 -13.45
N ARG C 128 24.63 -8.09 -14.22
CA ARG C 128 23.75 -8.36 -15.33
C ARG C 128 24.37 -9.38 -16.30
N GLU C 129 25.67 -9.26 -16.58
CA GLU C 129 26.33 -10.11 -17.56
C GLU C 129 26.29 -11.58 -17.15
N TYR C 130 26.29 -11.88 -15.86
CA TYR C 130 26.34 -13.25 -15.39
C TYR C 130 24.99 -13.94 -15.52
N LEU C 131 23.95 -13.21 -15.92
CA LEU C 131 22.60 -13.74 -16.01
C LEU C 131 22.33 -14.24 -17.42
N SER C 132 23.01 -13.66 -18.40
CA SER C 132 22.73 -13.92 -19.80
C SER C 132 22.87 -15.41 -20.08
N PRO C 133 21.96 -16.02 -20.87
CA PRO C 133 20.84 -15.31 -21.51
C PRO C 133 19.48 -15.53 -20.86
N ALA C 134 19.46 -15.72 -19.54
CA ALA C 134 18.21 -15.97 -18.82
C ALA C 134 17.36 -14.69 -18.77
N SER C 135 16.05 -14.86 -18.58
CA SER C 135 15.12 -13.75 -18.56
C SER C 135 13.83 -14.21 -17.90
N GLY C 136 13.11 -13.25 -17.34
CA GLY C 136 11.77 -13.46 -16.81
C GLY C 136 10.80 -14.03 -17.84
N PHE C 137 11.11 -13.76 -19.12
CA PHE C 137 10.32 -14.23 -20.25
C PHE C 137 10.15 -15.75 -20.16
N GLN C 138 11.12 -16.41 -19.50
CA GLN C 138 11.10 -17.85 -19.38
C GLN C 138 10.34 -18.33 -18.13
N SER C 139 9.54 -17.47 -17.49
CA SER C 139 8.74 -17.94 -16.36
C SER C 139 7.62 -18.85 -16.84
N LEU C 140 7.75 -20.15 -16.59
CA LEU C 140 6.71 -21.11 -16.93
C LEU C 140 5.39 -20.73 -16.27
N GLN C 141 5.44 -20.40 -14.98
CA GLN C 141 4.22 -20.18 -14.22
C GLN C 141 3.47 -18.94 -14.71
N PHE C 142 4.20 -17.89 -15.08
CA PHE C 142 3.55 -16.69 -15.58
C PHE C 142 2.76 -17.04 -16.84
N ARG C 143 3.35 -17.85 -17.72
CA ARG C 143 2.69 -18.24 -18.95
C ARG C 143 1.49 -19.12 -18.63
N LEU C 144 1.64 -20.06 -17.70
CA LEU C 144 0.55 -20.94 -17.31
C LEU C 144 -0.63 -20.09 -16.83
N LEU C 145 -0.31 -19.05 -16.05
CA LEU C 145 -1.33 -18.17 -15.51
C LEU C 145 -2.04 -17.41 -16.63
N GLU C 146 -1.27 -16.86 -17.57
CA GLU C 146 -1.85 -16.15 -18.69
C GLU C 146 -2.80 -17.08 -19.46
N ASN C 147 -2.33 -18.30 -19.74
CA ASN C 147 -3.10 -19.23 -20.56
C ASN C 147 -4.38 -19.65 -19.82
N LYS C 148 -4.27 -19.95 -18.52
CA LYS C 148 -5.39 -20.50 -17.79
C LYS C 148 -6.48 -19.45 -17.59
N ILE C 149 -6.10 -18.17 -17.51
CA ILE C 149 -7.08 -17.10 -17.43
C ILE C 149 -7.80 -17.01 -18.78
N GLY C 150 -7.03 -17.02 -19.88
CA GLY C 150 -7.61 -17.10 -21.21
C GLY C 150 -6.93 -16.22 -22.27
N VAL C 151 -5.65 -15.87 -22.09
CA VAL C 151 -4.97 -15.11 -23.12
C VAL C 151 -4.82 -15.99 -24.35
N LEU C 152 -5.23 -15.51 -25.51
CA LEU C 152 -5.15 -16.33 -26.73
C LEU C 152 -3.77 -16.24 -27.37
N GLN C 153 -3.26 -17.39 -27.80
CA GLN C 153 -1.95 -17.46 -28.44
C GLN C 153 -1.94 -16.59 -29.71
N ASN C 154 -3.01 -16.64 -30.50
CA ASN C 154 -3.07 -15.93 -31.77
C ASN C 154 -3.07 -14.41 -31.56
N MET C 155 -3.34 -13.96 -30.32
CA MET C 155 -3.46 -12.54 -30.01
C MET C 155 -2.17 -11.99 -29.41
N ARG C 156 -1.26 -12.88 -28.97
CA ARG C 156 -0.01 -12.44 -28.35
C ARG C 156 0.83 -11.65 -29.35
N VAL C 157 1.52 -10.62 -28.86
CA VAL C 157 2.47 -9.87 -29.66
C VAL C 157 3.80 -10.63 -29.67
N PRO C 158 4.40 -10.93 -30.85
CA PRO C 158 5.69 -11.59 -30.90
C PRO C 158 6.84 -10.70 -30.41
N TYR C 159 7.81 -11.31 -29.70
CA TYR C 159 9.05 -10.65 -29.36
C TYR C 159 10.16 -11.20 -30.25
N ASN C 160 10.89 -10.30 -30.93
CA ASN C 160 11.93 -10.69 -31.87
C ASN C 160 11.40 -11.73 -32.85
N ARG C 161 10.20 -11.49 -33.39
CA ARG C 161 9.59 -12.35 -34.39
C ARG C 161 9.63 -13.81 -33.94
N ARG C 162 9.15 -14.07 -32.72
CA ARG C 162 9.17 -15.42 -32.19
C ARG C 162 7.89 -15.70 -31.42
N HIS C 163 7.45 -16.97 -31.44
CA HIS C 163 6.37 -17.42 -30.58
C HIS C 163 6.90 -17.49 -29.15
N TYR C 164 6.03 -17.26 -28.17
CA TYR C 164 6.47 -17.22 -26.77
C TYR C 164 6.93 -18.61 -26.32
N ARG C 165 6.30 -19.67 -26.85
CA ARG C 165 6.56 -21.03 -26.41
C ARG C 165 7.87 -21.58 -26.96
N ASP C 166 8.45 -20.94 -27.99
CA ASP C 166 9.68 -21.38 -28.64
C ASP C 166 10.80 -21.51 -27.61
N ASN C 167 10.68 -20.74 -26.52
CA ASN C 167 11.69 -20.68 -25.50
C ASN C 167 11.55 -21.83 -24.49
N PHE C 168 10.52 -22.67 -24.62
CA PHE C 168 10.29 -23.75 -23.66
C PHE C 168 10.43 -25.09 -24.36
N LYS C 169 10.84 -26.11 -23.58
CA LYS C 169 11.10 -27.45 -24.11
C LYS C 169 10.72 -28.49 -23.05
N GLY C 170 10.60 -29.76 -23.50
CA GLY C 170 10.40 -30.90 -22.61
C GLY C 170 9.02 -30.86 -21.94
N GLU C 171 8.97 -31.29 -20.67
CA GLU C 171 7.75 -31.31 -19.87
C GLU C 171 7.13 -29.93 -19.76
N GLU C 172 7.98 -28.89 -19.74
CA GLU C 172 7.53 -27.51 -19.60
C GLU C 172 6.68 -27.14 -20.82
N ASN C 173 7.15 -27.50 -22.01
CA ASN C 173 6.41 -27.21 -23.23
C ASN C 173 5.09 -27.99 -23.23
N GLU C 174 5.14 -29.21 -22.68
CA GLU C 174 3.97 -30.09 -22.58
C GLU C 174 2.93 -29.43 -21.69
N LEU C 175 3.36 -28.96 -20.51
CA LEU C 175 2.49 -28.28 -19.58
C LEU C 175 1.83 -27.08 -20.24
N LEU C 176 2.62 -26.27 -20.97
CA LEU C 176 2.12 -25.08 -21.64
C LEU C 176 1.06 -25.44 -22.68
N LEU C 177 1.25 -26.57 -23.37
CA LEU C 177 0.30 -27.06 -24.36
C LEU C 177 -1.04 -27.34 -23.67
N LYS C 178 -0.99 -28.15 -22.60
CA LYS C 178 -2.18 -28.47 -21.83
C LYS C 178 -2.87 -27.19 -21.37
N SER C 179 -2.06 -26.21 -20.92
CA SER C 179 -2.59 -24.94 -20.44
C SER C 179 -3.36 -24.23 -21.55
N GLU C 180 -2.96 -24.42 -22.80
CA GLU C 180 -3.64 -23.80 -23.93
C GLU C 180 -4.86 -24.61 -24.34
N GLN C 181 -4.79 -25.95 -24.21
CA GLN C 181 -5.82 -26.85 -24.73
C GLN C 181 -7.00 -26.96 -23.76
N GLU C 182 -6.71 -26.99 -22.45
CA GLU C 182 -7.74 -27.15 -21.45
C GLU C 182 -8.60 -25.90 -21.39
N LYS C 183 -9.81 -26.05 -20.84
CA LYS C 183 -10.77 -24.96 -20.76
C LYS C 183 -10.20 -23.83 -19.88
N THR C 184 -10.27 -22.61 -20.41
CA THR C 184 -9.76 -21.46 -19.70
C THR C 184 -10.84 -20.93 -18.76
N LEU C 185 -10.46 -20.06 -17.83
CA LEU C 185 -11.41 -19.42 -16.96
C LEU C 185 -12.46 -18.67 -17.78
N LEU C 186 -12.02 -17.97 -18.83
CA LEU C 186 -12.91 -17.25 -19.73
C LEU C 186 -13.97 -18.19 -20.30
N GLU C 187 -13.56 -19.35 -20.84
CA GLU C 187 -14.50 -20.28 -21.45
C GLU C 187 -15.48 -20.82 -20.41
N LEU C 188 -15.00 -21.08 -19.20
CA LEU C 188 -15.83 -21.66 -18.16
C LEU C 188 -16.86 -20.65 -17.67
N VAL C 189 -16.43 -19.39 -17.48
CA VAL C 189 -17.34 -18.32 -17.12
C VAL C 189 -18.36 -18.10 -18.24
N GLU C 190 -17.89 -18.11 -19.50
CA GLU C 190 -18.77 -17.97 -20.64
C GLU C 190 -19.93 -18.96 -20.58
N ALA C 191 -19.62 -20.26 -20.45
CA ALA C 191 -20.65 -21.29 -20.41
C ALA C 191 -21.65 -21.01 -19.29
N TRP C 192 -21.16 -20.62 -18.10
CA TRP C 192 -22.01 -20.34 -16.97
C TRP C 192 -22.89 -19.11 -17.25
N LEU C 193 -22.32 -18.08 -17.89
CA LEU C 193 -23.07 -16.89 -18.25
C LEU C 193 -24.19 -17.21 -19.23
N GLU C 194 -23.95 -18.17 -20.13
CA GLU C 194 -24.94 -18.57 -21.13
C GLU C 194 -26.18 -19.17 -20.46
N ARG C 195 -26.01 -19.75 -19.25
CA ARG C 195 -27.14 -20.35 -18.55
C ARG C 195 -27.81 -19.36 -17.61
N THR C 196 -27.44 -18.07 -17.64
CA THR C 196 -27.95 -17.11 -16.68
C THR C 196 -29.48 -17.07 -16.75
N PRO C 197 -30.22 -17.20 -15.62
CA PRO C 197 -31.68 -17.10 -15.64
C PRO C 197 -32.17 -15.74 -16.12
N GLY C 198 -33.27 -15.73 -16.88
CA GLY C 198 -33.88 -14.49 -17.33
C GLY C 198 -33.84 -14.29 -18.85
N LEU C 199 -32.98 -15.06 -19.53
CA LEU C 199 -32.78 -14.90 -20.97
C LEU C 199 -33.83 -15.66 -21.77
N GLU C 200 -34.60 -16.55 -21.13
CA GLU C 200 -35.56 -17.39 -21.83
C GLU C 200 -36.62 -16.51 -22.52
N PRO C 201 -36.79 -16.62 -23.85
CA PRO C 201 -37.86 -15.90 -24.55
C PRO C 201 -39.27 -16.23 -24.04
N HIS C 202 -39.44 -17.48 -23.58
CA HIS C 202 -40.70 -17.93 -23.02
C HIS C 202 -40.85 -17.42 -21.57
N GLY C 203 -39.76 -16.88 -21.01
CA GLY C 203 -39.69 -16.50 -19.60
C GLY C 203 -39.71 -14.99 -19.44
N PHE C 204 -38.69 -14.44 -18.76
CA PHE C 204 -38.62 -13.01 -18.51
C PHE C 204 -38.27 -12.26 -19.80
N ASN C 205 -37.66 -12.96 -20.77
CA ASN C 205 -37.41 -12.44 -22.11
C ASN C 205 -36.68 -11.10 -22.04
N PHE C 206 -35.50 -11.14 -21.39
CA PHE C 206 -34.73 -9.95 -21.09
C PHE C 206 -34.39 -9.19 -22.37
N TRP C 207 -33.80 -9.90 -23.35
CA TRP C 207 -33.27 -9.25 -24.54
C TRP C 207 -34.38 -8.56 -25.31
N GLY C 208 -35.51 -9.27 -25.50
CA GLY C 208 -36.64 -8.72 -26.24
C GLY C 208 -37.16 -7.43 -25.60
N LYS C 209 -37.35 -7.49 -24.27
CA LYS C 209 -37.90 -6.36 -23.54
C LYS C 209 -36.91 -5.19 -23.60
N LEU C 210 -35.61 -5.51 -23.53
CA LEU C 210 -34.59 -4.49 -23.49
C LEU C 210 -34.56 -3.73 -24.82
N GLU C 211 -34.54 -4.48 -25.91
CA GLU C 211 -34.56 -3.87 -27.24
C GLU C 211 -35.78 -2.95 -27.37
N LYS C 212 -36.94 -3.47 -26.98
CA LYS C 212 -38.19 -2.71 -27.06
C LYS C 212 -38.07 -1.42 -26.24
N ASN C 213 -37.59 -1.53 -25.00
CA ASN C 213 -37.56 -0.36 -24.12
C ASN C 213 -36.56 0.67 -24.64
N ILE C 214 -35.42 0.20 -25.16
CA ILE C 214 -34.40 1.12 -25.68
C ILE C 214 -34.95 1.82 -26.93
N THR C 215 -35.61 1.07 -27.82
CA THR C 215 -36.19 1.65 -29.02
C THR C 215 -37.18 2.76 -28.63
N ARG C 216 -38.07 2.46 -27.68
CA ARG C 216 -39.07 3.42 -27.24
C ARG C 216 -38.39 4.63 -26.61
N GLY C 217 -37.42 4.37 -25.73
CA GLY C 217 -36.70 5.42 -25.04
C GLY C 217 -36.04 6.40 -26.02
N LEU C 218 -35.41 5.86 -27.07
CA LEU C 218 -34.80 6.69 -28.09
C LEU C 218 -35.88 7.50 -28.81
N GLU C 219 -37.01 6.85 -29.16
CA GLU C 219 -38.12 7.56 -29.80
C GLU C 219 -38.50 8.79 -28.96
N GLU C 220 -38.73 8.57 -27.67
CA GLU C 220 -39.18 9.60 -26.74
C GLU C 220 -38.16 10.75 -26.72
N GLU C 221 -36.87 10.41 -26.64
CA GLU C 221 -35.82 11.43 -26.56
C GLU C 221 -35.80 12.25 -27.85
N PHE C 222 -35.96 11.58 -28.98
CA PHE C 222 -35.96 12.25 -30.28
C PHE C 222 -37.04 13.34 -30.29
N ILE C 223 -38.23 13.02 -29.77
CA ILE C 223 -39.35 13.95 -29.73
C ILE C 223 -38.95 15.20 -28.95
N ARG C 224 -38.34 15.00 -27.76
CA ARG C 224 -37.84 16.10 -26.96
C ARG C 224 -36.88 16.97 -27.77
N ILE C 225 -35.97 16.32 -28.54
CA ILE C 225 -35.02 17.04 -29.37
C ILE C 225 -35.76 17.86 -30.43
N GLN C 226 -36.71 17.22 -31.12
CA GLN C 226 -37.49 17.88 -32.15
C GLN C 226 -38.28 19.04 -31.55
N ALA C 227 -38.73 18.88 -30.30
CA ALA C 227 -39.50 19.92 -29.62
C ALA C 227 -38.68 21.21 -29.47
N LYS C 228 -37.37 21.05 -29.31
CA LYS C 228 -36.48 22.21 -29.21
C LYS C 228 -36.49 22.95 -30.55
N SER C 231 -30.40 25.69 -32.26
CA SER C 231 -29.22 26.23 -31.53
C SER C 231 -28.11 25.20 -31.54
N GLU C 232 -26.87 25.63 -31.27
CA GLU C 232 -25.73 24.74 -31.16
C GLU C 232 -25.98 23.72 -30.04
N GLU C 233 -26.62 24.16 -28.95
CA GLU C 233 -26.94 23.27 -27.85
C GLU C 233 -27.83 22.14 -28.37
N LYS C 234 -28.91 22.51 -29.06
CA LYS C 234 -29.80 21.53 -29.69
C LYS C 234 -28.98 20.66 -30.65
N GLU C 235 -28.15 21.31 -31.46
CA GLU C 235 -27.34 20.62 -32.46
C GLU C 235 -26.44 19.60 -31.77
N GLU C 236 -25.83 19.99 -30.65
CA GLU C 236 -24.97 19.09 -29.87
C GLU C 236 -25.79 17.90 -29.40
N GLN C 237 -26.98 18.16 -28.82
CA GLN C 237 -27.88 17.11 -28.38
C GLN C 237 -28.24 16.20 -29.56
N VAL C 238 -28.48 16.78 -30.73
CA VAL C 238 -28.75 16.03 -31.95
C VAL C 238 -27.59 15.06 -32.22
N ALA C 239 -26.36 15.59 -32.22
CA ALA C 239 -25.18 14.80 -32.51
C ALA C 239 -25.03 13.68 -31.49
N GLU C 240 -25.16 14.04 -30.20
CA GLU C 240 -25.07 13.08 -29.11
C GLU C 240 -26.09 11.96 -29.33
N PHE C 241 -27.35 12.34 -29.58
CA PHE C 241 -28.42 11.37 -29.75
C PHE C 241 -28.02 10.37 -30.82
N GLN C 242 -27.44 10.89 -31.92
CA GLN C 242 -27.09 10.03 -33.05
C GLN C 242 -26.04 9.01 -32.60
N LYS C 243 -25.03 9.47 -31.85
CA LYS C 243 -23.97 8.59 -31.36
C LYS C 243 -24.54 7.56 -30.40
N GLN C 244 -25.32 8.03 -29.42
CA GLN C 244 -25.89 7.15 -28.43
C GLN C 244 -26.76 6.12 -29.14
N LYS C 245 -27.59 6.57 -30.10
CA LYS C 245 -28.50 5.69 -30.80
C LYS C 245 -27.71 4.56 -31.48
N GLU C 246 -26.67 4.94 -32.22
CA GLU C 246 -25.85 3.97 -32.93
C GLU C 246 -25.28 2.97 -31.93
N VAL C 247 -24.70 3.48 -30.84
CA VAL C 247 -24.06 2.61 -29.86
C VAL C 247 -25.08 1.63 -29.30
N LEU C 248 -26.22 2.14 -28.81
CA LEU C 248 -27.18 1.30 -28.11
C LEU C 248 -27.77 0.27 -29.06
N LEU C 249 -28.08 0.69 -30.29
CA LEU C 249 -28.74 -0.24 -31.20
C LEU C 249 -27.74 -1.28 -31.67
N SER C 250 -26.46 -0.91 -31.79
CA SER C 250 -25.41 -1.84 -32.17
C SER C 250 -25.38 -3.07 -31.25
N LEU C 251 -25.84 -2.92 -30.00
CA LEU C 251 -25.85 -4.03 -29.06
C LEU C 251 -26.69 -5.20 -29.57
N PHE C 252 -27.72 -4.91 -30.36
CA PHE C 252 -28.67 -5.91 -30.83
C PHE C 252 -28.24 -6.49 -32.18
N ASP C 253 -27.05 -6.15 -32.68
CA ASP C 253 -26.54 -6.70 -33.93
C ASP C 253 -25.68 -7.94 -33.63
N GLU C 254 -26.32 -9.12 -33.68
CA GLU C 254 -25.63 -10.36 -33.36
C GLU C 254 -24.50 -10.63 -34.36
N LYS C 255 -24.71 -10.19 -35.61
CA LYS C 255 -23.79 -10.42 -36.70
C LYS C 255 -22.51 -9.62 -36.47
N ARG C 256 -22.65 -8.35 -36.08
CA ARG C 256 -21.48 -7.55 -35.77
C ARG C 256 -20.68 -8.20 -34.66
N HIS C 257 -21.37 -8.73 -33.66
CA HIS C 257 -20.68 -9.37 -32.53
C HIS C 257 -19.83 -10.54 -33.03
N GLU C 258 -20.43 -11.41 -33.86
CA GLU C 258 -19.76 -12.59 -34.36
C GLU C 258 -18.50 -12.19 -35.14
N HIS C 259 -18.61 -11.11 -35.93
CA HIS C 259 -17.48 -10.58 -36.69
C HIS C 259 -16.37 -10.16 -35.75
N LEU C 260 -16.73 -9.39 -34.71
CA LEU C 260 -15.72 -8.88 -33.78
C LEU C 260 -15.10 -10.03 -32.99
N LEU C 261 -15.92 -11.04 -32.69
CA LEU C 261 -15.44 -12.28 -32.07
C LEU C 261 -14.37 -12.92 -32.95
N SER C 262 -14.63 -12.94 -34.27
CA SER C 262 -13.70 -13.53 -35.23
C SER C 262 -12.36 -12.81 -35.19
N LYS C 263 -12.38 -11.49 -35.00
CA LYS C 263 -11.16 -10.70 -35.04
C LYS C 263 -10.43 -10.81 -33.70
N GLY C 264 -11.15 -11.23 -32.68
CA GLY C 264 -10.60 -11.28 -31.34
C GLY C 264 -10.79 -9.96 -30.60
N GLU C 265 -11.57 -9.03 -31.14
CA GLU C 265 -11.84 -7.78 -30.44
C GLU C 265 -12.86 -7.99 -29.31
N ARG C 266 -13.64 -9.07 -29.40
CA ARG C 266 -14.49 -9.51 -28.29
C ARG C 266 -14.15 -10.97 -28.02
N ARG C 267 -14.56 -11.48 -26.86
CA ARG C 267 -14.18 -12.81 -26.44
C ARG C 267 -15.38 -13.67 -26.06
N LEU C 268 -16.42 -13.06 -25.47
CA LEU C 268 -17.59 -13.81 -25.03
C LEU C 268 -18.56 -13.99 -26.19
N SER C 269 -19.25 -15.14 -26.18
CA SER C 269 -20.39 -15.38 -27.05
C SER C 269 -21.47 -14.33 -26.81
N TYR C 270 -22.31 -14.14 -27.81
CA TYR C 270 -23.38 -13.16 -27.74
C TYR C 270 -24.30 -13.50 -26.56
N ARG C 271 -24.57 -14.79 -26.37
CA ARG C 271 -25.46 -15.21 -25.32
C ARG C 271 -24.85 -14.94 -23.95
N ALA C 272 -23.54 -15.17 -23.79
CA ALA C 272 -22.85 -14.91 -22.54
C ALA C 272 -22.88 -13.42 -22.23
N LEU C 273 -22.74 -12.59 -23.27
CA LEU C 273 -22.80 -11.15 -23.11
C LEU C 273 -24.16 -10.74 -22.57
N GLN C 274 -25.22 -11.40 -23.06
CA GLN C 274 -26.56 -11.14 -22.58
C GLN C 274 -26.69 -11.50 -21.09
N GLY C 275 -26.13 -12.66 -20.71
CA GLY C 275 -26.10 -13.09 -19.32
C GLY C 275 -25.41 -12.07 -18.43
N ALA C 276 -24.25 -11.58 -18.88
CA ALA C 276 -23.49 -10.60 -18.11
C ALA C 276 -24.29 -9.32 -17.91
N LEU C 277 -24.98 -8.85 -18.94
CA LEU C 277 -25.73 -7.62 -18.83
C LEU C 277 -26.95 -7.82 -17.92
N MET C 278 -27.54 -9.02 -17.94
CA MET C 278 -28.63 -9.35 -17.05
C MET C 278 -28.16 -9.20 -15.59
N ILE C 279 -27.00 -9.79 -15.28
CA ILE C 279 -26.43 -9.71 -13.95
C ILE C 279 -26.12 -8.25 -13.60
N TYR C 280 -25.61 -7.47 -14.56
CA TYR C 280 -25.26 -6.07 -14.33
C TYR C 280 -26.50 -5.29 -13.92
N PHE C 281 -27.57 -5.45 -14.70
CA PHE C 281 -28.74 -4.62 -14.52
C PHE C 281 -29.54 -5.07 -13.31
N TYR C 282 -29.52 -6.36 -12.97
CA TYR C 282 -30.32 -6.86 -11.87
C TYR C 282 -29.46 -7.32 -10.69
N ARG C 283 -28.30 -6.68 -10.51
CA ARG C 283 -27.29 -7.05 -9.53
C ARG C 283 -27.84 -7.11 -8.10
N GLU C 284 -28.81 -6.25 -7.78
CA GLU C 284 -29.37 -6.16 -6.45
C GLU C 284 -30.29 -7.36 -6.15
N GLU C 285 -30.84 -8.00 -7.19
CA GLU C 285 -31.66 -9.18 -6.98
C GLU C 285 -30.83 -10.25 -6.27
N PRO C 286 -31.34 -10.88 -5.18
CA PRO C 286 -30.54 -11.76 -4.34
C PRO C 286 -29.67 -12.80 -5.05
N ARG C 287 -30.24 -13.46 -6.07
CA ARG C 287 -29.52 -14.48 -6.81
C ARG C 287 -28.36 -13.91 -7.64
N PHE C 288 -28.37 -12.59 -7.90
CA PHE C 288 -27.35 -11.98 -8.74
C PHE C 288 -26.30 -11.22 -7.94
N GLN C 289 -26.48 -11.09 -6.62
CA GLN C 289 -25.58 -10.27 -5.82
C GLN C 289 -24.16 -10.83 -5.85
N VAL C 290 -23.99 -12.12 -5.56
CA VAL C 290 -22.65 -12.69 -5.53
C VAL C 290 -22.12 -12.87 -6.95
N PRO C 291 -22.92 -13.34 -7.93
CA PRO C 291 -22.54 -13.27 -9.34
C PRO C 291 -21.99 -11.92 -9.82
N PHE C 292 -22.64 -10.83 -9.39
CA PHE C 292 -22.14 -9.51 -9.73
C PHE C 292 -20.73 -9.30 -9.15
N GLN C 293 -20.52 -9.73 -7.91
CA GLN C 293 -19.24 -9.61 -7.27
C GLN C 293 -18.20 -10.40 -8.06
N LEU C 294 -18.60 -11.57 -8.58
CA LEU C 294 -17.68 -12.37 -9.37
C LEU C 294 -17.25 -11.59 -10.61
N LEU C 295 -18.20 -10.98 -11.31
CA LEU C 295 -17.88 -10.26 -12.54
C LEU C 295 -16.91 -9.12 -12.24
N THR C 296 -17.18 -8.40 -11.15
CA THR C 296 -16.34 -7.32 -10.66
C THR C 296 -14.93 -7.84 -10.41
N SER C 297 -14.84 -9.03 -9.82
CA SER C 297 -13.56 -9.62 -9.45
C SER C 297 -12.77 -10.05 -10.69
N LEU C 298 -13.45 -10.54 -11.72
CA LEU C 298 -12.78 -10.91 -12.96
C LEU C 298 -12.18 -9.68 -13.62
N MET C 299 -12.91 -8.56 -13.61
CA MET C 299 -12.36 -7.32 -14.15
C MET C 299 -11.16 -6.89 -13.31
N ASP C 300 -11.24 -7.04 -11.97
CA ASP C 300 -10.16 -6.65 -11.09
C ASP C 300 -8.88 -7.41 -11.43
N ILE C 301 -9.01 -8.71 -11.72
CA ILE C 301 -7.84 -9.52 -12.03
C ILE C 301 -7.19 -9.05 -13.33
N ASP C 302 -8.00 -8.75 -14.36
CA ASP C 302 -7.49 -8.19 -15.60
C ASP C 302 -6.75 -6.88 -15.36
N SER C 303 -7.35 -6.00 -14.54
CA SER C 303 -6.75 -4.70 -14.24
C SER C 303 -5.40 -4.87 -13.54
N LEU C 304 -5.35 -5.80 -12.58
CA LEU C 304 -4.17 -6.00 -11.77
C LEU C 304 -3.06 -6.70 -12.56
N MET C 305 -3.42 -7.61 -13.46
CA MET C 305 -2.45 -8.23 -14.35
C MET C 305 -1.79 -7.16 -15.22
N THR C 306 -2.62 -6.24 -15.74
CA THR C 306 -2.11 -5.16 -16.58
C THR C 306 -1.21 -4.25 -15.74
N LYS C 307 -1.60 -4.00 -14.49
CA LYS C 307 -0.83 -3.13 -13.61
C LYS C 307 0.53 -3.77 -13.32
N TRP C 308 0.54 -5.09 -13.13
CA TRP C 308 1.80 -5.80 -12.98
C TRP C 308 2.68 -5.55 -14.20
N ARG C 309 2.10 -5.68 -15.40
CA ARG C 309 2.88 -5.56 -16.63
C ARG C 309 3.45 -4.13 -16.76
N TYR C 310 2.63 -3.15 -16.37
CA TYR C 310 3.04 -1.75 -16.47
C TYR C 310 4.16 -1.45 -15.49
N ASN C 311 4.03 -1.89 -14.23
CA ASN C 311 5.07 -1.65 -13.24
C ASN C 311 6.37 -2.34 -13.67
N HIS C 312 6.25 -3.51 -14.31
CA HIS C 312 7.39 -4.22 -14.82
C HIS C 312 8.09 -3.39 -15.90
N VAL C 313 7.32 -2.85 -16.85
CA VAL C 313 7.84 -1.96 -17.89
C VAL C 313 8.65 -0.81 -17.26
N CYS C 314 8.04 -0.08 -16.31
CA CYS C 314 8.70 1.10 -15.75
C CYS C 314 10.05 0.70 -15.17
N MET C 315 10.13 -0.50 -14.59
CA MET C 315 11.37 -0.93 -13.95
C MET C 315 12.42 -1.29 -14.99
N VAL C 316 12.02 -2.09 -15.99
CA VAL C 316 12.94 -2.44 -17.06
C VAL C 316 13.55 -1.17 -17.68
N HIS C 317 12.74 -0.11 -17.81
CA HIS C 317 13.20 1.14 -18.40
C HIS C 317 14.32 1.74 -17.57
N ARG C 318 14.11 1.77 -16.26
CA ARG C 318 15.03 2.42 -15.35
C ARG C 318 16.37 1.66 -15.32
N MET C 319 16.29 0.34 -15.51
CA MET C 319 17.41 -0.56 -15.36
C MET C 319 18.22 -0.70 -16.64
N LEU C 320 17.57 -0.77 -17.82
CA LEU C 320 18.26 -1.11 -19.05
C LEU C 320 18.29 0.09 -20.02
N GLY C 321 17.38 1.06 -19.85
CA GLY C 321 17.22 2.11 -20.81
C GLY C 321 16.19 1.74 -21.88
N SER C 322 15.86 2.73 -22.72
CA SER C 322 14.79 2.56 -23.70
C SER C 322 15.24 1.73 -24.92
N LYS C 323 16.55 1.52 -25.07
CA LYS C 323 17.08 0.82 -26.24
C LYS C 323 17.20 -0.68 -26.01
N ALA C 324 17.75 -1.09 -24.86
CA ALA C 324 17.91 -2.52 -24.59
C ALA C 324 16.53 -3.18 -24.42
N SER C 329 14.69 -5.01 -31.61
CA SER C 329 13.51 -5.11 -30.71
C SER C 329 13.94 -4.75 -29.29
N SER C 330 13.47 -3.59 -28.83
CA SER C 330 13.72 -3.12 -27.47
C SER C 330 12.78 -3.85 -26.50
N GLY C 331 13.33 -4.42 -25.42
CA GLY C 331 12.51 -5.07 -24.39
C GLY C 331 11.43 -4.11 -23.89
N TYR C 332 11.88 -2.88 -23.58
CA TYR C 332 11.03 -1.80 -23.11
C TYR C 332 9.81 -1.63 -24.03
N HIS C 333 10.05 -1.51 -25.34
CA HIS C 333 8.98 -1.25 -26.30
C HIS C 333 8.07 -2.47 -26.48
N TYR C 334 8.63 -3.70 -26.46
CA TYR C 334 7.81 -4.90 -26.53
C TYR C 334 6.89 -4.97 -25.31
N LEU C 335 7.44 -4.68 -24.14
CA LEU C 335 6.67 -4.78 -22.91
C LEU C 335 5.55 -3.73 -22.90
N ARG C 336 5.86 -2.51 -23.40
CA ARG C 336 4.86 -1.44 -23.49
C ARG C 336 3.68 -1.94 -24.33
N SER C 337 3.98 -2.72 -25.36
CA SER C 337 2.98 -3.29 -26.26
C SER C 337 2.06 -4.29 -25.54
N THR C 338 2.51 -4.90 -24.43
CA THR C 338 1.71 -5.88 -23.72
C THR C 338 0.67 -5.17 -22.85
N VAL C 339 0.83 -3.87 -22.62
CA VAL C 339 -0.14 -3.08 -21.87
C VAL C 339 -1.22 -2.64 -22.84
N SER C 340 -2.12 -3.57 -23.21
CA SER C 340 -3.07 -3.34 -24.28
C SER C 340 -4.28 -4.25 -24.10
N ASP C 341 -5.40 -3.88 -24.71
CA ASP C 341 -6.63 -4.66 -24.65
C ASP C 341 -6.41 -6.07 -25.22
N ARG C 342 -5.34 -6.21 -26.02
CA ARG C 342 -4.93 -7.48 -26.56
C ARG C 342 -4.73 -8.52 -25.46
N TYR C 343 -4.29 -8.08 -24.27
CA TYR C 343 -4.02 -8.99 -23.17
C TYR C 343 -5.14 -8.94 -22.13
N LYS C 344 -6.23 -8.21 -22.38
CA LYS C 344 -7.37 -8.14 -21.46
C LYS C 344 -8.42 -9.19 -21.80
N VAL C 345 -8.46 -10.26 -21.01
CA VAL C 345 -9.31 -11.41 -21.29
C VAL C 345 -10.79 -11.07 -21.10
N PHE C 346 -11.12 -10.26 -20.09
CA PHE C 346 -12.52 -9.97 -19.76
C PHE C 346 -12.91 -8.58 -20.23
N VAL C 347 -12.31 -8.16 -21.36
CA VAL C 347 -12.56 -6.87 -21.97
C VAL C 347 -14.06 -6.65 -22.20
N ASP C 348 -14.81 -7.73 -22.47
CA ASP C 348 -16.24 -7.56 -22.71
C ASP C 348 -16.96 -7.04 -21.45
N LEU C 349 -16.49 -7.47 -20.27
CA LEU C 349 -17.11 -7.05 -19.02
C LEU C 349 -16.87 -5.56 -18.80
N PHE C 350 -15.68 -5.06 -19.17
CA PHE C 350 -15.38 -3.64 -19.08
C PHE C 350 -16.28 -2.86 -20.02
N ASN C 351 -16.53 -3.41 -21.21
CA ASN C 351 -17.14 -2.62 -22.27
C ASN C 351 -18.65 -2.54 -22.08
N LEU C 352 -19.22 -3.34 -21.16
CA LEU C 352 -20.64 -3.21 -20.86
C LEU C 352 -21.01 -1.82 -20.32
N SER C 353 -20.05 -1.09 -19.70
CA SER C 353 -20.27 0.30 -19.32
C SER C 353 -20.72 1.17 -20.50
N THR C 354 -20.22 0.91 -21.71
CA THR C 354 -20.63 1.62 -22.92
C THR C 354 -22.16 1.57 -23.13
N TYR C 355 -22.83 0.48 -22.67
CA TYR C 355 -24.24 0.27 -23.01
C TYR C 355 -25.18 0.56 -21.84
N LEU C 356 -24.75 1.44 -20.92
CA LEU C 356 -25.61 1.89 -19.83
C LEU C 356 -26.73 2.79 -20.36
N ILE C 357 -27.92 2.59 -19.79
CA ILE C 357 -29.12 3.32 -20.17
C ILE C 357 -29.70 3.97 -18.91
N PRO C 358 -30.64 4.93 -19.03
CA PRO C 358 -31.37 5.40 -17.86
C PRO C 358 -32.02 4.21 -17.15
N ARG C 359 -32.05 4.26 -15.81
CA ARG C 359 -32.57 3.15 -15.01
C ARG C 359 -34.00 2.82 -15.40
N HIS C 360 -34.80 3.86 -15.71
CA HIS C 360 -36.22 3.67 -15.98
C HIS C 360 -36.43 2.93 -17.30
N TRP C 361 -35.40 2.81 -18.14
CA TRP C 361 -35.52 2.04 -19.37
C TRP C 361 -35.33 0.55 -19.08
N ILE C 362 -34.81 0.19 -17.91
CA ILE C 362 -34.47 -1.19 -17.65
C ILE C 362 -35.78 -1.96 -17.43
N PRO C 363 -36.02 -3.09 -18.15
CA PRO C 363 -37.23 -3.87 -17.96
C PRO C 363 -37.45 -4.16 -16.47
N LYS C 364 -38.67 -3.90 -16.00
CA LYS C 364 -39.02 -4.02 -14.60
C LYS C 364 -39.04 -5.49 -14.17
N MET C 365 -38.64 -5.74 -12.93
CA MET C 365 -38.58 -7.09 -12.38
C MET C 365 -39.40 -7.12 -11.08
N ASN C 366 -40.72 -7.24 -11.21
CA ASN C 366 -41.60 -7.24 -10.04
C ASN C 366 -41.47 -8.56 -9.32
N PRO C 367 -41.73 -8.64 -7.99
CA PRO C 367 -41.70 -9.91 -7.26
C PRO C 367 -42.41 -11.02 -8.05
N THR C 368 -43.53 -10.64 -8.69
CA THR C 368 -44.28 -11.55 -9.54
C THR C 368 -43.32 -12.34 -10.43
N ILE C 369 -42.43 -11.61 -11.12
CA ILE C 369 -41.50 -12.21 -12.05
C ILE C 369 -40.10 -12.30 -11.41
N HIS C 370 -40.05 -12.17 -10.07
CA HIS C 370 -38.80 -12.23 -9.31
C HIS C 370 -38.60 -13.61 -8.68
N LYS C 371 -39.68 -14.38 -8.51
CA LYS C 371 -39.58 -15.67 -7.82
C LYS C 371 -38.33 -16.42 -8.30
N PHE C 372 -38.05 -16.34 -9.61
CA PHE C 372 -36.93 -17.08 -10.19
C PHE C 372 -35.60 -16.55 -9.62
N LEU C 373 -35.54 -15.24 -9.34
CA LEU C 373 -34.37 -14.64 -8.72
C LEU C 373 -34.50 -14.58 -7.17
N GLY D 23 23.87 -22.48 -21.68
CA GLY D 23 22.86 -21.42 -21.50
C GLY D 23 22.24 -21.54 -20.11
N LEU D 24 22.32 -20.45 -19.33
CA LEU D 24 21.60 -20.33 -18.07
C LEU D 24 20.11 -20.11 -18.34
N ILE D 25 19.26 -20.91 -17.67
CA ILE D 25 17.82 -20.83 -17.79
C ILE D 25 17.24 -20.30 -16.47
N TYR D 26 16.17 -19.49 -16.58
CA TYR D 26 15.51 -18.83 -15.46
C TYR D 26 15.28 -19.78 -14.28
N GLY D 27 14.56 -20.89 -14.54
CA GLY D 27 14.18 -21.81 -13.49
C GLY D 27 15.39 -22.42 -12.79
N ASN D 28 16.47 -22.70 -13.54
CA ASN D 28 17.67 -23.28 -12.97
C ASN D 28 18.41 -22.23 -12.15
N TYR D 29 18.52 -21.00 -12.70
CA TYR D 29 19.20 -19.91 -12.02
C TYR D 29 18.55 -19.67 -10.66
N LEU D 30 17.20 -19.70 -10.62
CA LEU D 30 16.45 -19.43 -9.41
C LEU D 30 16.22 -20.70 -8.58
N HIS D 31 16.76 -21.85 -9.03
CA HIS D 31 16.61 -23.11 -8.33
C HIS D 31 15.13 -23.37 -8.01
N LEU D 32 14.27 -23.17 -9.00
CA LEU D 32 12.83 -23.40 -8.84
C LEU D 32 12.52 -24.88 -8.63
N GLU D 33 13.45 -25.77 -8.96
CA GLU D 33 13.24 -27.20 -8.70
C GLU D 33 13.20 -27.42 -7.18
N LYS D 34 13.79 -26.51 -6.41
CA LYS D 34 13.71 -26.56 -4.96
C LYS D 34 12.52 -25.76 -4.45
N VAL D 35 12.43 -24.49 -4.86
CA VAL D 35 11.46 -23.55 -4.30
C VAL D 35 10.04 -24.02 -4.58
N LEU D 36 9.79 -24.56 -5.79
CA LEU D 36 8.43 -24.93 -6.20
C LEU D 36 8.16 -26.42 -6.01
N ASN D 37 9.03 -27.13 -5.28
CA ASN D 37 8.75 -28.47 -4.81
C ASN D 37 8.93 -28.56 -3.30
N ALA D 38 8.43 -27.56 -2.59
CA ALA D 38 8.61 -27.45 -1.15
C ALA D 38 7.25 -27.29 -0.45
N GLN D 39 6.18 -27.63 -1.20
CA GLN D 39 4.82 -27.42 -0.75
C GLN D 39 4.15 -28.77 -0.52
N GLU D 40 4.11 -29.21 0.74
CA GLU D 40 3.43 -30.45 1.11
C GLU D 40 2.38 -30.17 2.17
N LEU D 41 1.11 -30.39 1.82
CA LEU D 41 0.00 -30.22 2.74
C LEU D 41 -0.09 -31.42 3.68
N GLN D 42 0.03 -31.16 4.97
CA GLN D 42 -0.13 -32.20 5.98
C GLN D 42 -1.55 -32.77 5.95
N SER D 43 -2.53 -31.91 5.65
CA SER D 43 -3.90 -32.36 5.52
C SER D 43 -3.98 -33.46 4.45
N GLU D 44 -3.27 -33.27 3.33
CA GLU D 44 -3.26 -34.22 2.23
C GLU D 44 -2.43 -35.45 2.58
N THR D 45 -1.28 -35.27 3.22
CA THR D 45 -0.45 -36.38 3.68
C THR D 45 -1.25 -37.31 4.59
N LYS D 46 -2.27 -36.79 5.30
CA LYS D 46 -3.06 -37.59 6.21
C LYS D 46 -4.43 -37.91 5.62
N GLY D 47 -4.60 -37.73 4.31
CA GLY D 47 -5.76 -38.25 3.59
C GLY D 47 -7.00 -37.34 3.72
N ASN D 48 -6.80 -36.04 3.88
CA ASN D 48 -7.91 -35.10 4.07
C ASN D 48 -7.48 -33.69 3.66
N LYS D 49 -7.16 -33.53 2.38
CA LYS D 49 -6.62 -32.31 1.82
C LYS D 49 -7.55 -31.13 2.09
N ILE D 50 -7.00 -30.04 2.60
CA ILE D 50 -7.76 -28.82 2.85
C ILE D 50 -7.11 -27.73 2.01
N HIS D 51 -7.94 -27.10 1.16
CA HIS D 51 -7.49 -26.19 0.13
C HIS D 51 -6.61 -25.07 0.71
N ASP D 52 -7.07 -24.45 1.80
CA ASP D 52 -6.43 -23.24 2.32
C ASP D 52 -5.08 -23.55 2.97
N GLU D 53 -4.77 -24.82 3.24
CA GLU D 53 -3.45 -25.12 3.80
C GLU D 53 -2.33 -24.66 2.87
N HIS D 54 -2.58 -24.71 1.56
CA HIS D 54 -1.57 -24.31 0.58
C HIS D 54 -1.19 -22.84 0.79
N LEU D 55 -2.19 -21.99 1.00
CA LEU D 55 -1.95 -20.57 1.25
C LEU D 55 -1.09 -20.37 2.49
N PHE D 56 -1.37 -21.16 3.53
CA PHE D 56 -0.65 -21.03 4.79
C PHE D 56 0.83 -21.31 4.56
N ILE D 57 1.13 -22.35 3.77
CA ILE D 57 2.50 -22.75 3.48
C ILE D 57 3.21 -21.66 2.69
N ILE D 58 2.58 -21.20 1.60
CA ILE D 58 3.23 -20.25 0.72
C ILE D 58 3.50 -18.95 1.48
N THR D 59 2.52 -18.47 2.22
CA THR D 59 2.67 -17.22 2.94
C THR D 59 3.94 -17.26 3.81
N HIS D 60 4.09 -18.34 4.60
CA HIS D 60 5.25 -18.48 5.47
C HIS D 60 6.53 -18.59 4.67
N GLN D 61 6.50 -19.30 3.54
CA GLN D 61 7.71 -19.46 2.73
C GLN D 61 8.15 -18.11 2.19
N ALA D 62 7.18 -17.26 1.82
CA ALA D 62 7.50 -15.95 1.31
C ALA D 62 8.10 -15.08 2.44
N TYR D 63 7.50 -15.11 3.65
CA TYR D 63 8.09 -14.44 4.82
C TYR D 63 9.54 -14.88 5.01
N GLU D 64 9.81 -16.18 4.95
CA GLU D 64 11.16 -16.71 5.19
C GLU D 64 12.16 -16.30 4.12
N LEU D 65 11.75 -16.27 2.84
CA LEU D 65 12.61 -15.73 1.79
C LEU D 65 13.01 -14.30 2.15
N TRP D 66 12.03 -13.49 2.54
CA TRP D 66 12.33 -12.08 2.81
C TRP D 66 13.16 -11.90 4.08
N PHE D 67 12.96 -12.78 5.07
CA PHE D 67 13.78 -12.75 6.27
C PHE D 67 15.22 -13.05 5.87
N LYS D 68 15.42 -13.99 4.96
CA LYS D 68 16.76 -14.29 4.47
C LYS D 68 17.38 -13.06 3.83
N GLN D 69 16.59 -12.31 3.05
CA GLN D 69 17.10 -11.11 2.39
C GLN D 69 17.46 -10.05 3.44
N ILE D 70 16.61 -9.90 4.45
CA ILE D 70 16.88 -8.92 5.49
C ILE D 70 18.17 -9.28 6.23
N LEU D 71 18.35 -10.56 6.54
CA LEU D 71 19.57 -11.00 7.19
C LEU D 71 20.79 -10.70 6.33
N TRP D 72 20.64 -10.90 5.02
CA TRP D 72 21.74 -10.65 4.09
C TRP D 72 22.13 -9.18 4.09
N GLU D 73 21.14 -8.27 4.09
CA GLU D 73 21.44 -6.86 4.10
C GLU D 73 22.06 -6.45 5.43
N LEU D 74 21.43 -6.90 6.52
CA LEU D 74 21.83 -6.55 7.87
C LEU D 74 23.23 -7.05 8.20
N ASP D 75 23.53 -8.30 7.84
CA ASP D 75 24.89 -8.81 8.02
C ASP D 75 25.90 -7.97 7.22
N SER D 76 25.53 -7.54 5.99
CA SER D 76 26.51 -6.79 5.20
C SER D 76 26.82 -5.46 5.88
N VAL D 77 25.80 -4.87 6.53
CA VAL D 77 25.96 -3.59 7.20
C VAL D 77 26.74 -3.77 8.49
N ARG D 78 26.42 -4.81 9.28
CA ARG D 78 27.19 -5.12 10.47
C ARG D 78 28.69 -5.23 10.12
N GLU D 79 28.98 -5.93 9.01
CA GLU D 79 30.35 -6.14 8.59
C GLU D 79 31.05 -4.81 8.23
N ILE D 80 30.33 -3.90 7.58
CA ILE D 80 30.89 -2.61 7.20
C ILE D 80 31.29 -1.83 8.45
N PHE D 81 30.46 -1.90 9.50
CA PHE D 81 30.81 -1.28 10.77
C PHE D 81 31.97 -2.03 11.41
N GLN D 82 31.83 -3.35 11.51
CA GLN D 82 32.73 -4.14 12.34
C GLN D 82 34.15 -4.16 11.76
N ASN D 83 34.30 -4.02 10.44
CA ASN D 83 35.62 -4.12 9.82
C ASN D 83 36.25 -2.74 9.61
N GLY D 84 35.58 -1.68 10.06
CA GLY D 84 36.16 -0.35 9.99
C GLY D 84 35.84 0.39 8.68
N HIS D 85 35.18 -0.27 7.71
CA HIS D 85 34.88 0.40 6.44
C HIS D 85 34.02 1.65 6.63
N VAL D 86 33.14 1.64 7.63
CA VAL D 86 32.25 2.77 7.88
C VAL D 86 33.04 4.03 8.23
N ARG D 87 34.31 3.88 8.63
CA ARG D 87 35.11 5.05 9.00
C ARG D 87 35.32 5.94 7.77
N ASP D 88 35.36 5.33 6.59
CA ASP D 88 35.45 6.06 5.33
C ASP D 88 34.03 6.40 4.92
N GLU D 89 33.70 7.69 4.96
CA GLU D 89 32.32 8.19 4.89
C GLU D 89 31.76 8.01 3.48
N ARG D 90 32.63 7.63 2.54
CA ARG D 90 32.21 7.22 1.20
C ARG D 90 31.24 6.05 1.27
N ASN D 91 31.30 5.28 2.37
CA ASN D 91 30.48 4.07 2.46
C ASN D 91 29.08 4.34 3.05
N MET D 92 28.80 5.59 3.42
CA MET D 92 27.55 5.88 4.10
C MET D 92 26.33 5.72 3.19
N LEU D 93 26.46 6.01 1.88
CA LEU D 93 25.32 5.91 0.95
C LEU D 93 24.85 4.46 0.89
N LYS D 94 25.80 3.54 0.75
CA LYS D 94 25.50 2.12 0.70
C LYS D 94 24.87 1.67 2.01
N VAL D 95 25.39 2.14 3.14
CA VAL D 95 24.85 1.74 4.44
C VAL D 95 23.38 2.17 4.54
N VAL D 96 23.09 3.43 4.22
CA VAL D 96 21.74 3.94 4.34
C VAL D 96 20.84 3.30 3.29
N SER D 97 21.37 3.05 2.10
CA SER D 97 20.57 2.45 1.05
C SER D 97 20.17 1.03 1.45
N ARG D 98 21.06 0.28 2.11
CA ARG D 98 20.69 -1.08 2.53
C ARG D 98 19.73 -1.05 3.72
N MET D 99 19.89 -0.11 4.65
CA MET D 99 18.96 -0.03 5.77
C MET D 99 17.59 0.41 5.29
N HIS D 100 17.55 1.35 4.32
CA HIS D 100 16.30 1.76 3.72
C HIS D 100 15.62 0.58 3.01
N ARG D 101 16.43 -0.24 2.33
CA ARG D 101 15.93 -1.44 1.67
C ARG D 101 15.28 -2.38 2.70
N VAL D 102 15.90 -2.54 3.88
CA VAL D 102 15.30 -3.39 4.90
C VAL D 102 13.91 -2.87 5.29
N SER D 103 13.77 -1.56 5.41
CA SER D 103 12.49 -1.03 5.84
C SER D 103 11.46 -1.15 4.71
N VAL D 104 11.90 -1.09 3.43
CA VAL D 104 11.00 -1.30 2.31
C VAL D 104 10.49 -2.75 2.30
N ILE D 105 11.38 -3.72 2.56
CA ILE D 105 10.94 -5.11 2.65
C ILE D 105 9.96 -5.29 3.83
N LEU D 106 10.27 -4.70 4.98
CA LEU D 106 9.45 -4.87 6.17
C LEU D 106 8.05 -4.33 5.90
N LYS D 107 7.96 -3.22 5.17
CA LYS D 107 6.65 -2.69 4.83
C LYS D 107 5.85 -3.67 3.98
N LEU D 108 6.52 -4.30 3.01
CA LEU D 108 5.85 -5.33 2.24
C LEU D 108 5.39 -6.48 3.15
N LEU D 109 6.23 -6.89 4.11
CA LEU D 109 5.90 -7.99 5.01
C LEU D 109 4.68 -7.64 5.89
N VAL D 110 4.52 -6.38 6.28
CA VAL D 110 3.34 -5.93 7.00
C VAL D 110 2.11 -6.06 6.12
N GLN D 111 2.22 -5.65 4.85
CA GLN D 111 1.09 -5.67 3.95
C GLN D 111 0.72 -7.12 3.63
N GLN D 112 1.70 -8.00 3.64
CA GLN D 112 1.51 -9.39 3.30
C GLN D 112 0.49 -10.11 4.20
N PHE D 113 0.28 -9.62 5.42
CA PHE D 113 -0.74 -10.20 6.27
C PHE D 113 -2.12 -10.11 5.63
N SER D 114 -2.35 -9.12 4.77
CA SER D 114 -3.65 -8.97 4.11
C SER D 114 -3.98 -10.22 3.29
N ILE D 115 -2.97 -10.98 2.85
CA ILE D 115 -3.25 -12.19 2.09
C ILE D 115 -3.79 -13.28 2.99
N LEU D 116 -3.16 -13.45 4.14
CA LEU D 116 -3.56 -14.52 5.05
C LEU D 116 -4.90 -14.16 5.69
N GLU D 117 -5.24 -12.88 5.73
CA GLU D 117 -6.55 -12.48 6.20
C GLU D 117 -7.67 -12.92 5.27
N THR D 118 -7.38 -13.41 4.05
CA THR D 118 -8.44 -13.94 3.20
C THR D 118 -8.78 -15.39 3.59
N MET D 119 -8.04 -15.95 4.56
CA MET D 119 -8.37 -17.26 5.12
C MET D 119 -9.26 -17.07 6.35
N THR D 120 -10.45 -17.64 6.38
CA THR D 120 -11.31 -17.51 7.54
C THR D 120 -10.81 -18.42 8.66
N ALA D 121 -11.24 -18.11 9.89
CA ALA D 121 -10.93 -18.92 11.06
C ALA D 121 -11.54 -20.30 10.89
N LEU D 122 -12.75 -20.38 10.36
CA LEU D 122 -13.41 -21.66 10.11
C LEU D 122 -12.59 -22.55 9.17
N ASP D 123 -11.98 -21.97 8.12
CA ASP D 123 -11.19 -22.75 7.18
C ASP D 123 -9.84 -23.15 7.78
N PHE D 124 -9.23 -22.24 8.56
CA PHE D 124 -7.99 -22.54 9.27
C PHE D 124 -8.24 -23.74 10.19
N ASN D 125 -9.40 -23.74 10.86
CA ASN D 125 -9.75 -24.75 11.83
C ASN D 125 -9.86 -26.14 11.19
N ASP D 126 -9.99 -26.23 9.86
CA ASP D 126 -10.07 -27.55 9.23
C ASP D 126 -8.70 -28.20 9.08
N PHE D 127 -7.58 -27.47 9.19
CA PHE D 127 -6.29 -28.14 9.04
C PHE D 127 -5.36 -27.85 10.21
N ARG D 128 -5.79 -27.04 11.17
CA ARG D 128 -4.92 -26.60 12.25
C ARG D 128 -4.36 -27.80 13.02
N GLU D 129 -5.16 -28.86 13.20
CA GLU D 129 -4.76 -30.03 13.97
C GLU D 129 -3.54 -30.71 13.36
N TYR D 130 -3.39 -30.65 12.02
CA TYR D 130 -2.32 -31.37 11.35
C TYR D 130 -1.00 -30.64 11.48
N LEU D 131 -0.99 -29.45 12.09
CA LEU D 131 0.22 -28.65 12.20
C LEU D 131 0.96 -28.94 13.50
N SER D 132 0.20 -29.37 14.51
CA SER D 132 0.72 -29.53 15.85
C SER D 132 1.92 -30.48 15.84
N PRO D 133 3.02 -30.18 16.56
CA PRO D 133 3.12 -29.02 17.44
C PRO D 133 4.00 -27.90 16.91
N ALA D 134 4.02 -27.72 15.59
CA ALA D 134 4.87 -26.72 14.97
C ALA D 134 4.30 -25.33 15.22
N SER D 135 5.17 -24.31 15.16
CA SER D 135 4.72 -22.95 15.39
C SER D 135 5.71 -21.99 14.74
N GLY D 136 5.21 -20.80 14.41
CA GLY D 136 6.02 -19.69 13.94
C GLY D 136 7.12 -19.31 14.92
N PHE D 137 6.89 -19.64 16.22
CA PHE D 137 7.83 -19.42 17.30
C PHE D 137 9.17 -20.03 16.90
N GLN D 138 9.12 -21.10 16.10
CA GLN D 138 10.32 -21.83 15.76
C GLN D 138 11.00 -21.28 14.50
N SER D 139 10.61 -20.09 14.02
CA SER D 139 11.39 -19.45 12.95
C SER D 139 12.79 -19.07 13.42
N LEU D 140 13.79 -19.83 12.99
CA LEU D 140 15.18 -19.54 13.28
C LEU D 140 15.55 -18.14 12.78
N GLN D 141 15.14 -17.83 11.54
CA GLN D 141 15.54 -16.57 10.92
C GLN D 141 14.98 -15.36 11.66
N PHE D 142 13.73 -15.45 12.11
CA PHE D 142 13.12 -14.34 12.83
C PHE D 142 13.94 -14.07 14.11
N ARG D 143 14.36 -15.11 14.78
CA ARG D 143 15.15 -14.96 15.99
C ARG D 143 16.52 -14.36 15.66
N LEU D 144 17.13 -14.86 14.59
CA LEU D 144 18.43 -14.37 14.17
C LEU D 144 18.32 -12.88 13.91
N LEU D 145 17.23 -12.48 13.25
CA LEU D 145 17.01 -11.07 12.93
C LEU D 145 16.87 -10.24 14.20
N GLU D 146 16.06 -10.71 15.17
CA GLU D 146 15.90 -9.99 16.42
C GLU D 146 17.25 -9.83 17.11
N ASN D 147 18.04 -10.91 17.16
CA ASN D 147 19.31 -10.88 17.88
C ASN D 147 20.29 -9.96 17.17
N LYS D 148 20.38 -10.04 15.85
CA LYS D 148 21.37 -9.28 15.10
C LYS D 148 21.07 -7.78 15.15
N ILE D 149 19.78 -7.41 15.27
CA ILE D 149 19.45 -6.00 15.42
C ILE D 149 19.89 -5.56 16.81
N GLY D 150 19.58 -6.38 17.84
CA GLY D 150 20.09 -6.12 19.20
C GLY D 150 19.08 -6.35 20.32
N VAL D 151 18.10 -7.22 20.11
CA VAL D 151 17.21 -7.58 21.21
C VAL D 151 18.03 -8.34 22.25
N LEU D 152 18.01 -7.89 23.51
CA LEU D 152 18.79 -8.55 24.56
C LEU D 152 18.01 -9.73 25.13
N GLN D 153 18.70 -10.87 25.33
CA GLN D 153 18.02 -12.08 25.75
C GLN D 153 17.42 -11.90 27.14
N ASN D 154 18.14 -11.20 28.02
CA ASN D 154 17.69 -10.98 29.39
C ASN D 154 16.48 -10.04 29.43
N MET D 155 16.18 -9.32 28.35
CA MET D 155 15.06 -8.39 28.31
C MET D 155 13.83 -9.01 27.63
N ARG D 156 14.00 -10.16 26.98
CA ARG D 156 12.89 -10.84 26.36
C ARG D 156 11.86 -11.24 27.42
N VAL D 157 10.59 -11.20 27.00
CA VAL D 157 9.50 -11.76 27.78
C VAL D 157 9.55 -13.28 27.63
N PRO D 158 9.47 -14.03 28.76
CA PRO D 158 9.46 -15.49 28.75
C PRO D 158 8.21 -16.04 28.07
N TYR D 159 8.38 -17.14 27.31
CA TYR D 159 7.24 -17.88 26.80
C TYR D 159 7.11 -19.14 27.64
N ASN D 160 5.90 -19.35 28.19
CA ASN D 160 5.64 -20.47 29.06
C ASN D 160 6.72 -20.60 30.13
N ARG D 161 7.01 -19.44 30.76
CA ARG D 161 7.89 -19.34 31.91
C ARG D 161 9.32 -19.75 31.59
N ARG D 162 9.77 -19.68 30.33
CA ARG D 162 11.04 -20.23 29.92
C ARG D 162 11.64 -19.39 28.78
N HIS D 163 12.95 -19.57 28.60
CA HIS D 163 13.73 -18.78 27.66
C HIS D 163 13.40 -19.24 26.24
N TYR D 164 13.47 -18.30 25.29
CA TYR D 164 13.02 -18.55 23.93
C TYR D 164 13.89 -19.61 23.26
N ARG D 165 15.19 -19.65 23.60
CA ARG D 165 16.17 -20.49 22.91
C ARG D 165 16.02 -21.96 23.27
N ASP D 166 15.38 -22.25 24.42
CA ASP D 166 15.13 -23.61 24.88
C ASP D 166 14.35 -24.39 23.82
N ASN D 167 13.63 -23.67 22.95
CA ASN D 167 12.80 -24.24 21.91
C ASN D 167 13.64 -24.71 20.72
N PHE D 168 14.95 -24.40 20.67
CA PHE D 168 15.79 -24.75 19.54
C PHE D 168 16.85 -25.74 20.01
N LYS D 169 17.38 -26.55 19.08
CA LYS D 169 18.33 -27.61 19.39
C LYS D 169 19.43 -27.70 18.34
N GLY D 170 20.55 -28.34 18.68
CA GLY D 170 21.60 -28.67 17.72
C GLY D 170 22.30 -27.42 17.18
N GLU D 171 22.63 -27.46 15.87
CA GLU D 171 23.26 -26.35 15.16
C GLU D 171 22.44 -25.07 15.28
N GLU D 172 21.11 -25.20 15.29
CA GLU D 172 20.21 -24.05 15.33
C GLU D 172 20.42 -23.31 16.65
N ASN D 173 20.53 -24.05 17.76
CA ASN D 173 20.77 -23.44 19.06
C ASN D 173 22.12 -22.73 19.06
N GLU D 174 23.09 -23.37 18.37
CA GLU D 174 24.45 -22.85 18.26
C GLU D 174 24.43 -21.52 17.51
N LEU D 175 23.73 -21.51 16.37
CA LEU D 175 23.61 -20.32 15.54
C LEU D 175 23.00 -19.18 16.36
N LEU D 176 21.96 -19.49 17.15
CA LEU D 176 21.29 -18.47 17.94
C LEU D 176 22.23 -17.90 19.00
N LEU D 177 23.08 -18.74 19.57
CA LEU D 177 24.04 -18.29 20.55
C LEU D 177 25.04 -17.33 19.92
N LYS D 178 25.61 -17.72 18.76
CA LYS D 178 26.50 -16.84 18.01
C LYS D 178 25.80 -15.50 17.76
N SER D 179 24.53 -15.57 17.36
CA SER D 179 23.77 -14.37 17.04
C SER D 179 23.68 -13.46 18.27
N GLU D 180 23.66 -14.04 19.48
CA GLU D 180 23.60 -13.25 20.70
C GLU D 180 24.97 -12.73 21.10
N GLN D 181 26.03 -13.51 20.83
CA GLN D 181 27.37 -13.16 21.31
C GLN D 181 28.10 -12.22 20.36
N GLU D 182 27.88 -12.36 19.06
CA GLU D 182 28.50 -11.47 18.09
C GLU D 182 27.92 -10.06 18.22
N LYS D 183 28.68 -9.06 17.75
CA LYS D 183 28.30 -7.67 17.88
C LYS D 183 27.00 -7.40 17.13
N THR D 184 26.07 -6.73 17.80
CA THR D 184 24.75 -6.47 17.23
C THR D 184 24.84 -5.14 16.47
N LEU D 185 23.83 -4.85 15.65
CA LEU D 185 23.75 -3.58 14.95
C LEU D 185 23.78 -2.43 15.97
N LEU D 186 23.03 -2.58 17.07
CA LEU D 186 23.02 -1.60 18.14
C LEU D 186 24.43 -1.30 18.65
N GLU D 187 25.20 -2.34 18.98
CA GLU D 187 26.54 -2.15 19.52
C GLU D 187 27.44 -1.47 18.49
N LEU D 188 27.31 -1.85 17.23
CA LEU D 188 28.19 -1.31 16.19
C LEU D 188 27.85 0.15 15.90
N VAL D 189 26.56 0.49 15.88
CA VAL D 189 26.14 1.88 15.73
C VAL D 189 26.61 2.69 16.94
N GLU D 190 26.47 2.13 18.14
CA GLU D 190 26.90 2.78 19.36
C GLU D 190 28.36 3.22 19.25
N ALA D 191 29.26 2.28 18.92
CA ALA D 191 30.68 2.58 18.81
C ALA D 191 30.91 3.72 17.81
N TRP D 192 30.22 3.67 16.66
CA TRP D 192 30.36 4.70 15.64
C TRP D 192 29.86 6.05 16.16
N LEU D 193 28.73 6.04 16.89
CA LEU D 193 28.18 7.27 17.46
C LEU D 193 29.15 7.89 18.47
N GLU D 194 29.89 7.04 19.20
CA GLU D 194 30.85 7.50 20.20
C GLU D 194 31.96 8.31 19.55
N ARG D 195 32.27 8.04 18.27
CA ARG D 195 33.32 8.75 17.58
C ARG D 195 32.81 9.99 16.85
N THR D 196 31.55 10.37 17.04
CA THR D 196 30.97 11.45 16.26
C THR D 196 31.78 12.73 16.45
N PRO D 197 32.21 13.42 15.36
CA PRO D 197 32.95 14.68 15.50
C PRO D 197 32.14 15.77 16.19
N GLY D 198 32.80 16.58 17.03
CA GLY D 198 32.13 17.70 17.70
C GLY D 198 32.04 17.56 19.22
N LEU D 199 32.23 16.35 19.75
CA LEU D 199 32.06 16.10 21.18
C LEU D 199 33.32 16.47 21.96
N GLU D 200 34.44 16.69 21.28
CA GLU D 200 35.72 16.91 21.95
C GLU D 200 35.64 18.17 22.81
N PRO D 201 35.91 18.07 24.13
CA PRO D 201 35.96 19.26 25.00
C PRO D 201 36.98 20.32 24.56
N HIS D 202 38.07 19.84 23.97
CA HIS D 202 39.13 20.70 23.45
C HIS D 202 38.71 21.27 22.09
N GLY D 203 37.61 20.74 21.51
CA GLY D 203 37.18 21.09 20.17
C GLY D 203 35.92 21.96 20.19
N PHE D 204 34.84 21.51 19.51
CA PHE D 204 33.60 22.27 19.46
C PHE D 204 32.89 22.23 20.80
N ASN D 205 33.19 21.19 21.62
CA ASN D 205 32.70 21.10 22.99
C ASN D 205 31.18 21.19 23.02
N PHE D 206 30.52 20.30 22.27
CA PHE D 206 29.09 20.32 22.09
C PHE D 206 28.36 20.23 23.43
N TRP D 207 28.70 19.23 24.26
CA TRP D 207 27.95 18.96 25.48
C TRP D 207 28.04 20.14 26.44
N GLY D 208 29.26 20.69 26.62
CA GLY D 208 29.46 21.83 27.51
C GLY D 208 28.61 23.03 27.08
N LYS D 209 28.68 23.35 25.77
CA LYS D 209 27.97 24.49 25.23
C LYS D 209 26.47 24.28 25.36
N LEU D 210 26.03 23.02 25.16
CA LEU D 210 24.62 22.70 25.17
C LEU D 210 24.07 22.91 26.58
N GLU D 211 24.75 22.34 27.57
CA GLU D 211 24.34 22.52 28.96
C GLU D 211 24.22 24.01 29.30
N LYS D 212 25.25 24.77 28.93
CA LYS D 212 25.29 26.20 29.22
C LYS D 212 24.09 26.89 28.54
N ASN D 213 23.85 26.59 27.25
CA ASN D 213 22.79 27.27 26.53
C ASN D 213 21.43 26.89 27.08
N ILE D 214 21.24 25.63 27.48
CA ILE D 214 19.97 25.19 28.05
C ILE D 214 19.75 25.86 29.40
N THR D 215 20.79 25.95 30.23
CA THR D 215 20.67 26.63 31.51
C THR D 215 20.19 28.06 31.29
N ARG D 216 20.88 28.78 30.38
CA ARG D 216 20.56 30.16 30.09
C ARG D 216 19.13 30.27 29.54
N GLY D 217 18.78 29.39 28.58
CA GLY D 217 17.47 29.42 27.96
C GLY D 217 16.35 29.27 28.98
N LEU D 218 16.52 28.33 29.91
CA LEU D 218 15.54 28.13 30.96
C LEU D 218 15.47 29.39 31.83
N GLU D 219 16.62 29.94 32.19
CA GLU D 219 16.67 31.15 33.01
C GLU D 219 15.85 32.25 32.36
N GLU D 220 16.10 32.49 31.07
CA GLU D 220 15.43 33.53 30.31
C GLU D 220 13.93 33.31 30.32
N GLU D 221 13.50 32.06 30.12
CA GLU D 221 12.09 31.73 30.05
C GLU D 221 11.44 32.00 31.40
N PHE D 222 12.11 31.59 32.49
CA PHE D 222 11.58 31.78 33.83
C PHE D 222 11.27 33.26 34.04
N ILE D 223 12.22 34.13 33.67
CA ILE D 223 12.09 35.56 33.89
C ILE D 223 10.87 36.09 33.13
N ARG D 224 10.74 35.69 31.87
CA ARG D 224 9.57 36.03 31.06
C ARG D 224 8.29 35.57 31.76
N ILE D 225 8.30 34.33 32.28
CA ILE D 225 7.13 33.76 32.94
C ILE D 225 6.74 34.61 34.15
N GLN D 226 7.73 34.95 34.99
CA GLN D 226 7.47 35.72 36.20
C GLN D 226 6.70 37.01 35.87
N ALA D 227 6.96 37.60 34.69
CA ALA D 227 6.16 38.71 34.21
C ALA D 227 4.81 38.19 33.72
N SER D 231 -2.47 34.87 36.95
CA SER D 231 -3.26 34.46 35.76
C SER D 231 -3.29 32.94 35.64
N GLU D 232 -4.41 32.38 35.16
CA GLU D 232 -4.53 30.95 34.98
C GLU D 232 -3.46 30.46 34.00
N GLU D 233 -3.30 31.22 32.91
CA GLU D 233 -2.33 30.91 31.87
C GLU D 233 -0.94 30.80 32.50
N LYS D 234 -0.58 31.80 33.34
CA LYS D 234 0.72 31.84 33.97
C LYS D 234 0.95 30.54 34.77
N GLU D 235 -0.06 30.12 35.54
CA GLU D 235 0.03 28.93 36.35
C GLU D 235 0.40 27.72 35.48
N GLU D 236 -0.28 27.61 34.33
CA GLU D 236 -0.05 26.53 33.38
C GLU D 236 1.39 26.60 32.87
N GLN D 237 1.80 27.79 32.44
CA GLN D 237 3.14 27.99 31.90
C GLN D 237 4.19 27.66 32.96
N VAL D 238 3.91 28.01 34.22
CA VAL D 238 4.80 27.66 35.32
C VAL D 238 4.94 26.14 35.40
N ALA D 239 3.81 25.43 35.38
CA ALA D 239 3.81 23.97 35.42
C ALA D 239 4.62 23.39 34.27
N GLU D 240 4.35 23.87 33.04
CA GLU D 240 5.06 23.41 31.86
C GLU D 240 6.57 23.61 32.07
N PHE D 241 6.95 24.83 32.47
CA PHE D 241 8.35 25.19 32.63
C PHE D 241 9.01 24.18 33.56
N GLN D 242 8.30 23.84 34.66
CA GLN D 242 8.87 22.97 35.67
C GLN D 242 9.17 21.60 35.05
N LYS D 243 8.21 21.09 34.27
CA LYS D 243 8.40 19.78 33.66
C LYS D 243 9.53 19.82 32.65
N GLN D 244 9.49 20.82 31.76
CA GLN D 244 10.51 20.97 30.74
C GLN D 244 11.88 21.08 31.42
N LYS D 245 11.97 21.91 32.47
CA LYS D 245 13.23 22.13 33.16
C LYS D 245 13.80 20.80 33.67
N GLU D 246 12.95 20.04 34.38
CA GLU D 246 13.39 18.77 34.94
C GLU D 246 13.89 17.86 33.83
N VAL D 247 13.10 17.78 32.75
CA VAL D 247 13.43 16.89 31.67
C VAL D 247 14.77 17.29 31.06
N LEU D 248 14.91 18.56 30.69
CA LEU D 248 16.11 19.01 29.97
C LEU D 248 17.34 18.88 30.86
N LEU D 249 17.23 19.20 32.15
CA LEU D 249 18.40 19.14 33.00
C LEU D 249 18.80 17.67 33.25
N SER D 250 17.79 16.79 33.31
CA SER D 250 18.04 15.36 33.48
C SER D 250 18.99 14.81 32.41
N LEU D 251 19.02 15.44 31.23
CA LEU D 251 19.87 14.99 30.14
C LEU D 251 21.34 15.00 30.55
N PHE D 252 21.72 15.92 31.44
CA PHE D 252 23.12 16.10 31.83
C PHE D 252 23.50 15.25 33.04
N ASP D 253 22.59 14.39 33.51
CA ASP D 253 22.83 13.52 34.64
C ASP D 253 23.33 12.15 34.17
N GLU D 254 24.66 12.00 34.07
CA GLU D 254 25.27 10.80 33.54
C GLU D 254 24.97 9.60 34.44
N LYS D 255 24.81 9.84 35.74
CA LYS D 255 24.57 8.77 36.70
C LYS D 255 23.17 8.19 36.51
N ARG D 256 22.17 9.06 36.32
CA ARG D 256 20.84 8.57 36.04
C ARG D 256 20.85 7.71 34.77
N HIS D 257 21.61 8.13 33.75
CA HIS D 257 21.69 7.37 32.53
C HIS D 257 22.22 5.96 32.79
N GLU D 258 23.33 5.87 33.54
CA GLU D 258 23.96 4.59 33.83
C GLU D 258 22.98 3.66 34.54
N HIS D 259 22.20 4.23 35.48
CA HIS D 259 21.18 3.49 36.20
C HIS D 259 20.14 2.94 35.23
N LEU D 260 19.64 3.79 34.33
CA LEU D 260 18.61 3.39 33.40
C LEU D 260 19.15 2.35 32.42
N LEU D 261 20.43 2.47 32.05
CA LEU D 261 21.10 1.46 31.24
C LEU D 261 21.06 0.12 31.97
N SER D 262 21.34 0.14 33.28
CA SER D 262 21.32 -1.06 34.10
C SER D 262 19.95 -1.71 34.10
N LYS D 263 18.89 -0.89 34.12
CA LYS D 263 17.53 -1.38 34.19
C LYS D 263 17.08 -1.83 32.81
N GLY D 264 17.85 -1.46 31.78
CA GLY D 264 17.54 -1.79 30.40
C GLY D 264 16.52 -0.83 29.78
N GLU D 265 16.20 0.26 30.47
CA GLU D 265 15.27 1.25 29.95
C GLU D 265 15.96 2.11 28.89
N ARG D 266 17.30 2.13 28.88
CA ARG D 266 18.06 2.73 27.81
C ARG D 266 19.06 1.69 27.30
N ARG D 267 19.62 1.93 26.11
CA ARG D 267 20.49 0.95 25.47
C ARG D 267 21.83 1.54 25.05
N LEU D 268 21.85 2.80 24.61
CA LEU D 268 23.08 3.42 24.14
C LEU D 268 23.86 3.99 25.32
N SER D 269 25.20 3.94 25.21
CA SER D 269 26.08 4.63 26.13
C SER D 269 25.79 6.13 26.12
N TYR D 270 26.16 6.80 27.21
CA TYR D 270 25.95 8.22 27.36
C TYR D 270 26.66 8.96 26.22
N ARG D 271 27.85 8.51 25.88
CA ARG D 271 28.63 9.18 24.85
C ARG D 271 27.95 9.01 23.49
N ALA D 272 27.43 7.81 23.20
CA ALA D 272 26.72 7.57 21.96
C ALA D 272 25.47 8.45 21.86
N LEU D 273 24.80 8.63 22.99
CA LEU D 273 23.63 9.50 23.03
C LEU D 273 24.01 10.92 22.64
N GLN D 274 25.17 11.37 23.12
CA GLN D 274 25.69 12.68 22.77
C GLN D 274 25.94 12.79 21.27
N GLY D 275 26.55 11.75 20.69
CA GLY D 275 26.80 11.69 19.26
C GLY D 275 25.50 11.79 18.46
N ALA D 276 24.48 11.02 18.88
CA ALA D 276 23.20 11.02 18.19
C ALA D 276 22.56 12.41 18.22
N LEU D 277 22.64 13.10 19.36
CA LEU D 277 22.04 14.42 19.48
C LEU D 277 22.80 15.43 18.64
N MET D 278 24.12 15.27 18.54
CA MET D 278 24.95 16.13 17.69
C MET D 278 24.45 16.00 16.24
N ILE D 279 24.29 14.76 15.76
CA ILE D 279 23.79 14.50 14.43
C ILE D 279 22.40 15.10 14.25
N TYR D 280 21.52 14.95 15.26
CA TYR D 280 20.15 15.47 15.18
C TYR D 280 20.17 16.98 14.99
N PHE D 281 20.96 17.67 15.82
CA PHE D 281 20.90 19.11 15.85
C PHE D 281 21.62 19.69 14.64
N TYR D 282 22.67 19.03 14.14
CA TYR D 282 23.45 19.60 13.05
C TYR D 282 23.27 18.79 11.76
N ARG D 283 22.09 18.19 11.58
CA ARG D 283 21.78 17.28 10.50
C ARG D 283 22.02 17.91 9.12
N GLU D 284 21.81 19.21 8.99
CA GLU D 284 21.96 19.91 7.71
C GLU D 284 23.45 20.03 7.32
N GLU D 285 24.35 19.98 8.30
CA GLU D 285 25.78 20.08 8.01
C GLU D 285 26.16 18.91 7.13
N PRO D 286 26.91 19.13 6.04
CA PRO D 286 27.13 18.10 5.01
C PRO D 286 27.54 16.72 5.51
N ARG D 287 28.46 16.68 6.46
CA ARG D 287 28.94 15.39 6.97
C ARG D 287 27.88 14.67 7.80
N PHE D 288 26.83 15.37 8.25
CA PHE D 288 25.81 14.76 9.10
C PHE D 288 24.53 14.41 8.33
N GLN D 289 24.43 14.80 7.06
CA GLN D 289 23.19 14.63 6.31
C GLN D 289 22.86 13.15 6.15
N VAL D 290 23.83 12.36 5.68
CA VAL D 290 23.55 10.95 5.46
C VAL D 290 23.50 10.20 6.81
N PRO D 291 24.39 10.47 7.77
CA PRO D 291 24.23 9.96 9.15
C PRO D 291 22.85 10.19 9.76
N PHE D 292 22.28 11.39 9.55
CA PHE D 292 20.93 11.64 10.03
C PHE D 292 19.93 10.70 9.35
N GLN D 293 20.08 10.47 8.03
CA GLN D 293 19.21 9.54 7.32
C GLN D 293 19.36 8.14 7.93
N LEU D 294 20.60 7.75 8.29
CA LEU D 294 20.78 6.44 8.90
C LEU D 294 20.00 6.33 10.21
N LEU D 295 20.06 7.35 11.06
CA LEU D 295 19.39 7.30 12.36
C LEU D 295 17.89 7.18 12.13
N THR D 296 17.37 7.97 11.18
CA THR D 296 15.97 7.94 10.79
C THR D 296 15.58 6.53 10.37
N SER D 297 16.46 5.89 9.60
CA SER D 297 16.19 4.57 9.07
C SER D 297 16.19 3.50 10.17
N LEU D 298 17.07 3.65 11.16
CA LEU D 298 17.10 2.70 12.29
C LEU D 298 15.80 2.78 13.08
N MET D 299 15.28 3.99 13.28
CA MET D 299 13.99 4.13 13.93
C MET D 299 12.91 3.49 13.08
N ASP D 300 12.97 3.69 11.75
CA ASP D 300 11.99 3.11 10.85
C ASP D 300 11.91 1.59 11.00
N ILE D 301 13.06 0.93 11.06
CA ILE D 301 13.11 -0.51 11.18
C ILE D 301 12.48 -0.96 12.50
N ASP D 302 12.79 -0.27 13.61
CA ASP D 302 12.17 -0.57 14.89
C ASP D 302 10.66 -0.43 14.81
N SER D 303 10.17 0.63 14.16
CA SER D 303 8.75 0.90 14.05
C SER D 303 8.07 -0.17 13.22
N LEU D 304 8.71 -0.60 12.14
CA LEU D 304 8.12 -1.57 11.23
C LEU D 304 8.17 -2.97 11.83
N MET D 305 9.21 -3.30 12.58
CA MET D 305 9.26 -4.56 13.32
C MET D 305 8.10 -4.61 14.31
N THR D 306 7.86 -3.50 15.03
CA THR D 306 6.75 -3.44 15.97
C THR D 306 5.42 -3.60 15.23
N LYS D 307 5.31 -2.97 14.06
CA LYS D 307 4.08 -3.05 13.29
C LYS D 307 3.86 -4.48 12.80
N TRP D 308 4.92 -5.16 12.39
CA TRP D 308 4.83 -6.56 12.06
C TRP D 308 4.27 -7.33 13.26
N ARG D 309 4.77 -7.08 14.46
CA ARG D 309 4.37 -7.85 15.64
C ARG D 309 2.91 -7.58 15.97
N TYR D 310 2.51 -6.30 15.80
CA TYR D 310 1.14 -5.90 16.07
C TYR D 310 0.20 -6.59 15.08
N ASN D 311 0.50 -6.53 13.77
CA ASN D 311 -0.37 -7.14 12.78
C ASN D 311 -0.43 -8.63 12.99
N HIS D 312 0.68 -9.25 13.41
CA HIS D 312 0.71 -10.68 13.71
C HIS D 312 -0.25 -10.99 14.85
N VAL D 313 -0.20 -10.20 15.94
CA VAL D 313 -1.10 -10.37 17.06
C VAL D 313 -2.55 -10.32 16.59
N CYS D 314 -2.93 -9.28 15.85
CA CYS D 314 -4.33 -9.12 15.45
C CYS D 314 -4.78 -10.33 14.66
N MET D 315 -3.89 -10.92 13.86
CA MET D 315 -4.27 -12.07 13.05
C MET D 315 -4.43 -13.32 13.92
N VAL D 316 -3.48 -13.57 14.81
CA VAL D 316 -3.60 -14.70 15.72
C VAL D 316 -4.93 -14.63 16.46
N HIS D 317 -5.35 -13.43 16.87
CA HIS D 317 -6.59 -13.24 17.58
C HIS D 317 -7.79 -13.63 16.72
N ARG D 318 -7.76 -13.24 15.46
CA ARG D 318 -8.86 -13.46 14.53
C ARG D 318 -8.99 -14.94 14.23
N MET D 319 -7.87 -15.67 14.28
CA MET D 319 -7.82 -17.07 13.92
C MET D 319 -8.12 -17.97 15.10
N LEU D 320 -7.64 -17.64 16.31
CA LEU D 320 -7.72 -18.55 17.44
C LEU D 320 -8.69 -18.06 18.51
N GLY D 321 -9.00 -16.76 18.52
CA GLY D 321 -9.99 -16.21 19.44
C GLY D 321 -9.34 -15.81 20.77
N SER D 322 -10.16 -15.38 21.73
CA SER D 322 -9.73 -15.34 23.12
C SER D 322 -9.87 -16.75 23.70
N SER D 330 -2.69 -18.22 26.73
CA SER D 330 -2.95 -17.72 25.35
C SER D 330 -1.66 -17.16 24.77
N GLY D 331 -1.19 -17.77 23.67
CA GLY D 331 -0.18 -17.18 22.80
C GLY D 331 -0.48 -15.71 22.53
N TYR D 332 -1.76 -15.39 22.30
CA TYR D 332 -2.24 -14.02 22.14
C TYR D 332 -1.65 -13.08 23.20
N HIS D 333 -1.74 -13.41 24.50
CA HIS D 333 -1.26 -12.52 25.54
C HIS D 333 0.28 -12.44 25.59
N TYR D 334 0.98 -13.54 25.31
CA TYR D 334 2.44 -13.49 25.22
C TYR D 334 2.85 -12.54 24.07
N LEU D 335 2.17 -12.68 22.92
CA LEU D 335 2.50 -11.90 21.74
C LEU D 335 2.23 -10.41 22.01
N ARG D 336 1.11 -10.11 22.70
CA ARG D 336 0.75 -8.75 23.04
C ARG D 336 1.88 -8.12 23.84
N SER D 337 2.52 -8.93 24.70
CA SER D 337 3.63 -8.49 25.53
C SER D 337 4.86 -8.11 24.70
N THR D 338 4.99 -8.64 23.47
CA THR D 338 6.15 -8.34 22.64
C THR D 338 5.99 -6.97 21.99
N VAL D 339 4.76 -6.44 21.97
CA VAL D 339 4.51 -5.12 21.38
C VAL D 339 4.80 -4.07 22.46
N SER D 340 6.08 -3.84 22.75
CA SER D 340 6.49 -3.05 23.90
C SER D 340 7.88 -2.48 23.64
N ASP D 341 8.21 -1.41 24.37
CA ASP D 341 9.51 -0.76 24.25
C ASP D 341 10.64 -1.75 24.58
N ARG D 342 10.28 -2.81 25.27
CA ARG D 342 11.21 -3.89 25.58
C ARG D 342 11.88 -4.44 24.32
N TYR D 343 11.15 -4.46 23.20
CA TYR D 343 11.66 -5.01 21.97
C TYR D 343 12.06 -3.91 20.99
N LYS D 344 12.04 -2.63 21.43
CA LYS D 344 12.54 -1.52 20.61
C LYS D 344 14.02 -1.27 20.90
N VAL D 345 14.89 -1.71 20.00
CA VAL D 345 16.33 -1.66 20.21
C VAL D 345 16.84 -0.21 20.18
N PHE D 346 16.27 0.63 19.29
CA PHE D 346 16.76 2.00 19.13
C PHE D 346 15.82 2.99 19.80
N VAL D 347 15.27 2.58 20.96
CA VAL D 347 14.35 3.38 21.72
C VAL D 347 15.01 4.72 22.10
N ASP D 348 16.33 4.74 22.29
CA ASP D 348 16.99 5.98 22.64
C ASP D 348 16.88 7.03 21.52
N LEU D 349 16.87 6.56 20.26
CA LEU D 349 16.78 7.47 19.12
C LEU D 349 15.41 8.12 19.10
N PHE D 350 14.37 7.36 19.44
CA PHE D 350 13.02 7.90 19.52
C PHE D 350 12.94 8.94 20.61
N ASN D 351 13.59 8.65 21.75
CA ASN D 351 13.35 9.44 22.95
C ASN D 351 14.11 10.76 22.90
N LEU D 352 15.00 10.93 21.92
CA LEU D 352 15.64 12.23 21.75
C LEU D 352 14.63 13.35 21.45
N SER D 353 13.45 13.04 20.90
CA SER D 353 12.36 14.01 20.76
C SER D 353 12.01 14.71 22.08
N THR D 354 12.06 13.97 23.20
CA THR D 354 11.82 14.56 24.51
C THR D 354 12.76 15.74 24.80
N TYR D 355 13.97 15.76 24.24
CA TYR D 355 14.98 16.75 24.60
C TYR D 355 15.18 17.81 23.51
N LEU D 356 14.16 18.02 22.66
CA LEU D 356 14.21 19.11 21.69
C LEU D 356 14.11 20.46 22.39
N ILE D 357 14.90 21.41 21.88
CA ILE D 357 14.93 22.76 22.40
C ILE D 357 14.62 23.74 21.27
N PRO D 358 14.30 25.01 21.56
CA PRO D 358 14.19 26.00 20.50
C PRO D 358 15.52 26.06 19.73
N ARG D 359 15.41 26.27 18.41
CA ARG D 359 16.55 26.27 17.50
C ARG D 359 17.61 27.26 17.96
N HIS D 360 17.17 28.43 18.47
CA HIS D 360 18.08 29.49 18.84
C HIS D 360 18.92 29.13 20.07
N TRP D 361 18.53 28.07 20.81
CA TRP D 361 19.35 27.62 21.93
C TRP D 361 20.48 26.72 21.45
N ILE D 362 20.42 26.24 20.20
CA ILE D 362 21.41 25.28 19.75
C ILE D 362 22.76 25.99 19.58
N PRO D 363 23.86 25.47 20.17
CA PRO D 363 25.17 26.07 20.01
C PRO D 363 25.46 26.34 18.54
N LYS D 364 25.90 27.57 18.25
CA LYS D 364 26.09 28.03 16.88
C LYS D 364 27.30 27.35 16.26
N MET D 365 27.23 27.06 14.96
CA MET D 365 28.37 26.51 14.23
C MET D 365 28.62 27.37 13.00
N ASN D 366 29.70 28.19 13.00
CA ASN D 366 30.02 29.08 11.90
C ASN D 366 31.37 28.70 11.29
N PRO D 367 31.71 29.22 10.08
CA PRO D 367 32.97 28.94 9.40
C PRO D 367 34.16 28.81 10.33
N THR D 368 34.18 29.64 11.38
CA THR D 368 35.21 29.55 12.43
C THR D 368 35.50 28.08 12.74
N ILE D 369 34.44 27.27 12.88
CA ILE D 369 34.58 25.85 13.14
C ILE D 369 33.82 25.03 12.10
N HIS D 370 32.88 25.66 11.36
CA HIS D 370 31.98 24.97 10.46
C HIS D 370 32.68 23.92 9.58
N LYS D 371 33.90 24.27 9.14
CA LYS D 371 34.65 23.49 8.17
C LYS D 371 34.83 22.05 8.66
N PHE D 372 34.76 21.80 9.99
CA PHE D 372 35.05 20.46 10.50
C PHE D 372 33.99 19.45 10.01
N LEU D 373 32.77 19.94 9.70
CA LEU D 373 31.69 19.11 9.21
C LEU D 373 31.41 19.41 7.71
#